data_8AQ8
#
_entry.id   8AQ8
#
_cell.length_a   52.932
_cell.length_b   160.535
_cell.length_c   95.563
_cell.angle_alpha   90.000
_cell.angle_beta   95.914
_cell.angle_gamma   90.000
#
_symmetry.space_group_name_H-M   'P 1 21 1'
#
loop_
_entity.id
_entity.type
_entity.pdbx_description
1 polymer Monooxygenase
2 non-polymer 'FLAVIN-ADENINE DINUCLEOTIDE'
3 non-polymer 1,2-ETHANEDIOL
4 non-polymer 'SULFATE ION'
5 non-polymer 'NITRATE ION'
6 non-polymer DI(HYDROXYETHYL)ETHER
7 non-polymer 'CHLORIDE ION'
8 water water
#
_entity_poly.entity_id   1
_entity_poly.type   'polypeptide(L)'
_entity_poly.pdbx_seq_one_letter_code
;GHMQHPPRIAVIGAGPAGLTAALILHRGGHRVSVYEGEASGQQRTQGGTLDLHDDSGQVALQRAGLLEAFRAVARHEGQE
ARMGDPWSGEITTGGFGPEGSKDKPEIDRGDLRQLLLDALPADTVQWGHSLTALVSAQANGHGLRFANGVQREADIVIGA
DGAWSKVRAALSTCQPLPTGITFFEGWIAQPAADIAAMVGQGSLFCFGGEEALFVQRNSRDRLCVYAALKRSSEWLDAQI
AQHGIRTLVTGCYTGWATNLRRLLEACTDFVRRPIYSLPADFCWTPRDGVTLIGDAAHLMPPVGVGVNLAMLDASDVAMA
LCARPDAISAMRDAEVLVRERARALMPDAIEGFQRWFITGGDAPRG
;
_entity_poly.pdbx_strand_id   AAA,BBB,CCC,DDD
#
# COMPACT_ATOMS: atom_id res chain seq x y z
N HIS A 5 11.74 -4.38 24.08
CA HIS A 5 13.10 -3.87 24.44
C HIS A 5 13.43 -2.65 23.57
N PRO A 6 14.06 -1.57 24.10
CA PRO A 6 14.48 -0.44 23.27
C PRO A 6 15.47 -0.90 22.20
N PRO A 7 15.28 -0.50 20.91
CA PRO A 7 16.00 -1.13 19.80
C PRO A 7 17.51 -0.86 19.80
N ARG A 8 18.29 -1.88 19.44
CA ARG A 8 19.74 -1.78 19.08
C ARG A 8 19.84 -1.12 17.68
N ILE A 9 20.27 0.14 17.61
CA ILE A 9 20.38 0.91 16.34
C ILE A 9 21.84 0.98 15.93
N ALA A 10 22.15 0.44 14.76
CA ALA A 10 23.47 0.54 14.09
C ALA A 10 23.38 1.59 12.97
N VAL A 11 24.20 2.62 13.03
CA VAL A 11 24.47 3.52 11.88
C VAL A 11 25.79 3.08 11.21
N ILE A 12 25.76 2.85 9.91
CA ILE A 12 27.00 2.53 9.12
C ILE A 12 27.42 3.84 8.45
N GLY A 13 28.55 4.40 8.90
CA GLY A 13 29.17 5.60 8.33
C GLY A 13 29.07 6.78 9.26
N ALA A 14 30.20 7.44 9.48
CA ALA A 14 30.32 8.65 10.33
C ALA A 14 30.58 9.86 9.44
N GLY A 15 29.84 9.96 8.32
CA GLY A 15 29.72 11.20 7.55
C GLY A 15 28.69 12.13 8.15
N PRO A 16 28.35 13.23 7.45
CA PRO A 16 27.28 14.11 7.89
C PRO A 16 25.95 13.39 8.13
N ALA A 17 25.53 12.46 7.27
CA ALA A 17 24.27 11.73 7.45
C ALA A 17 24.34 10.90 8.73
N GLY A 18 25.35 10.03 8.87
CA GLY A 18 25.41 9.09 10.00
C GLY A 18 25.55 9.81 11.34
N LEU A 19 26.38 10.85 11.41
CA LEU A 19 26.61 11.58 12.68
C LEU A 19 25.34 12.34 13.03
N THR A 20 24.67 12.94 12.04
CA THR A 20 23.43 13.70 12.28
C THR A 20 22.36 12.76 12.85
N ALA A 21 22.21 11.58 12.26
CA ALA A 21 21.25 10.56 12.72
C ALA A 21 21.63 10.15 14.16
N ALA A 22 22.89 9.80 14.41
CA ALA A 22 23.37 9.33 15.74
C ALA A 22 23.08 10.39 16.81
N LEU A 23 23.28 11.67 16.51
CA LEU A 23 23.10 12.76 17.50
C LEU A 23 21.60 12.93 17.82
N ILE A 24 20.73 12.89 16.82
CA ILE A 24 19.26 13.05 17.08
C ILE A 24 18.77 11.83 17.89
N LEU A 25 19.22 10.62 17.55
CA LEU A 25 18.83 9.38 18.23
C LEU A 25 19.34 9.45 19.69
N HIS A 26 20.61 9.77 19.89
CA HIS A 26 21.23 9.91 21.24
C HIS A 26 20.41 10.89 22.09
N ARG A 27 20.08 12.05 21.56
CA ARG A 27 19.35 13.11 22.29
C ARG A 27 17.91 12.65 22.59
N GLY A 28 17.38 11.69 21.83
CA GLY A 28 16.05 11.11 22.07
C GLY A 28 16.10 9.91 23.00
N GLY A 29 17.26 9.57 23.53
CA GLY A 29 17.44 8.51 24.54
C GLY A 29 17.59 7.13 23.92
N HIS A 30 17.85 7.05 22.62
CA HIS A 30 18.07 5.76 21.91
C HIS A 30 19.50 5.28 22.17
N ARG A 31 19.70 3.97 22.12
CA ARG A 31 21.01 3.28 22.11
C ARG A 31 21.46 3.26 20.64
N VAL A 32 22.54 3.96 20.33
CA VAL A 32 23.04 4.07 18.93
C VAL A 32 24.55 3.88 18.93
N SER A 33 25.04 3.04 18.02
CA SER A 33 26.45 2.95 17.61
C SER A 33 26.57 3.36 16.15
N VAL A 34 27.65 4.06 15.84
CA VAL A 34 28.08 4.36 14.45
C VAL A 34 29.32 3.53 14.15
N TYR A 35 29.30 2.75 13.09
CA TYR A 35 30.45 1.96 12.60
C TYR A 35 31.08 2.71 11.43
N GLU A 36 32.31 3.19 11.61
CA GLU A 36 33.07 3.96 10.59
C GLU A 36 34.30 3.15 10.16
N GLY A 37 34.42 2.88 8.85
CA GLY A 37 35.57 2.17 8.26
C GLY A 37 36.90 2.83 8.60
N GLU A 38 36.98 4.16 8.54
CA GLU A 38 38.25 4.89 8.74
C GLU A 38 38.64 4.80 10.21
N ALA A 39 39.95 4.87 10.48
CA ALA A 39 40.55 5.09 11.81
C ALA A 39 40.31 6.53 12.23
N SER A 40 40.22 6.81 13.54
CA SER A 40 39.95 8.15 14.12
C SER A 40 40.75 9.27 13.44
N GLY A 41 42.04 9.07 13.16
CA GLY A 41 42.91 10.09 12.55
C GLY A 41 42.61 10.25 11.06
N GLN A 42 41.47 10.87 10.70
CA GLN A 42 40.98 10.96 9.29
C GLN A 42 40.27 12.28 9.03
N GLN A 43 39.38 12.71 9.95
CA GLN A 43 38.89 14.11 10.02
C GLN A 43 40.11 15.03 10.12
N ARG A 44 39.96 16.31 9.75
CA ARG A 44 41.03 17.34 9.86
C ARG A 44 41.94 17.30 8.62
N THR A 45 41.74 16.30 7.76
CA THR A 45 42.36 16.22 6.40
C THR A 45 41.36 16.80 5.40
N GLN A 46 40.05 16.73 5.69
CA GLN A 46 38.98 17.23 4.80
C GLN A 46 38.66 18.68 5.17
N GLY A 47 38.86 19.61 4.23
CA GLY A 47 38.63 21.05 4.47
C GLY A 47 38.04 21.76 3.26
N GLY A 48 37.34 21.07 2.34
CA GLY A 48 36.52 21.75 1.32
C GLY A 48 35.39 22.50 2.02
N THR A 49 34.86 23.58 1.44
CA THR A 49 33.84 24.45 2.08
C THR A 49 32.43 24.11 1.53
N LEU A 50 31.39 24.29 2.35
CA LEU A 50 29.98 24.11 1.93
C LEU A 50 29.07 25.03 2.74
N ASP A 51 27.89 25.32 2.23
CA ASP A 51 26.92 26.15 2.99
C ASP A 51 25.69 25.31 3.30
N LEU A 52 25.18 25.44 4.52
CA LEU A 52 24.00 24.70 5.02
C LEU A 52 22.77 25.54 4.67
N HIS A 53 21.83 24.95 3.95
CA HIS A 53 20.63 25.63 3.42
C HIS A 53 19.58 25.69 4.52
N ASP A 54 18.73 26.74 4.51
CA ASP A 54 17.78 27.02 5.63
C ASP A 54 16.66 25.97 5.65
N ASP A 55 16.47 25.21 4.58
CA ASP A 55 15.35 24.24 4.48
C ASP A 55 15.85 22.79 4.52
N SER A 56 17.15 22.54 4.73
CA SER A 56 17.71 21.17 4.75
C SER A 56 18.78 21.05 5.82
N GLY A 57 20.04 21.37 5.54
CA GLY A 57 21.14 21.24 6.49
C GLY A 57 20.85 21.96 7.80
N GLN A 58 20.35 23.19 7.74
CA GLN A 58 20.05 23.97 8.96
C GLN A 58 18.86 23.38 9.73
N VAL A 59 17.88 22.82 9.02
CA VAL A 59 16.73 22.11 9.65
C VAL A 59 17.29 20.94 10.44
N ALA A 60 18.19 20.18 9.82
CA ALA A 60 18.79 18.98 10.47
C ALA A 60 19.54 19.42 11.73
N LEU A 61 20.31 20.49 11.67
CA LEU A 61 21.09 20.95 12.87
C LEU A 61 20.12 21.40 13.97
N GLN A 62 19.06 22.11 13.62
CA GLN A 62 18.01 22.54 14.59
C GLN A 62 17.44 21.29 15.25
N ARG A 63 17.07 20.26 14.47
CA ARG A 63 16.50 19.01 15.01
C ARG A 63 17.50 18.34 15.94
N ALA A 64 18.80 18.49 15.72
CA ALA A 64 19.88 17.90 16.54
C ALA A 64 20.34 18.84 17.67
N GLY A 65 19.78 20.03 17.80
CA GLY A 65 20.11 21.00 18.86
C GLY A 65 21.41 21.73 18.61
N LEU A 66 21.86 21.86 17.36
CA LEU A 66 23.21 22.38 17.03
C LEU A 66 23.13 23.61 16.12
N LEU A 67 21.96 24.15 15.85
CA LEU A 67 21.86 25.31 14.93
C LEU A 67 22.63 26.53 15.51
N GLU A 68 22.48 26.83 16.81
CA GLU A 68 23.19 27.98 17.43
C GLU A 68 24.70 27.72 17.43
N ALA A 69 25.13 26.50 17.78
CA ALA A 69 26.56 26.11 17.75
C ALA A 69 27.13 26.32 16.34
N PHE A 70 26.37 25.90 15.31
CA PHE A 70 26.74 26.11 13.89
C PHE A 70 26.86 27.61 13.61
N ARG A 71 25.86 28.39 14.02
CA ARG A 71 25.88 29.87 13.81
C ARG A 71 27.10 30.49 14.50
N ALA A 72 27.48 30.04 15.69
CA ALA A 72 28.66 30.57 16.42
C ALA A 72 29.94 30.29 15.62
N VAL A 73 30.04 29.13 14.95
CA VAL A 73 31.32 28.74 14.28
C VAL A 73 31.30 29.07 12.78
N ALA A 74 30.14 29.20 12.14
CA ALA A 74 30.06 29.41 10.68
C ALA A 74 30.74 30.74 10.31
N ARG A 75 31.22 30.88 9.08
CA ARG A 75 31.63 32.18 8.49
C ARG A 75 30.39 32.84 7.86
N HIS A 76 30.06 34.08 8.24
CA HIS A 76 28.95 34.87 7.65
C HIS A 76 29.54 36.02 6.83
N GLU A 77 30.77 35.85 6.32
CA GLU A 77 31.65 36.90 5.76
C GLU A 77 31.35 37.20 4.28
N GLY A 78 30.08 37.10 3.85
CA GLY A 78 29.62 37.47 2.49
C GLY A 78 30.49 36.92 1.38
N GLN A 79 30.86 35.63 1.48
CA GLN A 79 31.56 34.85 0.41
C GLN A 79 30.73 34.91 -0.87
N GLU A 80 31.32 35.39 -1.95
CA GLU A 80 30.68 35.54 -3.27
C GLU A 80 31.18 34.43 -4.20
N ALA A 81 30.33 33.98 -5.12
CA ALA A 81 30.71 33.06 -6.20
C ALA A 81 31.19 33.89 -7.39
N ARG A 82 32.45 33.71 -7.80
CA ARG A 82 32.99 34.43 -8.96
C ARG A 82 33.00 33.51 -10.18
N MET A 83 32.92 34.11 -11.37
CA MET A 83 33.00 33.43 -12.67
C MET A 83 34.30 33.85 -13.33
N GLY A 84 35.05 32.88 -13.88
CA GLY A 84 36.28 33.10 -14.66
C GLY A 84 36.07 32.71 -16.10
N ASP A 85 36.45 33.60 -17.02
CA ASP A 85 36.55 33.27 -18.46
C ASP A 85 37.81 32.44 -18.69
N PRO A 86 37.67 31.17 -19.14
CA PRO A 86 38.83 30.30 -19.34
C PRO A 86 39.90 30.85 -20.28
N TRP A 87 39.50 31.67 -21.25
CA TRP A 87 40.39 32.12 -22.35
C TRP A 87 40.89 33.55 -22.13
N SER A 88 40.07 34.49 -21.63
CA SER A 88 40.54 35.85 -21.24
C SER A 88 41.10 35.88 -19.81
N GLY A 89 40.69 34.97 -18.94
CA GLY A 89 41.11 35.00 -17.52
C GLY A 89 40.44 36.12 -16.73
N GLU A 90 39.46 36.81 -17.31
CA GLU A 90 38.64 37.84 -16.63
C GLU A 90 37.74 37.18 -15.58
N ILE A 91 37.63 37.83 -14.44
CA ILE A 91 36.83 37.37 -13.27
C ILE A 91 35.72 38.38 -13.00
N THR A 92 34.47 37.92 -12.85
CA THR A 92 33.28 38.74 -12.53
C THR A 92 32.53 38.11 -11.36
N THR A 93 31.49 38.76 -10.84
CA THR A 93 30.73 38.31 -9.64
C THR A 93 29.26 38.11 -10.01
N GLY A 94 28.67 36.96 -9.64
CA GLY A 94 27.25 36.66 -9.89
C GLY A 94 26.90 35.20 -9.64
N LYS A 104 24.04 32.91 3.58
CA LYS A 104 24.71 31.64 3.17
C LYS A 104 25.80 31.32 4.20
N PRO A 105 25.44 30.77 5.39
CA PRO A 105 26.43 30.41 6.40
C PRO A 105 27.28 29.22 5.95
N GLU A 106 28.61 29.39 5.90
CA GLU A 106 29.57 28.41 5.34
C GLU A 106 30.40 27.77 6.45
N ILE A 107 30.84 26.53 6.26
CA ILE A 107 31.67 25.76 7.23
C ILE A 107 32.53 24.82 6.41
N ASP A 108 33.79 24.65 6.79
CA ASP A 108 34.65 23.61 6.15
C ASP A 108 34.10 22.24 6.52
N ARG A 109 34.20 21.28 5.61
CA ARG A 109 33.63 19.92 5.75
C ARG A 109 34.11 19.28 7.05
N GLY A 110 35.40 19.40 7.36
CA GLY A 110 36.00 18.76 8.54
C GLY A 110 35.48 19.40 9.81
N ASP A 111 35.22 20.70 9.78
CA ASP A 111 34.65 21.46 10.92
C ASP A 111 33.19 21.07 11.17
N LEU A 112 32.42 20.81 10.09
CA LEU A 112 31.04 20.28 10.21
C LEU A 112 31.09 18.91 10.90
N ARG A 113 31.93 18.00 10.41
CA ARG A 113 32.05 16.65 11.01
C ARG A 113 32.50 16.81 12.46
N GLN A 114 33.47 17.69 12.73
CA GLN A 114 33.98 17.92 14.11
C GLN A 114 32.84 18.41 15.02
N LEU A 115 31.98 19.29 14.54
CA LEU A 115 30.85 19.84 15.32
C LEU A 115 29.93 18.73 15.82
N LEU A 116 29.58 17.79 14.94
CA LEU A 116 28.75 16.62 15.25
C LEU A 116 29.51 15.66 16.18
N LEU A 117 30.76 15.33 15.87
CA LEU A 117 31.57 14.43 16.71
C LEU A 117 31.65 15.03 18.13
N ASP A 118 31.91 16.34 18.24
CA ASP A 118 32.12 17.06 19.53
C ASP A 118 30.83 17.04 20.36
N ALA A 119 29.68 16.85 19.73
CA ALA A 119 28.35 16.86 20.40
C ALA A 119 27.98 15.45 20.85
N LEU A 120 28.75 14.42 20.47
CA LEU A 120 28.39 13.01 20.72
C LEU A 120 29.18 12.45 21.89
N PRO A 121 28.61 11.49 22.67
CA PRO A 121 29.37 10.69 23.62
C PRO A 121 30.61 10.05 22.96
N ALA A 122 31.68 9.84 23.74
CA ALA A 122 33.02 9.33 23.31
C ALA A 122 32.92 7.95 22.63
N ASP A 123 32.02 7.11 23.10
CA ASP A 123 31.93 5.68 22.71
C ASP A 123 31.05 5.50 21.47
N THR A 124 30.39 6.55 20.97
CA THR A 124 29.34 6.46 19.92
C THR A 124 29.92 5.82 18.66
N VAL A 125 31.04 6.36 18.19
CA VAL A 125 31.65 5.96 16.90
C VAL A 125 32.65 4.83 17.15
N GLN A 126 32.47 3.72 16.46
CA GLN A 126 33.39 2.56 16.40
C GLN A 126 34.22 2.70 15.13
N TRP A 127 35.40 3.27 15.27
CA TRP A 127 36.40 3.49 14.20
C TRP A 127 37.02 2.16 13.77
N GLY A 128 37.55 2.10 12.55
CA GLY A 128 38.13 0.88 11.96
C GLY A 128 37.14 -0.27 11.85
N HIS A 129 35.84 0.04 11.80
CA HIS A 129 34.77 -0.94 11.55
C HIS A 129 34.22 -0.69 10.14
N SER A 130 34.84 -1.35 9.16
CA SER A 130 34.42 -1.33 7.74
C SER A 130 33.42 -2.47 7.50
N LEU A 131 32.14 -2.15 7.28
CA LEU A 131 31.09 -3.19 7.10
C LEU A 131 31.41 -4.00 5.82
N THR A 132 31.38 -5.34 5.92
CA THR A 132 31.59 -6.23 4.75
C THR A 132 30.32 -7.02 4.42
N ALA A 133 29.42 -7.24 5.38
CA ALA A 133 28.15 -7.94 5.12
C ALA A 133 27.04 -7.52 6.07
N LEU A 134 25.85 -7.33 5.52
CA LEU A 134 24.58 -7.28 6.29
C LEU A 134 23.79 -8.54 5.97
N VAL A 135 23.43 -9.32 7.00
CA VAL A 135 22.69 -10.60 6.91
C VAL A 135 21.41 -10.43 7.73
N SER A 136 20.24 -10.48 7.09
CA SER A 136 18.95 -10.20 7.77
C SER A 136 18.21 -11.50 8.11
N ALA A 137 17.17 -11.37 8.96
CA ALA A 137 16.59 -12.41 9.87
C ALA A 137 17.06 -13.84 9.51
N ASN A 140 15.99 -12.63 15.22
CA ASN A 140 16.83 -11.81 16.14
C ASN A 140 17.32 -10.50 15.49
N GLY A 141 16.81 -10.12 14.31
CA GLY A 141 17.09 -8.82 13.68
C GLY A 141 18.06 -8.94 12.51
N HIS A 142 19.19 -8.21 12.56
CA HIS A 142 20.14 -8.05 11.42
C HIS A 142 21.58 -8.27 11.89
N GLY A 143 22.32 -9.14 11.20
CA GLY A 143 23.75 -9.38 11.45
C GLY A 143 24.63 -8.46 10.65
N LEU A 144 25.64 -7.88 11.30
CA LEU A 144 26.71 -7.04 10.69
C LEU A 144 28.05 -7.75 10.86
N ARG A 145 28.81 -7.88 9.79
CA ARG A 145 30.21 -8.36 9.82
C ARG A 145 31.11 -7.23 9.32
N PHE A 146 32.24 -7.03 9.98
CA PHE A 146 33.26 -6.00 9.69
C PHE A 146 34.54 -6.66 9.18
N ALA A 147 35.34 -5.92 8.40
CA ALA A 147 36.62 -6.38 7.79
C ALA A 147 37.58 -6.86 8.90
N ASN A 148 37.43 -6.34 10.12
CA ASN A 148 38.29 -6.67 11.28
C ASN A 148 37.77 -7.93 12.00
N GLY A 149 36.76 -8.60 11.44
CA GLY A 149 36.19 -9.85 11.96
C GLY A 149 35.11 -9.63 13.00
N VAL A 150 34.97 -8.40 13.51
CA VAL A 150 33.93 -8.10 14.54
C VAL A 150 32.57 -8.47 13.94
N GLN A 151 31.69 -8.97 14.79
CA GLN A 151 30.28 -9.26 14.47
C GLN A 151 29.37 -8.56 15.45
N ARG A 152 28.24 -8.03 14.96
CA ARG A 152 27.25 -7.33 15.80
C ARG A 152 25.88 -7.73 15.29
N GLU A 153 24.87 -7.54 16.12
CA GLU A 153 23.46 -7.76 15.78
C GLU A 153 22.70 -6.48 16.13
N ALA A 154 21.87 -6.00 15.20
CA ALA A 154 21.10 -4.74 15.38
C ALA A 154 19.62 -4.99 15.07
N ASP A 155 18.73 -4.24 15.69
CA ASP A 155 17.29 -4.27 15.34
C ASP A 155 17.05 -3.29 14.19
N ILE A 156 17.77 -2.18 14.18
CA ILE A 156 17.61 -1.10 13.15
C ILE A 156 18.97 -0.83 12.53
N VAL A 157 19.06 -0.80 11.20
CA VAL A 157 20.32 -0.49 10.47
C VAL A 157 20.04 0.68 9.53
N ILE A 158 20.76 1.78 9.77
CA ILE A 158 20.74 2.99 8.92
C ILE A 158 22.02 2.96 8.10
N GLY A 159 21.89 2.77 6.79
CA GLY A 159 23.01 2.89 5.83
C GLY A 159 23.33 4.34 5.51
N ALA A 160 24.39 4.86 6.09
CA ALA A 160 24.88 6.25 5.89
C ALA A 160 26.31 6.14 5.39
N ASP A 161 26.56 5.14 4.54
CA ASP A 161 27.94 4.67 4.23
C ASP A 161 28.34 5.10 2.82
N GLY A 162 27.67 6.11 2.27
CA GLY A 162 28.20 6.95 1.18
C GLY A 162 28.01 6.39 -0.19
N ALA A 163 28.82 6.86 -1.12
CA ALA A 163 28.71 6.64 -2.59
C ALA A 163 28.75 5.13 -2.88
N TRP A 164 29.53 4.37 -2.12
CA TRP A 164 29.79 2.92 -2.38
C TRP A 164 29.29 2.10 -1.18
N SER A 165 28.16 2.54 -0.65
CA SER A 165 27.44 1.93 0.49
C SER A 165 27.44 0.39 0.38
N LYS A 166 27.98 -0.27 1.38
CA LYS A 166 27.84 -1.73 1.61
C LYS A 166 26.39 -2.04 1.99
N VAL A 167 25.72 -1.20 2.76
CA VAL A 167 24.29 -1.45 3.10
C VAL A 167 23.46 -1.42 1.82
N ARG A 168 23.72 -0.48 0.90
CA ARG A 168 22.98 -0.45 -0.39
C ARG A 168 23.21 -1.78 -1.15
N ALA A 169 24.45 -2.29 -1.15
CA ALA A 169 24.83 -3.56 -1.81
C ALA A 169 24.03 -4.73 -1.21
N ALA A 170 23.65 -4.69 0.08
CA ALA A 170 22.78 -5.74 0.67
C ALA A 170 21.35 -5.64 0.10
N LEU A 171 20.87 -4.44 -0.25
CA LEU A 171 19.45 -4.19 -0.64
C LEU A 171 19.28 -4.17 -2.16
N SER A 172 20.38 -4.08 -2.91
CA SER A 172 20.32 -3.83 -4.36
C SER A 172 21.64 -4.28 -5.00
N THR A 173 21.56 -4.79 -6.22
CA THR A 173 22.74 -5.08 -7.07
C THR A 173 23.04 -3.87 -7.95
N CYS A 174 22.23 -2.81 -7.88
CA CYS A 174 22.34 -1.61 -8.76
C CYS A 174 23.52 -0.76 -8.25
N GLN A 175 24.43 -0.40 -9.15
CA GLN A 175 25.70 0.33 -8.85
C GLN A 175 25.55 1.79 -9.31
N PRO A 176 26.26 2.76 -8.70
CA PRO A 176 26.44 4.06 -9.33
C PRO A 176 27.09 3.91 -10.72
N LEU A 177 26.71 4.80 -11.62
CA LEU A 177 27.19 4.88 -13.02
C LEU A 177 28.09 6.08 -13.19
N PRO A 178 29.16 5.95 -13.99
CA PRO A 178 30.02 7.09 -14.29
C PRO A 178 29.27 8.17 -15.09
N THR A 179 29.49 9.45 -14.78
CA THR A 179 28.88 10.61 -15.47
C THR A 179 29.64 10.93 -16.75
N GLY A 180 30.87 10.40 -16.90
CA GLY A 180 31.81 10.80 -17.96
C GLY A 180 32.67 11.98 -17.55
N ILE A 181 32.52 12.45 -16.31
CA ILE A 181 33.35 13.56 -15.76
C ILE A 181 34.15 13.00 -14.58
N THR A 182 35.41 13.43 -14.47
CA THR A 182 36.31 13.14 -13.33
C THR A 182 36.84 14.48 -12.80
N PHE A 183 36.77 14.68 -11.50
CA PHE A 183 37.37 15.84 -10.79
C PHE A 183 38.76 15.42 -10.33
N PHE A 184 39.75 16.25 -10.60
CA PHE A 184 41.11 16.11 -10.04
C PHE A 184 41.24 17.19 -8.96
N GLU A 185 41.35 16.73 -7.73
CA GLU A 185 41.33 17.58 -6.53
C GLU A 185 42.76 17.92 -6.12
N GLY A 186 43.08 19.21 -6.11
CA GLY A 186 44.35 19.75 -5.61
C GLY A 186 44.15 20.79 -4.53
N TRP A 187 45.21 21.11 -3.79
CA TRP A 187 45.24 22.09 -2.70
C TRP A 187 46.39 23.06 -2.94
N ILE A 188 46.16 24.34 -2.67
CA ILE A 188 47.21 25.40 -2.55
C ILE A 188 47.19 25.83 -1.09
N ALA A 189 48.17 25.36 -0.31
CA ALA A 189 48.27 25.57 1.16
C ALA A 189 48.64 27.03 1.45
N GLN A 190 49.50 27.66 0.66
CA GLN A 190 49.82 29.10 0.85
C GLN A 190 49.79 29.78 -0.50
N PRO A 191 48.60 30.23 -0.92
CA PRO A 191 48.46 30.90 -2.21
C PRO A 191 49.24 32.22 -2.20
N ALA A 192 50.02 32.46 -3.25
CA ALA A 192 50.59 33.78 -3.60
C ALA A 192 49.48 34.84 -3.53
N ALA A 193 49.85 36.11 -3.37
CA ALA A 193 48.93 37.26 -3.25
C ALA A 193 48.02 37.32 -4.47
N ASP A 194 48.59 37.18 -5.67
CA ASP A 194 47.82 37.36 -6.92
C ASP A 194 46.68 36.33 -7.02
N ILE A 195 46.94 35.04 -6.79
CA ILE A 195 45.90 33.98 -6.97
C ILE A 195 44.91 34.06 -5.80
N ALA A 196 45.35 34.41 -4.61
CA ALA A 196 44.46 34.62 -3.45
C ALA A 196 43.48 35.75 -3.76
N ALA A 197 43.93 36.82 -4.39
CA ALA A 197 43.09 38.01 -4.72
C ALA A 197 42.12 37.65 -5.84
N MET A 198 42.54 36.80 -6.77
CA MET A 198 41.70 36.42 -7.96
C MET A 198 40.54 35.55 -7.49
N VAL A 199 40.79 34.63 -6.55
CA VAL A 199 39.75 33.69 -6.05
C VAL A 199 38.82 34.46 -5.12
N GLY A 200 39.42 35.32 -4.26
CA GLY A 200 38.72 35.99 -3.16
C GLY A 200 38.47 35.04 -1.99
N GLN A 201 37.52 35.39 -1.13
CA GLN A 201 37.16 34.68 0.12
C GLN A 201 36.25 33.49 -0.19
N GLY A 202 35.61 33.50 -1.36
CA GLY A 202 34.62 32.48 -1.72
C GLY A 202 35.12 31.49 -2.76
N SER A 203 34.41 31.45 -3.87
CA SER A 203 34.51 30.45 -4.97
C SER A 203 34.78 31.15 -6.29
N LEU A 204 35.51 30.47 -7.16
CA LEU A 204 35.75 30.90 -8.56
C LEU A 204 35.41 29.70 -9.45
N PHE A 205 34.43 29.85 -10.32
CA PHE A 205 33.99 28.78 -11.26
C PHE A 205 34.36 29.19 -12.69
N CYS A 206 35.02 28.31 -13.42
CA CYS A 206 35.48 28.51 -14.82
C CYS A 206 35.01 27.32 -15.68
N PHE A 207 34.11 27.57 -16.61
CA PHE A 207 33.50 26.55 -17.51
C PHE A 207 34.12 26.70 -18.91
N GLY A 208 35.00 25.77 -19.29
CA GLY A 208 35.69 25.80 -20.60
C GLY A 208 35.22 24.68 -21.53
N GLY A 209 33.99 24.18 -21.36
CA GLY A 209 33.47 23.00 -22.07
C GLY A 209 33.86 21.68 -21.39
N GLU A 210 34.72 20.90 -22.06
CA GLU A 210 35.17 19.57 -21.59
C GLU A 210 36.27 19.72 -20.54
N GLU A 211 36.74 20.94 -20.30
CA GLU A 211 37.61 21.27 -19.15
C GLU A 211 36.89 22.34 -18.33
N ALA A 212 36.91 22.21 -17.00
CA ALA A 212 36.40 23.23 -16.09
C ALA A 212 37.30 23.32 -14.86
N LEU A 213 37.24 24.45 -14.17
CA LEU A 213 38.09 24.72 -12.98
C LEU A 213 37.22 25.35 -11.88
N PHE A 214 37.16 24.68 -10.73
CA PHE A 214 36.37 25.11 -9.56
C PHE A 214 37.33 25.30 -8.40
N VAL A 215 37.39 26.51 -7.86
CA VAL A 215 38.35 26.86 -6.78
C VAL A 215 37.52 27.45 -5.65
N GLN A 216 37.80 27.02 -4.41
N GLN A 216 37.79 27.02 -4.42
CA GLN A 216 37.15 27.58 -3.21
CA GLN A 216 37.15 27.58 -3.21
C GLN A 216 38.22 27.83 -2.15
C GLN A 216 38.23 27.83 -2.16
N ARG A 217 38.17 29.00 -1.50
CA ARG A 217 39.01 29.28 -0.31
C ARG A 217 38.29 28.74 0.93
N ASN A 218 38.99 27.97 1.76
CA ASN A 218 38.41 27.44 3.01
C ASN A 218 38.74 28.38 4.17
N SER A 219 38.33 28.03 5.38
CA SER A 219 38.43 28.90 6.59
C SER A 219 39.90 29.08 7.03
N ARG A 220 40.85 28.28 6.54
CA ARG A 220 42.28 28.37 6.92
C ARG A 220 43.10 29.00 5.79
N ASP A 221 42.42 29.72 4.87
CA ASP A 221 43.03 30.43 3.71
C ASP A 221 43.82 29.48 2.82
N ARG A 222 43.38 28.23 2.71
CA ARG A 222 43.90 27.28 1.69
C ARG A 222 42.89 27.25 0.54
N LEU A 223 43.37 27.03 -0.68
CA LEU A 223 42.50 26.95 -1.90
C LEU A 223 42.29 25.48 -2.25
N CYS A 224 41.05 25.02 -2.31
CA CYS A 224 40.66 23.69 -2.86
C CYS A 224 40.43 23.85 -4.36
N VAL A 225 41.14 23.07 -5.16
CA VAL A 225 41.05 23.15 -6.64
C VAL A 225 40.46 21.85 -7.17
N TYR A 226 39.39 21.96 -7.94
CA TYR A 226 38.87 20.83 -8.75
C TYR A 226 39.13 21.14 -10.22
N ALA A 227 40.02 20.35 -10.83
CA ALA A 227 40.19 20.33 -12.30
C ALA A 227 39.23 19.25 -12.84
N ALA A 228 38.11 19.68 -13.41
CA ALA A 228 37.02 18.81 -13.89
C ALA A 228 37.24 18.54 -15.37
N LEU A 229 37.39 17.26 -15.74
CA LEU A 229 37.63 16.80 -17.13
C LEU A 229 36.51 15.88 -17.57
N LYS A 230 35.89 16.21 -18.70
CA LYS A 230 34.98 15.30 -19.44
C LYS A 230 35.88 14.42 -20.32
N ARG A 231 36.19 13.23 -19.81
CA ARG A 231 37.05 12.22 -20.47
C ARG A 231 36.56 10.86 -20.01
N SER A 232 36.59 9.87 -20.89
CA SER A 232 36.25 8.47 -20.52
C SER A 232 37.23 7.97 -19.44
N SER A 233 36.79 7.08 -18.57
CA SER A 233 37.64 6.40 -17.57
CA SER A 233 37.65 6.41 -17.57
C SER A 233 38.82 5.72 -18.29
N GLU A 234 38.52 5.07 -19.42
CA GLU A 234 39.49 4.32 -20.26
CA GLU A 234 39.50 4.33 -20.26
C GLU A 234 40.59 5.30 -20.73
N TRP A 235 40.21 6.44 -21.27
CA TRP A 235 41.17 7.46 -21.75
C TRP A 235 42.02 7.94 -20.57
N LEU A 236 41.40 8.29 -19.44
CA LEU A 236 42.14 8.80 -18.26
C LEU A 236 43.12 7.71 -17.76
N ASP A 237 42.70 6.44 -17.68
CA ASP A 237 43.56 5.29 -17.28
C ASP A 237 44.83 5.26 -18.13
N ALA A 238 44.71 5.30 -19.44
CA ALA A 238 45.83 5.24 -20.40
C ALA A 238 46.78 6.41 -20.16
N GLN A 239 46.25 7.63 -20.17
CA GLN A 239 47.04 8.88 -20.09
C GLN A 239 47.77 8.94 -18.74
N ILE A 240 47.08 8.63 -17.64
CA ILE A 240 47.62 8.68 -16.25
C ILE A 240 48.69 7.58 -16.10
N ALA A 241 48.41 6.38 -16.58
CA ALA A 241 49.36 5.24 -16.57
C ALA A 241 50.70 5.68 -17.17
N GLN A 242 50.66 6.41 -18.28
CA GLN A 242 51.85 6.90 -19.02
C GLN A 242 52.48 8.11 -18.30
N HIS A 243 51.70 9.18 -18.07
CA HIS A 243 52.19 10.54 -17.69
C HIS A 243 52.05 10.85 -16.20
N GLY A 244 51.25 10.09 -15.46
CA GLY A 244 50.89 10.43 -14.07
C GLY A 244 49.77 11.47 -14.04
N ILE A 245 49.18 11.69 -12.87
CA ILE A 245 47.97 12.55 -12.70
C ILE A 245 48.35 14.00 -13.02
N ARG A 246 49.39 14.52 -12.36
CA ARG A 246 49.69 15.97 -12.39
C ARG A 246 49.93 16.44 -13.83
N THR A 247 50.76 15.70 -14.59
CA THR A 247 51.12 16.08 -15.98
C THR A 247 49.87 16.02 -16.85
N LEU A 248 49.05 14.97 -16.68
CA LEU A 248 47.83 14.83 -17.50
C LEU A 248 46.89 16.01 -17.23
N VAL A 249 46.65 16.31 -15.95
CA VAL A 249 45.69 17.37 -15.54
C VAL A 249 46.18 18.70 -16.11
N THR A 250 47.41 19.10 -15.84
CA THR A 250 47.93 20.44 -16.25
C THR A 250 47.94 20.55 -17.76
N GLY A 251 48.27 19.43 -18.44
CA GLY A 251 48.31 19.34 -19.92
C GLY A 251 46.99 19.66 -20.58
N CYS A 252 45.85 19.43 -19.91
CA CYS A 252 44.48 19.63 -20.48
C CYS A 252 44.07 21.11 -20.49
N TYR A 253 44.82 22.00 -19.81
CA TYR A 253 44.44 23.44 -19.66
C TYR A 253 45.41 24.37 -20.42
N THR A 254 46.22 23.86 -21.37
CA THR A 254 47.28 24.66 -22.02
C THR A 254 46.66 25.75 -22.91
N GLY A 255 45.42 25.62 -23.35
CA GLY A 255 44.71 26.68 -24.10
C GLY A 255 44.09 27.76 -23.21
N TRP A 256 44.21 27.65 -21.88
CA TRP A 256 43.52 28.59 -20.95
C TRP A 256 44.39 29.83 -20.72
N ALA A 257 43.77 30.94 -20.30
CA ALA A 257 44.46 32.17 -19.81
C ALA A 257 45.56 31.79 -18.82
N THR A 258 46.71 32.46 -18.93
CA THR A 258 47.91 32.26 -18.08
C THR A 258 47.55 32.41 -16.60
N ASN A 259 46.70 33.38 -16.22
CA ASN A 259 46.40 33.58 -14.79
C ASN A 259 45.76 32.29 -14.25
N LEU A 260 44.82 31.68 -14.96
CA LEU A 260 44.10 30.50 -14.46
C LEU A 260 45.01 29.27 -14.48
N ARG A 261 45.93 29.18 -15.44
CA ARG A 261 46.89 28.06 -15.53
C ARG A 261 47.87 28.12 -14.36
N ARG A 262 48.26 29.33 -13.93
CA ARG A 262 49.19 29.50 -12.79
C ARG A 262 48.53 28.96 -11.52
N LEU A 263 47.27 29.30 -11.32
CA LEU A 263 46.42 28.77 -10.22
C LEU A 263 46.50 27.24 -10.24
N LEU A 264 46.36 26.61 -11.40
CA LEU A 264 46.37 25.13 -11.53
C LEU A 264 47.77 24.60 -11.18
N GLU A 265 48.82 25.26 -11.68
CA GLU A 265 50.22 24.80 -11.51
C GLU A 265 50.70 24.99 -10.05
N ALA A 266 50.03 25.82 -9.25
CA ALA A 266 50.32 26.02 -7.81
C ALA A 266 49.86 24.81 -6.97
N CYS A 267 49.03 23.92 -7.52
CA CYS A 267 48.59 22.72 -6.78
C CYS A 267 49.76 21.74 -6.66
N THR A 268 50.01 21.23 -5.46
CA THR A 268 51.14 20.29 -5.19
C THR A 268 50.82 18.96 -5.86
N ASP A 269 49.77 18.28 -5.41
CA ASP A 269 49.34 16.98 -5.99
C ASP A 269 47.87 17.10 -6.41
N PHE A 270 47.37 16.09 -7.12
CA PHE A 270 45.95 15.90 -7.47
C PHE A 270 45.54 14.48 -7.11
N VAL A 271 44.35 14.33 -6.52
CA VAL A 271 43.65 13.03 -6.31
C VAL A 271 42.60 12.87 -7.41
N ARG A 272 42.47 11.68 -7.98
CA ARG A 272 41.45 11.37 -9.02
C ARG A 272 40.13 11.05 -8.32
N ARG A 273 39.09 11.82 -8.60
CA ARG A 273 37.72 11.64 -8.04
C ARG A 273 36.73 11.50 -9.18
N PRO A 274 36.57 10.26 -9.69
CA PRO A 274 35.57 9.96 -10.72
C PRO A 274 34.20 10.42 -10.20
N ILE A 275 33.38 11.09 -11.02
CA ILE A 275 32.02 11.52 -10.60
C ILE A 275 31.01 10.49 -11.08
N TYR A 276 30.45 9.77 -10.12
CA TYR A 276 29.44 8.72 -10.30
C TYR A 276 28.13 9.31 -9.82
N SER A 277 27.05 8.72 -10.27
CA SER A 277 25.67 9.06 -9.85
C SER A 277 24.86 7.77 -9.91
N LEU A 278 24.00 7.56 -8.95
CA LEU A 278 22.86 6.63 -9.12
C LEU A 278 21.95 7.25 -10.18
N PRO A 279 21.23 6.38 -10.91
CA PRO A 279 20.31 6.85 -11.92
C PRO A 279 19.06 7.39 -11.22
N ALA A 280 18.37 8.33 -11.85
CA ALA A 280 17.17 8.98 -11.28
C ALA A 280 16.09 7.94 -10.99
N ASP A 281 16.05 6.85 -11.77
CA ASP A 281 15.05 5.75 -11.64
C ASP A 281 15.48 4.73 -10.54
N PHE A 282 16.54 5.00 -9.78
CA PHE A 282 17.08 4.05 -8.76
C PHE A 282 15.96 3.67 -7.80
N CYS A 283 15.85 2.37 -7.56
CA CYS A 283 14.93 1.83 -6.54
C CYS A 283 15.63 0.68 -5.84
N TRP A 284 15.17 0.38 -4.65
CA TRP A 284 15.51 -0.86 -3.93
C TRP A 284 14.20 -1.32 -3.29
N THR A 285 14.03 -2.63 -3.20
CA THR A 285 12.89 -3.24 -2.52
C THR A 285 13.04 -2.91 -1.04
N PRO A 286 12.06 -2.24 -0.41
CA PRO A 286 12.15 -1.91 1.01
C PRO A 286 12.33 -3.17 1.84
N ARG A 287 13.19 -3.05 2.86
CA ARG A 287 13.43 -4.14 3.84
C ARG A 287 13.12 -3.58 5.22
N ASP A 288 12.32 -4.32 6.02
CA ASP A 288 11.97 -3.89 7.39
C ASP A 288 13.26 -3.70 8.20
N GLY A 289 13.35 -2.56 8.89
CA GLY A 289 14.42 -2.26 9.85
C GLY A 289 15.74 -1.86 9.21
N VAL A 290 15.80 -1.75 7.88
CA VAL A 290 17.02 -1.29 7.16
C VAL A 290 16.61 -0.14 6.22
N THR A 291 17.38 0.94 6.23
CA THR A 291 17.20 2.02 5.25
C THR A 291 18.54 2.64 4.84
N LEU A 292 18.49 3.52 3.85
CA LEU A 292 19.64 4.24 3.27
C LEU A 292 19.33 5.74 3.36
N ILE A 293 20.34 6.52 3.72
CA ILE A 293 20.26 8.01 3.75
C ILE A 293 21.51 8.57 3.08
N GLY A 294 21.38 9.80 2.62
CA GLY A 294 22.47 10.52 1.95
C GLY A 294 22.88 9.83 0.67
N ASP A 295 24.19 9.81 0.42
CA ASP A 295 24.79 9.29 -0.83
C ASP A 295 24.46 7.81 -1.00
N ALA A 296 24.37 7.06 0.09
CA ALA A 296 23.93 5.64 0.04
C ALA A 296 22.58 5.50 -0.72
N ALA A 297 21.63 6.42 -0.47
CA ALA A 297 20.24 6.36 -0.99
C ALA A 297 20.13 7.00 -2.36
N HIS A 298 20.89 8.04 -2.65
CA HIS A 298 20.63 8.87 -3.84
C HIS A 298 21.85 9.68 -4.26
N LEU A 299 23.05 9.07 -4.25
CA LEU A 299 24.27 9.69 -4.81
C LEU A 299 23.93 10.33 -6.15
N MET A 300 24.29 11.60 -6.28
CA MET A 300 24.05 12.35 -7.53
C MET A 300 25.23 13.28 -7.73
N PRO A 301 25.40 13.87 -8.93
CA PRO A 301 26.61 14.65 -9.20
C PRO A 301 26.70 15.85 -8.26
N PRO A 302 27.90 16.44 -8.09
CA PRO A 302 28.11 17.47 -7.08
C PRO A 302 27.60 18.86 -7.51
N VAL A 303 26.28 19.05 -7.42
CA VAL A 303 25.61 20.29 -7.90
C VAL A 303 25.21 21.16 -6.70
N GLY A 304 25.55 20.74 -5.49
CA GLY A 304 25.43 21.58 -4.28
C GLY A 304 24.32 21.08 -3.37
N VAL A 305 23.91 19.82 -3.43
CA VAL A 305 22.75 19.28 -2.64
C VAL A 305 23.20 18.21 -1.65
N GLY A 306 24.40 17.64 -1.78
CA GLY A 306 24.74 16.34 -1.17
C GLY A 306 24.74 16.35 0.34
N VAL A 307 25.51 17.26 0.97
CA VAL A 307 25.60 17.33 2.45
C VAL A 307 24.23 17.74 3.00
N ASN A 308 23.59 18.71 2.36
CA ASN A 308 22.27 19.24 2.80
C ASN A 308 21.23 18.11 2.80
N LEU A 309 21.16 17.34 1.72
CA LEU A 309 20.21 16.22 1.65
C LEU A 309 20.59 15.16 2.67
N ALA A 310 21.87 14.81 2.78
CA ALA A 310 22.35 13.76 3.70
C ALA A 310 21.85 14.07 5.11
N MET A 311 22.03 15.32 5.55
CA MET A 311 21.68 15.74 6.93
C MET A 311 20.14 15.78 7.07
N LEU A 312 19.43 16.28 6.07
CA LEU A 312 17.96 16.33 6.13
C LEU A 312 17.39 14.90 6.24
N ASP A 313 17.85 13.98 5.39
CA ASP A 313 17.49 12.53 5.40
C ASP A 313 17.71 11.94 6.81
N ALA A 314 18.91 12.14 7.37
CA ALA A 314 19.28 11.66 8.71
C ALA A 314 18.26 12.16 9.71
N SER A 315 17.92 13.45 9.65
CA SER A 315 16.99 14.11 10.59
C SER A 315 15.57 13.57 10.40
N ASP A 316 15.13 13.30 9.17
CA ASP A 316 13.79 12.71 8.92
C ASP A 316 13.72 11.32 9.58
N VAL A 317 14.72 10.48 9.38
CA VAL A 317 14.73 9.06 9.85
C VAL A 317 14.84 9.06 11.37
N ALA A 318 15.77 9.83 11.92
CA ALA A 318 16.06 9.84 13.37
C ALA A 318 14.87 10.46 14.13
N MET A 319 14.25 11.54 13.62
CA MET A 319 13.07 12.17 14.28
CA MET A 319 13.07 12.16 14.28
C MET A 319 11.94 11.14 14.34
N ALA A 320 11.70 10.43 13.23
CA ALA A 320 10.64 9.41 13.12
C ALA A 320 10.85 8.33 14.19
N LEU A 321 12.10 7.88 14.39
CA LEU A 321 12.45 6.82 15.36
C LEU A 321 12.30 7.33 16.80
N CYS A 322 12.42 8.64 17.01
CA CYS A 322 12.26 9.30 18.33
C CYS A 322 10.77 9.58 18.63
N ALA A 323 9.98 9.87 17.62
CA ALA A 323 8.59 10.40 17.76
C ALA A 323 7.59 9.24 17.89
N ARG A 324 7.89 8.07 17.32
CA ARG A 324 6.90 6.97 17.08
C ARG A 324 7.38 5.72 17.81
N PRO A 325 6.48 4.99 18.51
CA PRO A 325 6.86 3.71 19.12
C PRO A 325 7.09 2.57 18.11
N ASP A 326 6.47 2.59 16.93
CA ASP A 326 6.66 1.53 15.89
CA ASP A 326 6.62 1.57 15.86
C ASP A 326 7.85 1.90 14.99
N ALA A 327 9.04 1.40 15.35
CA ALA A 327 10.33 1.72 14.71
C ALA A 327 10.31 1.34 13.23
N ILE A 328 9.92 0.11 12.91
CA ILE A 328 9.90 -0.41 11.51
C ILE A 328 9.02 0.51 10.66
N SER A 329 7.82 0.83 11.14
CA SER A 329 6.85 1.66 10.38
C SER A 329 7.35 3.11 10.28
N ALA A 330 8.00 3.62 11.33
CA ALA A 330 8.59 4.99 11.36
C ALA A 330 9.65 5.10 10.25
N MET A 331 10.57 4.14 10.21
CA MET A 331 11.63 4.01 9.19
C MET A 331 11.01 3.91 7.80
N ARG A 332 10.01 3.06 7.61
CA ARG A 332 9.34 2.87 6.29
C ARG A 332 8.76 4.20 5.81
N ASP A 333 8.13 4.98 6.68
CA ASP A 333 7.47 6.27 6.31
C ASP A 333 8.56 7.30 5.96
N ALA A 334 9.65 7.34 6.74
CA ALA A 334 10.76 8.30 6.54
C ALA A 334 11.47 7.99 5.22
N GLU A 335 11.62 6.70 4.90
CA GLU A 335 12.26 6.23 3.65
C GLU A 335 11.47 6.75 2.46
N VAL A 336 10.14 6.71 2.52
CA VAL A 336 9.28 7.20 1.40
C VAL A 336 9.63 8.66 1.15
N LEU A 337 9.71 9.46 2.23
CA LEU A 337 10.01 10.91 2.15
C LEU A 337 11.40 11.08 1.55
N VAL A 338 12.41 10.38 2.07
CA VAL A 338 13.81 10.45 1.55
C VAL A 338 13.79 10.17 0.05
N ARG A 339 13.13 9.08 -0.36
CA ARG A 339 13.19 8.61 -1.75
C ARG A 339 12.41 9.57 -2.64
N GLU A 340 11.23 10.04 -2.21
CA GLU A 340 10.38 10.93 -3.03
C GLU A 340 11.09 12.26 -3.25
N ARG A 341 11.69 12.80 -2.18
CA ARG A 341 12.43 14.09 -2.23
C ARG A 341 13.59 13.97 -3.20
N ALA A 342 14.40 12.91 -3.09
CA ALA A 342 15.59 12.71 -3.96
C ALA A 342 15.20 12.50 -5.43
N ARG A 343 14.18 11.69 -5.70
CA ARG A 343 13.72 11.41 -7.08
C ARG A 343 13.27 12.69 -7.78
N ALA A 344 12.66 13.64 -7.07
CA ALA A 344 12.22 14.95 -7.61
C ALA A 344 13.45 15.80 -8.01
N LEU A 345 14.61 15.61 -7.35
CA LEU A 345 15.81 16.45 -7.58
C LEU A 345 16.78 15.79 -8.57
N MET A 346 16.81 14.46 -8.70
CA MET A 346 17.92 13.77 -9.40
C MET A 346 17.95 14.05 -10.91
N PRO A 347 16.83 14.09 -11.66
CA PRO A 347 16.89 14.37 -13.09
C PRO A 347 17.59 15.69 -13.46
N ASP A 348 17.23 16.78 -12.78
CA ASP A 348 17.82 18.13 -12.96
C ASP A 348 19.30 18.12 -12.54
N ALA A 349 19.62 17.43 -11.45
CA ALA A 349 21.02 17.30 -10.99
C ALA A 349 21.83 16.60 -12.09
N ILE A 350 21.33 15.48 -12.60
CA ILE A 350 22.07 14.61 -13.57
C ILE A 350 22.20 15.38 -14.89
N GLU A 351 21.11 15.94 -15.41
CA GLU A 351 21.12 16.67 -16.71
CA GLU A 351 21.12 16.67 -16.71
C GLU A 351 21.86 18.00 -16.56
N GLY A 352 21.58 18.74 -15.49
CA GLY A 352 22.26 20.01 -15.19
C GLY A 352 23.76 19.83 -15.17
N PHE A 353 24.25 18.81 -14.45
CA PHE A 353 25.70 18.51 -14.37
C PHE A 353 26.29 18.31 -15.78
N GLN A 354 25.63 17.49 -16.62
CA GLN A 354 26.05 17.27 -18.02
C GLN A 354 26.16 18.60 -18.77
N ARG A 355 25.22 19.51 -18.55
CA ARG A 355 25.19 20.81 -19.27
C ARG A 355 26.35 21.71 -18.87
N TRP A 356 26.97 21.52 -17.69
CA TRP A 356 28.22 22.28 -17.36
C TRP A 356 29.31 22.03 -18.41
N PHE A 357 29.32 20.87 -19.08
CA PHE A 357 30.48 20.43 -19.91
C PHE A 357 30.16 20.40 -21.41
N ILE A 358 29.09 21.06 -21.84
CA ILE A 358 28.66 21.13 -23.27
C ILE A 358 29.60 22.06 -24.08
N THR A 359 29.82 21.84 -25.39
CA THR A 359 30.78 22.62 -26.24
C THR A 359 30.13 23.08 -27.56
N HIS B 5 -2.32 -28.91 13.69
CA HIS B 5 -3.64 -28.25 13.94
C HIS B 5 -4.30 -27.96 12.60
N PRO B 6 -5.17 -28.85 12.06
CA PRO B 6 -6.13 -28.42 11.03
C PRO B 6 -7.12 -27.42 11.64
N PRO B 7 -7.39 -26.26 11.00
CA PRO B 7 -8.26 -25.25 11.62
C PRO B 7 -9.74 -25.69 11.75
N ARG B 8 -10.34 -25.39 12.91
CA ARG B 8 -11.81 -25.47 13.16
C ARG B 8 -12.48 -24.29 12.43
N ILE B 9 -13.20 -24.56 11.35
CA ILE B 9 -13.86 -23.52 10.51
C ILE B 9 -15.36 -23.55 10.82
N ALA B 10 -15.87 -22.42 11.33
CA ALA B 10 -17.32 -22.14 11.51
C ALA B 10 -17.81 -21.25 10.35
N VAL B 11 -18.79 -21.72 9.59
CA VAL B 11 -19.60 -20.88 8.68
C VAL B 11 -20.93 -20.52 9.38
N ILE B 12 -21.25 -19.24 9.47
CA ILE B 12 -22.55 -18.76 10.02
C ILE B 12 -23.46 -18.48 8.82
N GLY B 13 -24.51 -19.31 8.66
CA GLY B 13 -25.55 -19.13 7.64
C GLY B 13 -25.47 -20.20 6.55
N ALA B 14 -26.61 -20.82 6.28
CA ALA B 14 -26.75 -21.89 5.28
C ALA B 14 -27.54 -21.37 4.08
N GLY B 15 -27.24 -20.16 3.65
CA GLY B 15 -27.64 -19.63 2.34
C GLY B 15 -26.68 -20.08 1.25
N PRO B 16 -26.85 -19.54 0.03
CA PRO B 16 -25.93 -19.83 -1.06
C PRO B 16 -24.46 -19.58 -0.70
N ALA B 17 -24.13 -18.49 -0.04
CA ALA B 17 -22.72 -18.20 0.32
C ALA B 17 -22.21 -19.28 1.28
N GLY B 18 -22.91 -19.51 2.40
CA GLY B 18 -22.40 -20.43 3.42
C GLY B 18 -22.29 -21.87 2.93
N LEU B 19 -23.28 -22.34 2.18
CA LEU B 19 -23.29 -23.74 1.71
C LEU B 19 -22.21 -23.89 0.64
N THR B 20 -22.02 -22.88 -0.23
CA THR B 20 -20.97 -22.95 -1.27
C THR B 20 -19.59 -23.03 -0.60
N ALA B 21 -19.34 -22.18 0.39
CA ALA B 21 -18.08 -22.17 1.15
C ALA B 21 -17.89 -23.53 1.83
N ALA B 22 -18.90 -24.02 2.54
CA ALA B 22 -18.80 -25.30 3.28
C ALA B 22 -18.45 -26.45 2.32
N LEU B 23 -19.06 -26.48 1.12
CA LEU B 23 -18.83 -27.59 0.15
C LEU B 23 -17.39 -27.53 -0.38
N ILE B 24 -16.87 -26.34 -0.70
CA ILE B 24 -15.50 -26.24 -1.25
C ILE B 24 -14.49 -26.63 -0.15
N LEU B 25 -14.71 -26.18 1.08
CA LEU B 25 -13.85 -26.51 2.25
C LEU B 25 -13.89 -28.02 2.48
N HIS B 26 -15.08 -28.62 2.57
CA HIS B 26 -15.27 -30.08 2.77
C HIS B 26 -14.49 -30.86 1.70
N ARG B 27 -14.61 -30.47 0.43
CA ARG B 27 -13.98 -31.19 -0.69
C ARG B 27 -12.46 -31.02 -0.61
N GLY B 28 -11.96 -29.98 0.04
CA GLY B 28 -10.52 -29.73 0.24
C GLY B 28 -10.00 -30.40 1.51
N GLY B 29 -10.85 -31.11 2.24
CA GLY B 29 -10.46 -31.92 3.41
C GLY B 29 -10.44 -31.10 4.68
N HIS B 30 -11.00 -29.90 4.69
CA HIS B 30 -11.11 -29.05 5.90
C HIS B 30 -12.25 -29.55 6.79
N ARG B 31 -12.15 -29.31 8.10
CA ARG B 31 -13.21 -29.54 9.10
C ARG B 31 -14.11 -28.30 9.09
N VAL B 32 -15.37 -28.44 8.70
CA VAL B 32 -16.29 -27.27 8.56
C VAL B 32 -17.65 -27.64 9.16
N SER B 33 -18.16 -26.76 10.01
CA SER B 33 -19.57 -26.70 10.46
C SER B 33 -20.20 -25.42 9.90
N VAL B 34 -21.47 -25.56 9.50
CA VAL B 34 -22.37 -24.43 9.18
C VAL B 34 -23.40 -24.31 10.29
N TYR B 35 -23.50 -23.15 10.93
CA TYR B 35 -24.52 -22.86 11.96
C TYR B 35 -25.63 -22.04 11.31
N GLU B 36 -26.83 -22.61 11.22
CA GLU B 36 -28.03 -21.98 10.60
C GLU B 36 -29.09 -21.74 11.67
N GLY B 37 -29.52 -20.48 11.83
CA GLY B 37 -30.60 -20.08 12.75
C GLY B 37 -31.88 -20.87 12.55
N GLU B 38 -32.30 -21.07 11.31
CA GLU B 38 -33.59 -21.71 11.00
C GLU B 38 -33.49 -23.20 11.36
N ALA B 39 -34.61 -23.82 11.69
CA ALA B 39 -34.82 -25.28 11.79
C ALA B 39 -34.80 -25.87 10.38
N SER B 40 -34.39 -27.13 10.23
CA SER B 40 -34.31 -27.88 8.94
C SER B 40 -35.53 -27.64 8.04
N GLY B 41 -36.75 -27.67 8.61
CA GLY B 41 -38.03 -27.50 7.88
C GLY B 41 -38.18 -26.11 7.25
N THR B 45 -39.89 -24.59 0.15
CA THR B 45 -40.57 -23.39 0.74
C THR B 45 -40.22 -22.11 -0.05
N GLN B 46 -38.94 -21.87 -0.32
CA GLN B 46 -38.45 -20.68 -1.08
C GLN B 46 -38.40 -21.04 -2.58
N GLY B 47 -39.15 -20.30 -3.41
CA GLY B 47 -39.37 -20.68 -4.82
C GLY B 47 -39.32 -19.51 -5.81
N GLY B 48 -38.73 -18.36 -5.48
CA GLY B 48 -38.28 -17.40 -6.52
C GLY B 48 -37.29 -18.04 -7.50
N THR B 49 -37.21 -17.58 -8.75
CA THR B 49 -36.27 -18.11 -9.78
C THR B 49 -35.05 -17.18 -9.92
N LEU B 50 -33.89 -17.71 -10.33
CA LEU B 50 -32.68 -16.90 -10.63
C LEU B 50 -31.79 -17.59 -11.67
N ASP B 51 -30.91 -16.86 -12.36
CA ASP B 51 -29.96 -17.51 -13.29
C ASP B 51 -28.52 -17.32 -12.78
N LEU B 52 -27.70 -18.36 -12.93
CA LEU B 52 -26.28 -18.37 -12.49
C LEU B 52 -25.45 -17.86 -13.67
N HIS B 53 -24.65 -16.81 -13.44
CA HIS B 53 -23.85 -16.11 -14.46
C HIS B 53 -22.56 -16.89 -14.69
N ASP B 54 -22.01 -16.86 -15.92
CA ASP B 54 -20.88 -17.72 -16.33
C ASP B 54 -19.58 -17.25 -15.65
N ASP B 55 -19.57 -16.04 -15.09
CA ASP B 55 -18.33 -15.47 -14.48
C ASP B 55 -18.47 -15.34 -12.96
N SER B 56 -19.54 -15.84 -12.34
CA SER B 56 -19.73 -15.75 -10.88
C SER B 56 -20.37 -17.04 -10.32
N GLY B 57 -21.70 -17.15 -10.31
CA GLY B 57 -22.39 -18.35 -9.82
C GLY B 57 -21.87 -19.65 -10.44
N GLN B 58 -21.66 -19.68 -11.75
CA GLN B 58 -21.18 -20.90 -12.45
C GLN B 58 -19.73 -21.19 -12.11
N VAL B 59 -18.91 -20.15 -11.91
CA VAL B 59 -17.50 -20.30 -11.46
C VAL B 59 -17.51 -20.95 -10.09
N ALA B 60 -18.40 -20.51 -9.21
CA ALA B 60 -18.47 -21.04 -7.83
C ALA B 60 -18.85 -22.52 -7.89
N LEU B 61 -19.84 -22.88 -8.72
CA LEU B 61 -20.27 -24.31 -8.82
C LEU B 61 -19.14 -25.17 -9.41
N GLN B 62 -18.42 -24.66 -10.42
CA GLN B 62 -17.24 -25.34 -10.99
CA GLN B 62 -17.22 -25.33 -11.00
C GLN B 62 -16.22 -25.62 -9.87
N ARG B 63 -15.89 -24.59 -9.09
CA ARG B 63 -14.92 -24.70 -7.98
C ARG B 63 -15.41 -25.73 -6.96
N ALA B 64 -16.71 -25.90 -6.80
CA ALA B 64 -17.31 -26.83 -5.81
C ALA B 64 -17.58 -28.22 -6.42
N GLY B 65 -17.30 -28.42 -7.71
CA GLY B 65 -17.51 -29.70 -8.40
C GLY B 65 -18.97 -29.98 -8.71
N LEU B 66 -19.80 -28.92 -8.86
CA LEU B 66 -21.27 -29.08 -9.02
C LEU B 66 -21.75 -28.50 -10.34
N LEU B 67 -20.86 -28.02 -11.22
CA LEU B 67 -21.33 -27.32 -12.45
C LEU B 67 -22.16 -28.28 -13.35
N GLU B 68 -21.70 -29.50 -13.55
CA GLU B 68 -22.41 -30.53 -14.37
C GLU B 68 -23.75 -30.87 -13.70
N ALA B 69 -23.77 -31.09 -12.39
CA ALA B 69 -25.02 -31.38 -11.63
C ALA B 69 -26.01 -30.23 -11.82
N PHE B 70 -25.54 -28.98 -11.72
CA PHE B 70 -26.35 -27.77 -12.00
C PHE B 70 -26.90 -27.82 -13.44
N ARG B 71 -26.02 -28.09 -14.40
CA ARG B 71 -26.43 -28.18 -15.83
C ARG B 71 -27.51 -29.26 -16.02
N ALA B 72 -27.38 -30.40 -15.36
CA ALA B 72 -28.36 -31.50 -15.45
C ALA B 72 -29.72 -31.06 -14.91
N VAL B 73 -29.78 -30.24 -13.86
CA VAL B 73 -31.08 -29.88 -13.23
C VAL B 73 -31.61 -28.53 -13.73
N ALA B 74 -30.77 -27.62 -14.24
CA ALA B 74 -31.23 -26.25 -14.60
C ALA B 74 -32.28 -26.32 -15.72
N ARG B 75 -33.14 -25.31 -15.85
CA ARG B 75 -34.01 -25.09 -17.03
C ARG B 75 -33.22 -24.31 -18.09
N HIS B 76 -33.11 -24.83 -19.33
CA HIS B 76 -32.46 -24.13 -20.46
C HIS B 76 -33.52 -23.68 -21.48
N GLU B 77 -34.76 -23.47 -21.01
CA GLU B 77 -36.01 -23.37 -21.83
C GLU B 77 -36.24 -21.94 -22.35
N GLY B 78 -35.18 -21.16 -22.66
CA GLY B 78 -35.28 -19.83 -23.28
C GLY B 78 -36.30 -18.92 -22.62
N GLN B 79 -36.34 -18.87 -21.28
CA GLN B 79 -37.13 -17.91 -20.46
C GLN B 79 -36.73 -16.49 -20.86
N GLU B 80 -37.70 -15.68 -21.26
CA GLU B 80 -37.49 -14.27 -21.70
C GLU B 80 -37.97 -13.31 -20.61
N ALA B 81 -37.35 -12.14 -20.54
CA ALA B 81 -37.78 -11.04 -19.66
C ALA B 81 -38.78 -10.18 -20.44
N ARG B 82 -39.99 -10.05 -19.95
CA ARG B 82 -41.02 -9.21 -20.64
C ARG B 82 -41.17 -7.87 -19.93
N MET B 83 -41.54 -6.86 -20.69
CA MET B 83 -41.87 -5.51 -20.19
C MET B 83 -43.38 -5.32 -20.32
N GLY B 84 -44.01 -4.80 -19.26
CA GLY B 84 -45.43 -4.40 -19.23
C GLY B 84 -45.54 -2.90 -19.14
N ASP B 85 -46.34 -2.29 -20.00
CA ASP B 85 -46.77 -0.87 -19.85
C ASP B 85 -47.83 -0.79 -18.75
N PRO B 86 -47.54 -0.08 -17.63
CA PRO B 86 -48.48 -0.01 -16.53
C PRO B 86 -49.88 0.51 -16.91
N TRP B 87 -49.95 1.37 -17.92
CA TRP B 87 -51.17 2.13 -18.26
C TRP B 87 -51.90 1.51 -19.48
N SER B 88 -51.20 1.06 -20.52
CA SER B 88 -51.82 0.32 -21.66
C SER B 88 -51.95 -1.18 -21.37
N GLY B 89 -51.12 -1.73 -20.48
CA GLY B 89 -51.15 -3.19 -20.19
C GLY B 89 -50.54 -4.02 -21.31
N GLU B 90 -49.93 -3.36 -22.29
CA GLU B 90 -49.23 -4.03 -23.42
C GLU B 90 -47.95 -4.65 -22.90
N ILE B 91 -47.66 -5.85 -23.40
CA ILE B 91 -46.52 -6.69 -22.99
C ILE B 91 -45.64 -6.90 -24.22
N THR B 92 -44.34 -6.61 -24.10
CA THR B 92 -43.31 -6.78 -25.16
C THR B 92 -42.13 -7.56 -24.61
N THR B 93 -41.14 -7.89 -25.44
CA THR B 93 -39.96 -8.70 -25.04
C THR B 93 -38.67 -7.88 -25.22
N GLY B 94 -37.82 -7.80 -24.20
CA GLY B 94 -36.42 -7.36 -24.31
C GLY B 94 -35.48 -8.48 -23.88
N LYS B 104 -28.59 -18.87 -20.54
CA LYS B 104 -29.07 -18.27 -19.24
C LYS B 104 -29.67 -19.36 -18.36
N PRO B 105 -28.87 -20.28 -17.78
CA PRO B 105 -29.42 -21.44 -17.05
C PRO B 105 -30.08 -21.01 -15.73
N GLU B 106 -31.38 -21.33 -15.56
CA GLU B 106 -32.22 -20.86 -14.43
C GLU B 106 -32.49 -22.01 -13.45
N ILE B 107 -32.67 -21.68 -12.17
CA ILE B 107 -32.97 -22.68 -11.10
C ILE B 107 -33.82 -21.95 -10.07
N ASP B 108 -34.83 -22.60 -9.50
CA ASP B 108 -35.56 -22.01 -8.36
C ASP B 108 -34.60 -21.90 -7.17
N ARG B 109 -34.77 -20.87 -6.34
CA ARG B 109 -33.89 -20.58 -5.17
C ARG B 109 -33.78 -21.83 -4.30
N GLY B 110 -34.92 -22.48 -4.04
CA GLY B 110 -34.99 -23.64 -3.13
C GLY B 110 -34.24 -24.82 -3.69
N ASP B 111 -34.30 -24.98 -5.01
CA ASP B 111 -33.62 -26.07 -5.75
C ASP B 111 -32.11 -25.85 -5.74
N LEU B 112 -31.66 -24.58 -5.82
CA LEU B 112 -30.22 -24.24 -5.69
C LEU B 112 -29.74 -24.61 -4.29
N ARG B 113 -30.45 -24.20 -3.25
CA ARG B 113 -30.09 -24.53 -1.84
C ARG B 113 -30.09 -26.04 -1.69
N GLN B 114 -31.08 -26.73 -2.25
CA GLN B 114 -31.19 -28.21 -2.15
C GLN B 114 -29.97 -28.86 -2.82
N LEU B 115 -29.53 -28.34 -3.95
CA LEU B 115 -28.37 -28.88 -4.72
C LEU B 115 -27.12 -28.89 -3.84
N LEU B 116 -26.87 -27.79 -3.13
CA LEU B 116 -25.72 -27.63 -2.23
C LEU B 116 -25.90 -28.51 -0.99
N LEU B 117 -27.09 -28.50 -0.37
CA LEU B 117 -27.36 -29.35 0.82
C LEU B 117 -27.11 -30.81 0.45
N ASP B 118 -27.62 -31.23 -0.71
CA ASP B 118 -27.59 -32.65 -1.19
C ASP B 118 -26.15 -33.08 -1.44
N ALA B 119 -25.23 -32.14 -1.67
CA ALA B 119 -23.81 -32.43 -1.98
C ALA B 119 -23.00 -32.50 -0.68
N LEU B 120 -23.57 -32.14 0.47
CA LEU B 120 -22.83 -32.02 1.76
C LEU B 120 -23.06 -33.24 2.64
N PRO B 121 -22.06 -33.64 3.47
CA PRO B 121 -22.30 -34.61 4.55
C PRO B 121 -23.48 -34.20 5.44
N ALA B 122 -24.17 -35.18 6.03
CA ALA B 122 -25.44 -35.04 6.81
C ALA B 122 -25.26 -34.10 8.01
N ASP B 123 -24.10 -34.16 8.63
CA ASP B 123 -23.80 -33.51 9.93
C ASP B 123 -23.32 -32.05 9.72
N THR B 124 -23.10 -31.60 8.49
CA THR B 124 -22.37 -30.34 8.18
C THR B 124 -23.13 -29.17 8.80
N VAL B 125 -24.44 -29.11 8.56
CA VAL B 125 -25.30 -27.98 8.96
C VAL B 125 -25.86 -28.26 10.35
N GLN B 126 -25.64 -27.35 11.29
CA GLN B 126 -26.23 -27.31 12.63
C GLN B 126 -27.41 -26.34 12.60
N TRP B 127 -28.61 -26.90 12.40
CA TRP B 127 -29.89 -26.17 12.35
C TRP B 127 -30.27 -25.69 13.76
N GLY B 128 -31.11 -24.66 13.84
CA GLY B 128 -31.54 -24.03 15.10
C GLY B 128 -30.37 -23.45 15.89
N HIS B 129 -29.27 -23.13 15.22
CA HIS B 129 -28.12 -22.41 15.83
C HIS B 129 -28.09 -20.98 15.30
N SER B 130 -28.78 -20.09 16.00
CA SER B 130 -28.84 -18.65 15.70
C SER B 130 -27.72 -17.94 16.45
N LEU B 131 -26.67 -17.46 15.75
CA LEU B 131 -25.51 -16.82 16.42
C LEU B 131 -26.00 -15.55 17.12
N THR B 132 -25.64 -15.37 18.40
CA THR B 132 -25.99 -14.15 19.19
C THR B 132 -24.73 -13.38 19.55
N ALA B 133 -23.55 -14.02 19.61
CA ALA B 133 -22.30 -13.30 19.92
C ALA B 133 -21.08 -13.98 19.30
N LEU B 134 -20.18 -13.18 18.74
CA LEU B 134 -18.80 -13.58 18.38
C LEU B 134 -17.86 -12.84 19.34
N VAL B 135 -17.04 -13.58 20.08
CA VAL B 135 -16.06 -13.08 21.08
C VAL B 135 -14.67 -13.53 20.61
N SER B 136 -13.79 -12.61 20.20
CA SER B 136 -12.48 -12.95 19.64
C SER B 136 -11.39 -12.75 20.71
N ALA B 137 -11.80 -12.73 21.98
CA ALA B 137 -10.94 -12.43 23.16
C ALA B 137 -9.79 -13.45 23.27
N GLN B 138 -10.12 -14.72 23.53
CA GLN B 138 -9.13 -15.82 23.75
C GLN B 138 -8.09 -15.84 22.62
N ALA B 139 -6.84 -16.28 22.92
CA ALA B 139 -5.81 -16.67 21.93
C ALA B 139 -6.13 -18.08 21.43
N ASN B 140 -7.04 -18.76 22.14
CA ASN B 140 -7.69 -20.04 21.72
C ASN B 140 -8.64 -19.81 20.52
N GLY B 141 -8.62 -18.62 19.90
CA GLY B 141 -9.31 -18.36 18.62
C GLY B 141 -10.52 -17.46 18.79
N HIS B 142 -11.72 -17.93 18.41
CA HIS B 142 -12.97 -17.14 18.38
C HIS B 142 -14.11 -17.91 19.06
N GLY B 143 -14.79 -17.27 19.99
CA GLY B 143 -15.95 -17.85 20.68
C GLY B 143 -17.25 -17.49 19.98
N LEU B 144 -18.11 -18.49 19.79
CA LEU B 144 -19.48 -18.36 19.25
C LEU B 144 -20.51 -18.73 20.33
N ARG B 145 -21.50 -17.89 20.54
CA ARG B 145 -22.67 -18.20 21.41
C ARG B 145 -23.92 -18.17 20.52
N PHE B 146 -24.84 -19.12 20.75
CA PHE B 146 -26.10 -19.31 20.00
C PHE B 146 -27.28 -19.05 20.93
N ALA B 147 -28.43 -18.64 20.36
CA ALA B 147 -29.67 -18.31 21.10
C ALA B 147 -30.12 -19.52 21.94
N ASN B 148 -29.75 -20.73 21.53
CA ASN B 148 -30.14 -21.98 22.23
C ASN B 148 -29.14 -22.29 23.36
N GLY B 149 -28.20 -21.37 23.65
CA GLY B 149 -27.25 -21.46 24.77
C GLY B 149 -25.98 -22.20 24.38
N VAL B 150 -25.97 -22.90 23.26
CA VAL B 150 -24.76 -23.65 22.80
C VAL B 150 -23.61 -22.67 22.69
N GLN B 151 -22.41 -23.14 23.04
CA GLN B 151 -21.14 -22.42 22.87
C GLN B 151 -20.17 -23.26 22.03
N ARG B 152 -19.40 -22.60 21.16
CA ARG B 152 -18.40 -23.27 20.29
C ARG B 152 -17.19 -22.36 20.20
N GLU B 153 -16.09 -22.91 19.76
CA GLU B 153 -14.81 -22.20 19.56
C GLU B 153 -14.29 -22.58 18.17
N ALA B 154 -13.88 -21.59 17.39
CA ALA B 154 -13.44 -21.77 15.97
C ALA B 154 -12.12 -21.05 15.77
N ASP B 155 -11.27 -21.55 14.87
CA ASP B 155 -10.03 -20.84 14.45
C ASP B 155 -10.37 -19.86 13.30
N ILE B 156 -11.33 -20.24 12.45
CA ILE B 156 -11.77 -19.44 11.27
C ILE B 156 -13.28 -19.26 11.37
N VAL B 157 -13.78 -18.03 11.21
CA VAL B 157 -15.24 -17.72 11.17
C VAL B 157 -15.56 -17.00 9.87
N ILE B 158 -16.40 -17.62 9.05
CA ILE B 158 -16.93 -17.04 7.77
C ILE B 158 -18.36 -16.59 8.08
N GLY B 159 -18.57 -15.27 8.09
CA GLY B 159 -19.92 -14.68 8.18
C GLY B 159 -20.67 -14.75 6.86
N ALA B 160 -21.61 -15.68 6.74
CA ALA B 160 -22.45 -15.86 5.54
C ALA B 160 -23.90 -15.72 5.97
N ASP B 161 -24.16 -14.80 6.90
CA ASP B 161 -25.41 -14.79 7.70
C ASP B 161 -26.33 -13.63 7.25
N GLY B 162 -26.11 -13.14 6.04
CA GLY B 162 -27.11 -12.41 5.24
C GLY B 162 -27.22 -10.94 5.59
N ALA B 163 -28.38 -10.37 5.25
CA ALA B 163 -28.68 -8.93 5.28
C ALA B 163 -28.44 -8.37 6.69
N TRP B 164 -28.76 -9.14 7.73
CA TRP B 164 -28.73 -8.69 9.15
C TRP B 164 -27.69 -9.50 9.92
N SER B 165 -26.59 -9.81 9.23
CA SER B 165 -25.42 -10.57 9.74
C SER B 165 -25.09 -10.17 11.19
N LYS B 166 -25.13 -11.15 12.09
CA LYS B 166 -24.58 -11.05 13.46
C LYS B 166 -23.04 -10.98 13.38
N VAL B 167 -22.40 -11.70 12.46
CA VAL B 167 -20.92 -11.62 12.35
C VAL B 167 -20.54 -10.19 11.93
N ARG B 168 -21.30 -9.56 11.01
CA ARG B 168 -20.99 -8.16 10.61
C ARG B 168 -21.10 -7.26 11.87
N ALA B 169 -22.12 -7.47 12.70
CA ALA B 169 -22.34 -6.69 13.96
C ALA B 169 -21.14 -6.84 14.90
N ALA B 170 -20.42 -7.95 14.89
CA ALA B 170 -19.18 -8.10 15.68
C ALA B 170 -18.05 -7.21 15.10
N LEU B 171 -18.01 -7.00 13.80
CA LEU B 171 -16.89 -6.32 13.10
C LEU B 171 -17.20 -4.84 12.84
N SER B 172 -18.45 -4.42 13.01
CA SER B 172 -18.91 -3.07 12.62
C SER B 172 -20.18 -2.72 13.37
N THR B 173 -20.35 -1.44 13.65
CA THR B 173 -21.61 -0.85 14.17
C THR B 173 -22.47 -0.37 13.01
N CYS B 174 -21.98 -0.46 11.76
CA CYS B 174 -22.67 0.09 10.56
C CYS B 174 -23.84 -0.85 10.18
N GLN B 175 -25.04 -0.30 10.02
CA GLN B 175 -26.31 -1.03 9.76
C GLN B 175 -26.72 -0.81 8.30
N PRO B 176 -27.42 -1.76 7.65
CA PRO B 176 -28.11 -1.46 6.40
C PRO B 176 -29.10 -0.30 6.58
N LEU B 177 -29.26 0.48 5.52
CA LEU B 177 -30.13 1.66 5.45
C LEU B 177 -31.31 1.35 4.54
N PRO B 178 -32.51 1.86 4.87
CA PRO B 178 -33.66 1.71 4.00
C PRO B 178 -33.46 2.46 2.67
N THR B 179 -33.89 1.86 1.56
CA THR B 179 -33.83 2.45 0.20
C THR B 179 -35.00 3.42 -0.02
N GLY B 180 -36.03 3.36 0.83
CA GLY B 180 -37.30 4.07 0.58
C GLY B 180 -38.28 3.28 -0.26
N ILE B 181 -37.90 2.05 -0.63
CA ILE B 181 -38.78 1.12 -1.41
C ILE B 181 -39.06 -0.08 -0.53
N THR B 182 -40.31 -0.54 -0.56
CA THR B 182 -40.78 -1.79 0.09
C THR B 182 -41.41 -2.66 -1.00
N PHE B 183 -41.04 -3.92 -1.05
CA PHE B 183 -41.64 -4.96 -1.91
C PHE B 183 -42.74 -5.63 -1.10
N PHE B 184 -43.94 -5.74 -1.67
CA PHE B 184 -45.01 -6.60 -1.13
C PHE B 184 -45.06 -7.84 -2.01
N GLU B 185 -44.71 -8.96 -1.40
CA GLU B 185 -44.53 -10.25 -2.09
C GLU B 185 -45.83 -11.04 -1.99
N GLY B 186 -46.39 -11.39 -3.14
CA GLY B 186 -47.55 -12.28 -3.28
C GLY B 186 -47.20 -13.51 -4.13
N TRP B 187 -48.02 -14.55 -4.01
CA TRP B 187 -47.92 -15.78 -4.83
C TRP B 187 -49.28 -16.06 -5.47
N ILE B 188 -49.26 -16.52 -6.72
CA ILE B 188 -50.41 -17.10 -7.44
C ILE B 188 -50.05 -18.56 -7.69
N ALA B 189 -50.61 -19.47 -6.89
CA ALA B 189 -50.30 -20.93 -6.89
C ALA B 189 -50.87 -21.58 -8.14
N GLN B 190 -52.05 -21.16 -8.60
CA GLN B 190 -52.65 -21.71 -9.84
C GLN B 190 -53.16 -20.55 -10.68
N PRO B 191 -52.26 -19.94 -11.49
CA PRO B 191 -52.64 -18.82 -12.32
C PRO B 191 -53.68 -19.25 -13.35
N ALA B 192 -54.76 -18.48 -13.50
CA ALA B 192 -55.70 -18.54 -14.63
C ALA B 192 -54.89 -18.57 -15.95
N ALA B 193 -55.49 -19.07 -17.03
CA ALA B 193 -54.82 -19.19 -18.35
C ALA B 193 -54.33 -17.82 -18.83
N ASP B 194 -55.17 -16.81 -18.71
CA ASP B 194 -54.88 -15.47 -19.28
C ASP B 194 -53.64 -14.86 -18.62
N ILE B 195 -53.52 -14.88 -17.28
CA ILE B 195 -52.37 -14.24 -16.58
C ILE B 195 -51.12 -15.11 -16.78
N ALA B 196 -51.26 -16.43 -16.83
CA ALA B 196 -50.12 -17.33 -17.09
C ALA B 196 -49.55 -17.03 -18.49
N ALA B 197 -50.41 -16.76 -19.47
CA ALA B 197 -50.00 -16.47 -20.87
C ALA B 197 -49.32 -15.09 -20.94
N MET B 198 -49.80 -14.13 -20.15
CA MET B 198 -49.29 -12.74 -20.14
C MET B 198 -47.88 -12.71 -19.56
N VAL B 199 -47.63 -13.49 -18.49
CA VAL B 199 -46.31 -13.50 -17.80
C VAL B 199 -45.34 -14.29 -18.66
N GLY B 200 -45.81 -15.41 -19.21
CA GLY B 200 -44.94 -16.38 -19.89
C GLY B 200 -44.17 -17.24 -18.90
N GLN B 201 -43.12 -17.89 -19.39
CA GLN B 201 -42.29 -18.87 -18.66
C GLN B 201 -41.24 -18.12 -17.82
N GLY B 202 -40.95 -16.86 -18.14
CA GLY B 202 -39.91 -16.11 -17.44
C GLY B 202 -40.48 -15.06 -16.51
N SER B 203 -40.14 -13.81 -16.79
CA SER B 203 -40.38 -12.61 -15.95
C SER B 203 -41.18 -11.57 -16.71
N LEU B 204 -41.96 -10.78 -15.97
CA LEU B 204 -42.67 -9.59 -16.49
C LEU B 204 -42.34 -8.43 -15.54
N PHE B 205 -41.71 -7.37 -16.08
CA PHE B 205 -41.34 -6.16 -15.31
C PHE B 205 -42.20 -4.99 -15.80
N CYS B 206 -42.87 -4.30 -14.87
CA CYS B 206 -43.72 -3.10 -15.13
C CYS B 206 -43.26 -1.94 -14.23
N PHE B 207 -42.72 -0.87 -14.82
CA PHE B 207 -42.22 0.31 -14.09
C PHE B 207 -43.21 1.46 -14.23
N GLY B 208 -43.91 1.80 -13.15
CA GLY B 208 -44.94 2.85 -13.15
C GLY B 208 -44.54 4.08 -12.33
N GLY B 209 -43.25 4.33 -12.18
CA GLY B 209 -42.74 5.37 -11.26
C GLY B 209 -42.62 4.88 -9.82
N GLU B 210 -43.41 5.44 -8.91
CA GLU B 210 -43.35 5.14 -7.46
C GLU B 210 -44.12 3.85 -7.16
N GLU B 211 -44.77 3.27 -8.17
CA GLU B 211 -45.35 1.91 -8.13
C GLU B 211 -44.68 1.08 -9.23
N ALA B 212 -44.26 -0.15 -8.94
CA ALA B 212 -43.77 -1.09 -9.95
C ALA B 212 -44.30 -2.49 -9.66
N LEU B 213 -44.28 -3.34 -10.69
CA LEU B 213 -44.78 -4.74 -10.56
C LEU B 213 -43.77 -5.68 -11.22
N PHE B 214 -43.25 -6.63 -10.46
CA PHE B 214 -42.27 -7.64 -10.92
C PHE B 214 -42.88 -9.02 -10.71
N VAL B 215 -43.06 -9.76 -11.79
CA VAL B 215 -43.70 -11.11 -11.75
C VAL B 215 -42.73 -12.11 -12.36
N GLN B 216 -42.53 -13.26 -11.72
CA GLN B 216 -41.71 -14.36 -12.30
CA GLN B 216 -41.72 -14.35 -12.29
C GLN B 216 -42.46 -15.68 -12.11
N ARG B 217 -42.47 -16.52 -13.16
CA ARG B 217 -42.95 -17.92 -13.05
C ARG B 217 -41.80 -18.80 -12.57
N ASN B 218 -42.01 -19.60 -11.54
CA ASN B 218 -40.97 -20.58 -11.09
C ASN B 218 -41.21 -21.95 -11.74
N SER B 219 -40.40 -22.95 -11.38
CA SER B 219 -40.39 -24.30 -12.03
C SER B 219 -41.68 -25.09 -11.73
N ARG B 220 -42.50 -24.68 -10.76
CA ARG B 220 -43.75 -25.40 -10.41
C ARG B 220 -44.97 -24.65 -10.97
N ASP B 221 -44.75 -23.76 -11.94
CA ASP B 221 -45.79 -22.92 -12.61
C ASP B 221 -46.54 -22.07 -11.58
N ARG B 222 -45.88 -21.65 -10.52
CA ARG B 222 -46.43 -20.63 -9.57
C ARG B 222 -45.85 -19.27 -9.97
N LEU B 223 -46.61 -18.20 -9.80
CA LEU B 223 -46.15 -16.82 -10.10
C LEU B 223 -45.75 -16.13 -8.79
N CYS B 224 -44.51 -15.66 -8.70
CA CYS B 224 -44.04 -14.78 -7.60
C CYS B 224 -44.31 -13.33 -8.02
N VAL B 225 -45.05 -12.59 -7.19
CA VAL B 225 -45.43 -11.19 -7.50
C VAL B 225 -44.77 -10.29 -6.46
N TYR B 226 -44.02 -9.30 -6.91
CA TYR B 226 -43.52 -8.19 -6.07
C TYR B 226 -44.26 -6.92 -6.48
N ALA B 227 -45.09 -6.41 -5.59
CA ALA B 227 -45.64 -5.04 -5.68
C ALA B 227 -44.64 -4.10 -4.97
N ALA B 228 -43.84 -3.37 -5.77
CA ALA B 228 -42.74 -2.51 -5.28
C ALA B 228 -43.29 -1.07 -5.15
N LEU B 229 -43.27 -0.54 -3.92
CA LEU B 229 -43.82 0.80 -3.60
C LEU B 229 -42.70 1.67 -3.02
N LYS B 230 -42.48 2.83 -3.66
CA LYS B 230 -41.68 3.94 -3.07
C LYS B 230 -42.58 4.69 -2.08
N ARG B 231 -42.49 4.34 -0.80
CA ARG B 231 -43.28 4.92 0.30
C ARG B 231 -42.42 4.84 1.56
N SER B 232 -42.51 5.82 2.45
CA SER B 232 -41.80 5.79 3.76
C SER B 232 -42.35 4.62 4.59
N SER B 233 -41.53 4.03 5.44
CA SER B 233 -41.96 3.03 6.44
C SER B 233 -43.11 3.58 7.29
N GLU B 234 -43.00 4.84 7.72
CA GLU B 234 -44.02 5.52 8.56
CA GLU B 234 -44.03 5.51 8.57
C GLU B 234 -45.36 5.57 7.80
N TRP B 235 -45.33 6.00 6.53
CA TRP B 235 -46.55 6.06 5.68
C TRP B 235 -47.17 4.67 5.56
N LEU B 236 -46.37 3.64 5.24
CA LEU B 236 -46.87 2.26 5.08
C LEU B 236 -47.49 1.75 6.40
N ASP B 237 -46.85 2.01 7.54
CA ASP B 237 -47.37 1.63 8.89
C ASP B 237 -48.78 2.18 9.08
N ALA B 238 -48.97 3.48 8.85
CA ALA B 238 -50.27 4.18 9.02
C ALA B 238 -51.32 3.54 8.11
N GLN B 239 -51.02 3.44 6.81
CA GLN B 239 -51.97 2.97 5.78
C GLN B 239 -52.37 1.51 6.04
N ILE B 240 -51.42 0.64 6.38
CA ILE B 240 -51.66 -0.81 6.66
C ILE B 240 -52.50 -0.93 7.95
N ALA B 241 -52.13 -0.17 9.00
CA ALA B 241 -52.86 -0.13 10.30
C ALA B 241 -54.36 0.16 10.03
N GLN B 242 -54.62 1.12 9.13
CA GLN B 242 -55.98 1.59 8.76
C GLN B 242 -56.68 0.57 7.84
N HIS B 243 -56.07 0.22 6.69
CA HIS B 243 -56.73 -0.50 5.56
C HIS B 243 -56.38 -1.98 5.50
N GLY B 244 -55.31 -2.43 6.19
CA GLY B 244 -54.77 -3.80 6.03
C GLY B 244 -53.86 -3.89 4.82
N ILE B 245 -52.99 -4.93 4.73
CA ILE B 245 -51.92 -5.00 3.68
C ILE B 245 -52.59 -5.06 2.30
N ARG B 246 -53.52 -5.99 2.12
CA ARG B 246 -54.06 -6.34 0.78
C ARG B 246 -54.68 -5.11 0.13
N THR B 247 -55.56 -4.41 0.86
CA THR B 247 -56.27 -3.20 0.36
C THR B 247 -55.25 -2.11 0.07
N LEU B 248 -54.25 -1.90 0.94
CA LEU B 248 -53.23 -0.84 0.71
C LEU B 248 -52.48 -1.15 -0.58
N VAL B 249 -52.01 -2.39 -0.74
CA VAL B 249 -51.15 -2.78 -1.89
C VAL B 249 -51.98 -2.59 -3.17
N THR B 250 -53.15 -3.21 -3.25
CA THR B 250 -54.00 -3.18 -4.48
C THR B 250 -54.42 -1.73 -4.78
N GLY B 251 -54.71 -0.94 -3.75
CA GLY B 251 -55.11 0.47 -3.82
C GLY B 251 -54.10 1.35 -4.52
N CYS B 252 -52.81 1.00 -4.50
CA CYS B 252 -51.71 1.83 -5.09
C CYS B 252 -51.64 1.65 -6.62
N TYR B 253 -52.34 0.66 -7.18
CA TYR B 253 -52.29 0.31 -8.62
C TYR B 253 -53.63 0.64 -9.34
N THR B 254 -54.53 1.45 -8.76
CA THR B 254 -55.90 1.64 -9.32
C THR B 254 -55.83 2.39 -10.67
N GLY B 255 -54.77 3.15 -10.93
CA GLY B 255 -54.61 3.79 -12.25
C GLY B 255 -53.96 2.88 -13.29
N TRP B 256 -53.66 1.62 -12.97
CA TRP B 256 -52.94 0.70 -13.90
C TRP B 256 -53.96 0.00 -14.81
N ALA B 257 -53.51 -0.46 -15.98
CA ALA B 257 -54.29 -1.31 -16.90
C ALA B 257 -54.95 -2.44 -16.13
N THR B 258 -56.19 -2.76 -16.50
CA THR B 258 -57.03 -3.82 -15.88
C THR B 258 -56.31 -5.16 -15.90
N ASN B 259 -55.63 -5.51 -17.01
CA ASN B 259 -54.96 -6.84 -17.08
C ASN B 259 -53.92 -6.93 -15.95
N LEU B 260 -53.15 -5.88 -15.71
CA LEU B 260 -52.06 -5.92 -14.72
C LEU B 260 -52.65 -5.91 -13.31
N ARG B 261 -53.76 -5.22 -13.10
CA ARG B 261 -54.43 -5.15 -11.78
C ARG B 261 -55.03 -6.51 -11.44
N ARG B 262 -55.53 -7.25 -12.42
CA ARG B 262 -56.12 -8.61 -12.21
C ARG B 262 -55.01 -9.53 -11.70
N LEU B 263 -53.85 -9.48 -12.33
CA LEU B 263 -52.63 -10.22 -11.91
C LEU B 263 -52.39 -9.94 -10.42
N LEU B 264 -52.45 -8.68 -10.01
CA LEU B 264 -52.18 -8.27 -8.61
C LEU B 264 -53.27 -8.84 -7.70
N GLU B 265 -54.53 -8.74 -8.12
CA GLU B 265 -55.70 -9.13 -7.29
C GLU B 265 -55.78 -10.67 -7.16
N ALA B 266 -55.10 -11.44 -8.02
CA ALA B 266 -55.03 -12.92 -7.93
C ALA B 266 -54.14 -13.37 -6.76
N CYS B 267 -53.29 -12.49 -6.21
CA CYS B 267 -52.44 -12.85 -5.06
C CYS B 267 -53.32 -12.99 -3.82
N THR B 268 -53.20 -14.09 -3.08
CA THR B 268 -54.00 -14.33 -1.85
C THR B 268 -53.52 -13.37 -0.77
N ASP B 269 -52.25 -13.53 -0.38
CA ASP B 269 -51.58 -12.81 0.74
C ASP B 269 -50.48 -11.91 0.16
N PHE B 270 -50.04 -10.90 0.90
CA PHE B 270 -48.79 -10.15 0.65
C PHE B 270 -47.97 -10.08 1.93
N VAL B 271 -46.67 -10.35 1.83
CA VAL B 271 -45.69 -10.17 2.93
C VAL B 271 -44.93 -8.86 2.67
N ARG B 272 -44.74 -8.05 3.70
CA ARG B 272 -44.00 -6.78 3.62
C ARG B 272 -42.50 -7.04 3.70
N ARG B 273 -41.76 -6.66 2.66
CA ARG B 273 -40.28 -6.84 2.54
C ARG B 273 -39.63 -5.48 2.27
N PRO B 274 -39.33 -4.72 3.34
CA PRO B 274 -38.60 -3.46 3.21
C PRO B 274 -37.28 -3.75 2.50
N ILE B 275 -36.86 -2.90 1.55
CA ILE B 275 -35.58 -3.08 0.82
C ILE B 275 -34.51 -2.20 1.45
N TYR B 276 -33.52 -2.84 2.04
CA TYR B 276 -32.37 -2.21 2.73
C TYR B 276 -31.15 -2.44 1.84
N SER B 277 -30.12 -1.63 2.03
CA SER B 277 -28.81 -1.74 1.38
C SER B 277 -27.76 -1.24 2.36
N LEU B 278 -26.59 -1.86 2.39
CA LEU B 278 -25.39 -1.19 2.92
C LEU B 278 -25.07 -0.03 1.99
N PRO B 279 -24.43 1.01 2.53
CA PRO B 279 -23.95 2.13 1.72
C PRO B 279 -22.72 1.68 0.91
N ALA B 280 -22.52 2.30 -0.23
CA ALA B 280 -21.42 1.95 -1.17
C ALA B 280 -20.07 2.13 -0.50
N ASP B 281 -19.98 3.05 0.44
CA ASP B 281 -18.72 3.34 1.20
C ASP B 281 -18.54 2.40 2.40
N PHE B 282 -19.38 1.36 2.56
CA PHE B 282 -19.32 0.44 3.72
C PHE B 282 -17.90 -0.13 3.82
N CYS B 283 -17.36 -0.14 5.01
CA CYS B 283 -16.08 -0.80 5.34
C CYS B 283 -16.20 -1.43 6.72
N TRP B 284 -15.29 -2.35 7.01
CA TRP B 284 -15.06 -2.86 8.37
C TRP B 284 -13.56 -3.01 8.52
N THR B 285 -13.07 -2.82 9.75
CA THR B 285 -11.66 -3.05 10.07
C THR B 285 -11.41 -4.55 9.95
N PRO B 286 -10.47 -4.99 9.09
CA PRO B 286 -10.15 -6.41 8.95
C PRO B 286 -9.79 -7.04 10.29
N ARG B 287 -10.30 -8.25 10.52
CA ARG B 287 -9.99 -9.03 11.75
C ARG B 287 -9.38 -10.36 11.33
N ASP B 288 -8.24 -10.75 11.91
CA ASP B 288 -7.58 -12.04 11.57
C ASP B 288 -8.56 -13.19 11.83
N GLY B 289 -8.72 -14.08 10.85
CA GLY B 289 -9.50 -15.31 11.00
C GLY B 289 -11.00 -15.13 10.94
N VAL B 290 -11.50 -13.91 10.69
CA VAL B 290 -12.95 -13.63 10.53
C VAL B 290 -13.16 -12.88 9.21
N THR B 291 -14.14 -13.28 8.42
CA THR B 291 -14.52 -12.47 7.22
C THR B 291 -16.03 -12.57 6.95
N LEU B 292 -16.49 -11.75 6.01
CA LEU B 292 -17.89 -11.65 5.57
C LEU B 292 -17.94 -11.96 4.09
N ILE B 293 -18.96 -12.74 3.68
CA ILE B 293 -19.25 -13.01 2.26
C ILE B 293 -20.75 -12.79 2.02
N GLY B 294 -21.08 -12.55 0.75
CA GLY B 294 -22.47 -12.37 0.31
C GLY B 294 -23.08 -11.12 0.92
N ASP B 295 -24.35 -11.22 1.29
CA ASP B 295 -25.15 -10.10 1.82
C ASP B 295 -24.52 -9.58 3.12
N ALA B 296 -23.92 -10.45 3.92
CA ALA B 296 -23.21 -10.01 5.14
C ALA B 296 -22.16 -8.93 4.83
N ALA B 297 -21.45 -9.08 3.71
CA ALA B 297 -20.32 -8.22 3.29
C ALA B 297 -20.81 -7.01 2.51
N HIS B 298 -21.85 -7.13 1.71
CA HIS B 298 -22.18 -6.07 0.73
C HIS B 298 -23.65 -6.14 0.27
N LEU B 299 -24.59 -6.36 1.18
CA LEU B 299 -26.05 -6.23 0.91
C LEU B 299 -26.29 -5.01 0.06
N MET B 300 -26.97 -5.21 -1.07
CA MET B 300 -27.35 -4.12 -1.97
C MET B 300 -28.74 -4.40 -2.50
N PRO B 301 -29.40 -3.44 -3.18
CA PRO B 301 -30.81 -3.63 -3.57
C PRO B 301 -30.89 -4.80 -4.56
N PRO B 302 -32.08 -5.38 -4.76
CA PRO B 302 -32.22 -6.57 -5.62
C PRO B 302 -32.18 -6.26 -7.13
N VAL B 303 -30.98 -6.08 -7.67
CA VAL B 303 -30.76 -5.63 -9.06
C VAL B 303 -30.23 -6.81 -9.89
N GLY B 304 -30.10 -7.99 -9.30
CA GLY B 304 -29.76 -9.25 -10.02
C GLY B 304 -28.32 -9.70 -9.82
N VAL B 305 -27.69 -9.32 -8.71
CA VAL B 305 -26.26 -9.66 -8.41
C VAL B 305 -26.14 -10.55 -7.18
N GLY B 306 -27.17 -10.65 -6.34
CA GLY B 306 -26.99 -11.09 -4.93
C GLY B 306 -26.49 -12.54 -4.81
N VAL B 307 -27.22 -13.49 -5.40
CA VAL B 307 -26.87 -14.93 -5.28
C VAL B 307 -25.53 -15.16 -5.98
N ASN B 308 -25.37 -14.57 -7.17
CA ASN B 308 -24.13 -14.76 -7.97
C ASN B 308 -22.90 -14.25 -7.20
N LEU B 309 -22.99 -13.05 -6.62
CA LEU B 309 -21.88 -12.52 -5.80
C LEU B 309 -21.67 -13.40 -4.57
N ALA B 310 -22.73 -13.79 -3.88
CA ALA B 310 -22.64 -14.58 -2.63
C ALA B 310 -21.81 -15.85 -2.91
N MET B 311 -22.12 -16.55 -4.00
CA MET B 311 -21.47 -17.82 -4.37
C MET B 311 -20.03 -17.56 -4.82
N LEU B 312 -19.80 -16.50 -5.59
CA LEU B 312 -18.42 -16.19 -6.05
C LEU B 312 -17.54 -15.89 -4.84
N ASP B 313 -18.01 -15.03 -3.91
CA ASP B 313 -17.34 -14.67 -2.64
C ASP B 313 -16.97 -15.93 -1.86
N ALA B 314 -17.95 -16.82 -1.64
CA ALA B 314 -17.76 -18.10 -0.93
C ALA B 314 -16.61 -18.86 -1.58
N SER B 315 -16.62 -18.95 -2.92
CA SER B 315 -15.63 -19.73 -3.70
C SER B 315 -14.25 -19.08 -3.60
N ASP B 316 -14.16 -17.74 -3.61
CA ASP B 316 -12.86 -17.04 -3.45
C ASP B 316 -12.26 -17.38 -2.08
N VAL B 317 -13.04 -17.26 -1.01
CA VAL B 317 -12.56 -17.46 0.38
C VAL B 317 -12.21 -18.93 0.60
N ALA B 318 -13.07 -19.85 0.18
CA ALA B 318 -12.91 -21.29 0.42
C ALA B 318 -11.72 -21.81 -0.40
N MET B 319 -11.57 -21.39 -1.67
CA MET B 319 -10.42 -21.80 -2.52
CA MET B 319 -10.42 -21.83 -2.51
C MET B 319 -9.10 -21.37 -1.85
N ALA B 320 -9.06 -20.13 -1.37
CA ALA B 320 -7.86 -19.54 -0.73
C ALA B 320 -7.47 -20.39 0.47
N LEU B 321 -8.44 -20.84 1.27
CA LEU B 321 -8.20 -21.63 2.50
C LEU B 321 -7.75 -23.05 2.14
N CYS B 322 -8.11 -23.53 0.95
CA CYS B 322 -7.72 -24.87 0.42
C CYS B 322 -6.34 -24.81 -0.25
N ALA B 323 -5.97 -23.68 -0.87
CA ALA B 323 -4.78 -23.56 -1.74
C ALA B 323 -3.53 -23.24 -0.91
N ARG B 324 -3.68 -22.56 0.24
CA ARG B 324 -2.56 -21.90 0.99
C ARG B 324 -2.52 -22.48 2.39
N PRO B 325 -1.31 -22.78 2.94
CA PRO B 325 -1.22 -23.26 4.32
C PRO B 325 -1.45 -22.16 5.38
N ASP B 326 -1.19 -20.88 5.07
CA ASP B 326 -1.42 -19.73 5.99
C ASP B 326 -2.88 -19.24 5.86
N ALA B 327 -3.76 -19.75 6.72
CA ALA B 327 -5.23 -19.52 6.68
C ALA B 327 -5.52 -18.03 6.85
N ILE B 328 -4.92 -17.38 7.87
CA ILE B 328 -5.18 -15.95 8.18
C ILE B 328 -4.82 -15.11 6.94
N SER B 329 -3.67 -15.36 6.32
CA SER B 329 -3.18 -14.58 5.17
C SER B 329 -4.05 -14.87 3.93
N ALA B 330 -4.46 -16.13 3.75
CA ALA B 330 -5.36 -16.54 2.66
C ALA B 330 -6.69 -15.78 2.75
N MET B 331 -7.30 -15.78 3.93
CA MET B 331 -8.56 -15.05 4.25
C MET B 331 -8.37 -13.56 3.95
N ARG B 332 -7.27 -12.96 4.42
CA ARG B 332 -6.99 -11.51 4.23
C ARG B 332 -6.98 -11.19 2.74
N ASP B 333 -6.34 -12.03 1.92
CA ASP B 333 -6.20 -11.77 0.46
C ASP B 333 -7.57 -11.92 -0.23
N ALA B 334 -8.33 -12.93 0.16
CA ALA B 334 -9.65 -13.24 -0.44
C ALA B 334 -10.63 -12.12 -0.10
N GLU B 335 -10.55 -11.59 1.13
CA GLU B 335 -11.42 -10.49 1.62
C GLU B 335 -11.19 -9.25 0.73
N VAL B 336 -9.94 -8.96 0.38
CA VAL B 336 -9.62 -7.76 -0.45
C VAL B 336 -10.38 -7.91 -1.77
N LEU B 337 -10.30 -9.09 -2.38
CA LEU B 337 -10.94 -9.39 -3.68
C LEU B 337 -12.47 -9.23 -3.53
N VAL B 338 -13.06 -9.85 -2.50
CA VAL B 338 -14.52 -9.75 -2.22
C VAL B 338 -14.89 -8.27 -2.15
N ARG B 339 -14.14 -7.51 -1.35
CA ARG B 339 -14.55 -6.12 -1.02
C ARG B 339 -14.33 -5.24 -2.24
N GLU B 340 -13.23 -5.42 -2.98
CA GLU B 340 -12.95 -4.56 -4.17
C GLU B 340 -14.00 -4.82 -5.26
N ARG B 341 -14.36 -6.09 -5.46
CA ARG B 341 -15.39 -6.48 -6.47
C ARG B 341 -16.73 -5.83 -6.10
N ALA B 342 -17.16 -5.93 -4.85
CA ALA B 342 -18.47 -5.40 -4.39
C ALA B 342 -18.49 -3.86 -4.44
N ARG B 343 -17.40 -3.20 -4.03
CA ARG B 343 -17.30 -1.72 -4.06
C ARG B 343 -17.45 -1.18 -5.49
N ALA B 344 -16.93 -1.88 -6.50
CA ALA B 344 -17.06 -1.50 -7.93
C ALA B 344 -18.52 -1.61 -8.37
N LEU B 345 -19.35 -2.46 -7.75
CA LEU B 345 -20.74 -2.72 -8.19
C LEU B 345 -21.75 -1.92 -7.39
N MET B 346 -21.46 -1.51 -6.15
CA MET B 346 -22.51 -1.01 -5.24
C MET B 346 -23.07 0.35 -5.67
N PRO B 347 -22.26 1.35 -6.11
CA PRO B 347 -22.83 2.64 -6.49
C PRO B 347 -23.89 2.54 -7.59
N ASP B 348 -23.62 1.80 -8.67
CA ASP B 348 -24.57 1.57 -9.79
C ASP B 348 -25.80 0.81 -9.31
N ALA B 349 -25.62 -0.19 -8.45
CA ALA B 349 -26.74 -0.97 -7.89
C ALA B 349 -27.64 -0.02 -7.09
N ILE B 350 -27.06 0.79 -6.21
CA ILE B 350 -27.83 1.66 -5.28
C ILE B 350 -28.54 2.74 -6.12
N GLU B 351 -27.79 3.44 -6.99
CA GLU B 351 -28.36 4.55 -7.80
C GLU B 351 -29.30 3.98 -8.86
N GLY B 352 -28.91 2.92 -9.55
CA GLY B 352 -29.76 2.21 -10.53
C GLY B 352 -31.12 1.86 -9.95
N PHE B 353 -31.12 1.23 -8.77
CA PHE B 353 -32.37 0.87 -8.05
C PHE B 353 -33.26 2.10 -7.85
N GLN B 354 -32.70 3.19 -7.33
CA GLN B 354 -33.43 4.48 -7.15
C GLN B 354 -34.05 4.94 -8.49
N ARG B 355 -33.33 4.82 -9.59
CA ARG B 355 -33.81 5.27 -10.92
C ARG B 355 -34.97 4.40 -11.44
N TRP B 356 -35.16 3.17 -10.95
CA TRP B 356 -36.38 2.40 -11.31
C TRP B 356 -37.65 3.16 -10.89
N PHE B 357 -37.59 4.01 -9.86
CA PHE B 357 -38.80 4.59 -9.21
C PHE B 357 -38.92 6.09 -9.46
N ILE B 358 -38.18 6.66 -10.39
CA ILE B 358 -38.21 8.11 -10.75
C ILE B 358 -39.53 8.46 -11.48
N THR B 359 -40.07 9.69 -11.33
CA THR B 359 -41.36 10.13 -11.96
C THR B 359 -41.20 11.48 -12.68
N HIS C 5 -0.27 23.69 -9.98
CA HIS C 5 -0.89 24.71 -9.06
C HIS C 5 -0.60 24.34 -7.61
N PRO C 6 -0.25 25.29 -6.71
CA PRO C 6 -0.28 25.02 -5.27
C PRO C 6 -1.72 24.74 -4.84
N PRO C 7 -1.97 23.66 -4.06
CA PRO C 7 -3.35 23.26 -3.75
C PRO C 7 -4.12 24.25 -2.89
N ARG C 8 -5.41 24.44 -3.20
CA ARG C 8 -6.41 25.12 -2.33
C ARG C 8 -6.77 24.16 -1.17
N ILE C 9 -6.32 24.47 0.04
CA ILE C 9 -6.54 23.61 1.25
C ILE C 9 -7.64 24.25 2.10
N ALA C 10 -8.73 23.51 2.32
CA ALA C 10 -9.84 23.86 3.22
C ALA C 10 -9.71 23.02 4.50
N VAL C 11 -9.58 23.67 5.65
CA VAL C 11 -9.76 23.03 6.98
C VAL C 11 -11.18 23.32 7.48
N ILE C 12 -11.91 22.27 7.87
CA ILE C 12 -13.27 22.42 8.48
C ILE C 12 -13.06 22.29 9.98
N GLY C 13 -13.23 23.39 10.70
CA GLY C 13 -13.19 23.44 12.18
C GLY C 13 -11.99 24.18 12.69
N ALA C 14 -12.23 25.12 13.61
CA ALA C 14 -11.19 25.96 14.23
C ALA C 14 -11.03 25.56 15.69
N GLY C 15 -11.01 24.27 15.97
CA GLY C 15 -10.53 23.70 17.24
C GLY C 15 -9.02 23.52 17.22
N PRO C 16 -8.45 22.87 18.25
CA PRO C 16 -7.03 22.61 18.31
C PRO C 16 -6.50 21.88 17.06
N ALA C 17 -7.18 20.86 16.53
CA ALA C 17 -6.73 20.14 15.32
C ALA C 17 -6.66 21.12 14.14
N GLY C 18 -7.76 21.79 13.82
CA GLY C 18 -7.85 22.62 12.61
C GLY C 18 -6.89 23.81 12.64
N LEU C 19 -6.79 24.47 13.79
CA LEU C 19 -5.90 25.65 13.94
C LEU C 19 -4.45 25.20 13.84
N THR C 20 -4.12 24.05 14.45
CA THR C 20 -2.72 23.53 14.43
C THR C 20 -2.35 23.20 12.99
N ALA C 21 -3.23 22.53 12.25
CA ALA C 21 -3.01 22.17 10.83
C ALA C 21 -2.82 23.46 10.02
N ALA C 22 -3.72 24.43 10.16
CA ALA C 22 -3.67 25.69 9.38
C ALA C 22 -2.34 26.43 9.64
N LEU C 23 -1.88 26.45 10.88
CA LEU C 23 -0.64 27.20 11.25
C LEU C 23 0.58 26.50 10.65
N ILE C 24 0.66 25.16 10.70
CA ILE C 24 1.84 24.45 10.13
C ILE C 24 1.84 24.61 8.61
N LEU C 25 0.66 24.51 7.96
CA LEU C 25 0.51 24.67 6.50
C LEU C 25 0.93 26.10 6.13
N HIS C 26 0.37 27.11 6.79
CA HIS C 26 0.69 28.54 6.56
C HIS C 26 2.20 28.77 6.64
N ARG C 27 2.85 28.25 7.67
CA ARG C 27 4.29 28.47 7.90
C ARG C 27 5.12 27.70 6.86
N GLY C 28 4.55 26.69 6.20
CA GLY C 28 5.19 25.96 5.10
C GLY C 28 4.91 26.59 3.75
N GLY C 29 4.17 27.71 3.71
CA GLY C 29 3.90 28.47 2.47
C GLY C 29 2.70 27.96 1.70
N HIS C 30 1.88 27.10 2.29
CA HIS C 30 0.62 26.61 1.66
C HIS C 30 -0.48 27.67 1.80
N ARG C 31 -1.44 27.69 0.88
CA ARG C 31 -2.65 28.53 0.97
C ARG C 31 -3.69 27.70 1.74
N VAL C 32 -4.15 28.21 2.88
CA VAL C 32 -5.12 27.50 3.75
C VAL C 32 -6.20 28.46 4.23
N SER C 33 -7.46 28.03 4.16
CA SER C 33 -8.63 28.61 4.85
C SER C 33 -9.15 27.61 5.89
N VAL C 34 -9.59 28.12 7.03
CA VAL C 34 -10.36 27.37 8.05
C VAL C 34 -11.79 27.87 8.02
N TYR C 35 -12.76 26.98 7.85
CA TYR C 35 -14.21 27.29 7.95
C TYR C 35 -14.69 26.84 9.32
N GLU C 36 -15.11 27.80 10.15
CA GLU C 36 -15.62 27.56 11.54
C GLU C 36 -17.11 27.92 11.60
N GLY C 37 -17.94 26.98 12.01
CA GLY C 37 -19.38 27.17 12.21
C GLY C 37 -19.70 28.33 13.14
N GLU C 38 -19.00 28.43 14.26
CA GLU C 38 -19.28 29.45 15.29
C GLU C 38 -18.93 30.84 14.74
N ALA C 39 -19.63 31.86 15.23
CA ALA C 39 -19.31 33.29 15.03
C ALA C 39 -18.11 33.62 15.89
N SER C 40 -17.28 34.60 15.50
CA SER C 40 -16.04 35.02 16.20
C SER C 40 -16.20 35.08 17.72
N GLY C 41 -17.30 35.65 18.24
CA GLY C 41 -17.55 35.83 19.69
C GLY C 41 -17.76 34.51 20.41
N THR C 45 -14.76 32.23 26.88
CA THR C 45 -15.94 31.36 27.12
C THR C 45 -15.51 29.96 27.58
N GLN C 46 -14.59 29.30 26.86
CA GLN C 46 -14.11 27.94 27.22
C GLN C 46 -12.87 28.08 28.10
N GLY C 47 -12.91 27.55 29.33
CA GLY C 47 -11.79 27.71 30.28
C GLY C 47 -11.50 26.47 31.12
N GLY C 48 -11.88 25.26 30.69
CA GLY C 48 -11.38 24.02 31.34
C GLY C 48 -9.87 23.93 31.14
N THR C 49 -9.13 23.26 32.03
CA THR C 49 -7.64 23.16 31.97
C THR C 49 -7.20 21.84 31.30
N LEU C 50 -6.06 21.85 30.61
CA LEU C 50 -5.44 20.61 30.07
C LEU C 50 -3.92 20.72 30.08
N ASP C 51 -3.20 19.60 30.05
CA ASP C 51 -1.74 19.66 29.89
C ASP C 51 -1.35 19.08 28.52
N LEU C 52 -0.41 19.75 27.86
CA LEU C 52 0.16 19.32 26.58
C LEU C 52 1.32 18.36 26.88
N HIS C 53 1.25 17.16 26.32
CA HIS C 53 2.23 16.06 26.53
C HIS C 53 3.44 16.31 25.65
N ASP C 54 4.62 15.91 26.11
CA ASP C 54 5.92 16.21 25.45
C ASP C 54 6.04 15.38 24.15
N ASP C 55 5.20 14.37 23.95
CA ASP C 55 5.30 13.50 22.75
C ASP C 55 4.14 13.72 21.77
N SER C 56 3.23 14.66 22.04
CA SER C 56 2.03 14.88 21.17
C SER C 56 1.73 16.39 21.08
N GLY C 57 0.96 16.97 22.00
CA GLY C 57 0.61 18.40 21.96
C GLY C 57 1.84 19.30 21.82
N GLN C 58 2.89 19.03 22.59
CA GLN C 58 4.10 19.89 22.55
C GLN C 58 4.87 19.69 21.25
N VAL C 59 4.86 18.47 20.70
CA VAL C 59 5.47 18.19 19.37
C VAL C 59 4.74 19.01 18.33
N ALA C 60 3.42 19.05 18.39
CA ALA C 60 2.60 19.81 17.42
C ALA C 60 2.96 21.30 17.52
N LEU C 61 3.09 21.84 18.73
CA LEU C 61 3.43 23.29 18.91
C LEU C 61 4.84 23.56 18.38
N GLN C 62 5.79 22.66 18.63
CA GLN C 62 7.18 22.77 18.08
CA GLN C 62 7.18 22.76 18.08
C GLN C 62 7.09 22.84 16.56
N ARG C 63 6.34 21.91 15.94
CA ARG C 63 6.20 21.84 14.47
C ARG C 63 5.59 23.15 13.96
N ALA C 64 4.74 23.81 14.74
CA ALA C 64 4.05 25.06 14.34
C ALA C 64 4.84 26.32 14.78
N GLY C 65 5.98 26.17 15.43
CA GLY C 65 6.84 27.29 15.88
C GLY C 65 6.31 28.01 17.11
N LEU C 66 5.51 27.34 17.94
CA LEU C 66 4.79 27.99 19.06
C LEU C 66 5.18 27.37 20.40
N LEU C 67 6.15 26.48 20.46
CA LEU C 67 6.48 25.79 21.72
C LEU C 67 6.98 26.81 22.77
N GLU C 68 7.85 27.74 22.39
CA GLU C 68 8.39 28.77 23.33
C GLU C 68 7.25 29.70 23.75
N ALA C 69 6.41 30.14 22.83
CA ALA C 69 5.21 30.97 23.14
C ALA C 69 4.31 30.25 24.17
N PHE C 70 4.06 28.96 23.97
CA PHE C 70 3.31 28.08 24.91
C PHE C 70 4.02 28.08 26.26
N ARG C 71 5.33 27.85 26.27
CA ARG C 71 6.13 27.81 27.52
C ARG C 71 6.00 29.15 28.25
N ALA C 72 6.04 30.28 27.54
CA ALA C 72 5.92 31.62 28.17
C ALA C 72 4.54 31.77 28.85
N VAL C 73 3.47 31.22 28.27
CA VAL C 73 2.09 31.46 28.80
C VAL C 73 1.62 30.30 29.71
N ALA C 74 2.15 29.10 29.57
CA ALA C 74 1.68 27.92 30.37
C ALA C 74 1.92 28.16 31.86
N ARG C 75 1.13 27.51 32.72
CA ARG C 75 1.36 27.47 34.19
CA ARG C 75 1.36 27.48 34.20
C ARG C 75 2.27 26.27 34.50
N HIS C 76 3.41 26.50 35.18
CA HIS C 76 4.35 25.42 35.58
C HIS C 76 4.29 25.27 37.12
N GLU C 77 3.15 25.62 37.72
CA GLU C 77 2.98 25.87 39.19
C GLU C 77 2.70 24.57 39.98
N GLY C 78 3.28 23.43 39.59
CA GLY C 78 3.20 22.16 40.33
C GLY C 78 1.78 21.76 40.73
N GLN C 79 0.82 21.92 39.81
CA GLN C 79 -0.58 21.42 39.94
C GLN C 79 -0.55 19.90 40.15
N GLU C 80 -1.15 19.40 41.23
CA GLU C 80 -1.26 17.95 41.49
C GLU C 80 -2.70 17.46 41.23
N ALA C 81 -2.84 16.18 40.92
CA ALA C 81 -4.14 15.48 40.84
C ALA C 81 -4.46 14.90 42.22
N ARG C 82 -5.58 15.29 42.80
CA ARG C 82 -6.01 14.75 44.10
C ARG C 82 -7.13 13.73 43.91
N MET C 83 -7.25 12.80 44.86
CA MET C 83 -8.33 11.81 44.95
C MET C 83 -9.21 12.15 46.14
N GLY C 84 -10.54 12.13 45.95
CA GLY C 84 -11.57 12.30 47.00
C GLY C 84 -12.31 10.99 47.23
N ASP C 85 -12.40 10.51 48.48
CA ASP C 85 -13.30 9.41 48.91
C ASP C 85 -14.72 9.94 48.93
N PRO C 86 -15.62 9.42 48.08
CA PRO C 86 -17.00 9.93 47.99
C PRO C 86 -17.77 9.90 49.31
N TRP C 87 -17.45 8.96 50.18
CA TRP C 87 -18.25 8.68 51.41
C TRP C 87 -17.57 9.27 52.66
N SER C 88 -16.24 9.20 52.82
CA SER C 88 -15.53 9.89 53.94
C SER C 88 -15.20 11.36 53.60
N GLY C 89 -15.11 11.72 52.32
CA GLY C 89 -14.73 13.09 51.94
C GLY C 89 -13.25 13.39 52.14
N GLU C 90 -12.46 12.37 52.46
CA GLU C 90 -10.98 12.48 52.60
C GLU C 90 -10.36 12.69 51.23
N ILE C 91 -9.38 13.58 51.19
CA ILE C 91 -8.63 13.98 49.97
C ILE C 91 -7.16 13.59 50.17
N THR C 92 -6.58 12.90 49.19
CA THR C 92 -5.16 12.47 49.16
C THR C 92 -4.55 12.87 47.83
N THR C 93 -3.24 12.66 47.63
CA THR C 93 -2.49 13.08 46.41
C THR C 93 -1.90 11.86 45.71
N GLY C 94 -2.11 11.72 44.40
CA GLY C 94 -1.55 10.60 43.61
C GLY C 94 -2.06 10.58 42.17
N LYS C 104 4.68 19.08 33.66
CA LYS C 104 3.25 19.01 33.22
C LYS C 104 2.75 20.42 32.92
N PRO C 105 3.15 21.06 31.79
CA PRO C 105 2.74 22.43 31.50
C PRO C 105 1.25 22.49 31.15
N GLU C 106 0.47 23.28 31.90
CA GLU C 106 -1.01 23.35 31.79
C GLU C 106 -1.42 24.68 31.14
N ILE C 107 -2.53 24.67 30.43
CA ILE C 107 -3.08 25.89 29.75
C ILE C 107 -4.59 25.72 29.77
N ASP C 108 -5.33 26.80 30.01
CA ASP C 108 -6.81 26.75 29.86
C ASP C 108 -7.12 26.54 28.38
N ARG C 109 -8.19 25.82 28.07
CA ARG C 109 -8.57 25.42 26.70
C ARG C 109 -8.69 26.68 25.83
N GLY C 110 -9.29 27.74 26.35
CA GLY C 110 -9.54 28.98 25.60
C GLY C 110 -8.25 29.70 25.31
N ASP C 111 -7.30 29.61 26.21
CA ASP C 111 -5.94 30.22 26.06
C ASP C 111 -5.13 29.46 25.01
N LEU C 112 -5.29 28.13 24.94
CA LEU C 112 -4.68 27.30 23.86
C LEU C 112 -5.26 27.72 22.52
N ARG C 113 -6.59 27.80 22.40
CA ARG C 113 -7.25 28.25 21.14
C ARG C 113 -6.75 29.65 20.79
N GLN C 114 -6.67 30.53 21.78
CA GLN C 114 -6.26 31.94 21.54
C GLN C 114 -4.81 31.96 21.02
N LEU C 115 -3.95 31.13 21.57
CA LEU C 115 -2.52 31.07 21.18
C LEU C 115 -2.38 30.77 19.68
N LEU C 116 -3.15 29.79 19.21
CA LEU C 116 -3.14 29.37 17.79
C LEU C 116 -3.79 30.46 16.92
N LEU C 117 -4.95 30.98 17.32
CA LEU C 117 -5.62 32.06 16.56
C LEU C 117 -4.66 33.25 16.41
N ASP C 118 -4.01 33.64 17.52
CA ASP C 118 -3.13 34.84 17.60
C ASP C 118 -1.92 34.68 16.69
N ALA C 119 -1.54 33.44 16.35
CA ALA C 119 -0.35 33.16 15.53
C ALA C 119 -0.72 33.12 14.05
N LEU C 120 -2.01 33.17 13.71
CA LEU C 120 -2.48 33.02 12.29
C LEU C 120 -2.74 34.38 11.67
N PRO C 121 -2.51 34.52 10.34
CA PRO C 121 -3.01 35.68 9.59
C PRO C 121 -4.50 35.93 9.85
N ALA C 122 -4.94 37.20 9.79
CA ALA C 122 -6.31 37.67 10.15
C ALA C 122 -7.39 37.01 9.27
N ASP C 123 -7.07 36.72 8.01
CA ASP C 123 -8.04 36.24 7.00
C ASP C 123 -8.22 34.71 7.08
N THR C 124 -7.42 33.98 7.86
CA THR C 124 -7.31 32.50 7.80
C THR C 124 -8.67 31.89 8.11
N VAL C 125 -9.29 32.29 9.22
CA VAL C 125 -10.54 31.65 9.73
C VAL C 125 -11.74 32.40 9.14
N GLN C 126 -12.64 31.66 8.48
CA GLN C 126 -13.96 32.14 8.00
C GLN C 126 -15.00 31.67 9.05
N TRP C 127 -15.36 32.60 9.93
CA TRP C 127 -16.39 32.41 11.00
C TRP C 127 -17.79 32.33 10.39
N GLY C 128 -18.74 31.73 11.11
CA GLY C 128 -20.13 31.53 10.65
C GLY C 128 -20.23 30.70 9.38
N HIS C 129 -19.22 29.89 9.09
CA HIS C 129 -19.22 28.92 7.98
C HIS C 129 -19.39 27.51 8.54
N SER C 130 -20.63 27.09 8.71
CA SER C 130 -21.01 25.74 9.19
C SER C 130 -21.17 24.82 7.97
N LEU C 131 -20.25 23.87 7.75
CA LEU C 131 -20.32 22.97 6.57
C LEU C 131 -21.61 22.13 6.64
N THR C 132 -22.38 22.07 5.55
CA THR C 132 -23.61 21.25 5.44
C THR C 132 -23.44 20.13 4.41
N ALA C 133 -22.56 20.29 3.42
CA ALA C 133 -22.30 19.24 2.42
C ALA C 133 -20.88 19.31 1.87
N LEU C 134 -20.27 18.14 1.70
CA LEU C 134 -19.04 17.94 0.92
C LEU C 134 -19.43 17.12 -0.31
N VAL C 135 -19.16 17.65 -1.51
CA VAL C 135 -19.49 17.03 -2.83
C VAL C 135 -18.15 16.84 -3.56
N SER C 136 -17.73 15.59 -3.77
CA SER C 136 -16.44 15.30 -4.44
C SER C 136 -16.71 14.94 -5.91
N ALA C 137 -17.95 15.20 -6.36
CA ALA C 137 -18.39 15.17 -7.78
C ALA C 137 -17.55 16.19 -8.57
N GLN C 138 -17.61 17.47 -8.15
CA GLN C 138 -16.88 18.65 -8.72
C GLN C 138 -15.69 18.23 -9.59
N ASN C 140 -12.93 19.21 -10.84
CA ASN C 140 -12.49 20.51 -10.25
C ASN C 140 -12.23 20.39 -8.73
N GLY C 141 -12.16 19.17 -8.17
CA GLY C 141 -11.73 18.92 -6.78
C GLY C 141 -12.88 18.52 -5.87
N HIS C 142 -13.12 19.31 -4.82
CA HIS C 142 -14.16 19.04 -3.78
C HIS C 142 -14.99 20.30 -3.53
N GLY C 143 -16.31 20.16 -3.60
CA GLY C 143 -17.24 21.25 -3.31
C GLY C 143 -17.67 21.26 -1.86
N LEU C 144 -17.68 22.45 -1.26
CA LEU C 144 -18.16 22.70 0.11
C LEU C 144 -19.38 23.61 0.07
N ARG C 145 -20.46 23.25 0.76
CA ARG C 145 -21.65 24.12 0.96
C ARG C 145 -21.77 24.39 2.46
N PHE C 146 -22.10 25.63 2.81
CA PHE C 146 -22.25 26.13 4.21
C PHE C 146 -23.72 26.49 4.48
N ALA C 147 -24.13 26.45 5.75
CA ALA C 147 -25.52 26.72 6.22
C ALA C 147 -25.96 28.12 5.78
N ASN C 148 -25.01 29.03 5.57
CA ASN C 148 -25.24 30.44 5.18
C ASN C 148 -25.38 30.55 3.65
N GLY C 149 -25.37 29.42 2.93
CA GLY C 149 -25.55 29.37 1.46
C GLY C 149 -24.23 29.54 0.70
N VAL C 150 -23.17 29.95 1.37
CA VAL C 150 -21.83 30.10 0.70
C VAL C 150 -21.44 28.74 0.11
N GLN C 151 -20.78 28.79 -1.04
CA GLN C 151 -20.19 27.62 -1.74
C GLN C 151 -18.71 27.91 -2.02
N ARG C 152 -17.86 26.90 -1.87
CA ARG C 152 -16.40 27.01 -2.08
C ARG C 152 -15.92 25.71 -2.73
N GLU C 153 -14.70 25.73 -3.23
CA GLU C 153 -14.10 24.57 -3.91
C GLU C 153 -12.66 24.44 -3.41
N ALA C 154 -12.21 23.23 -3.10
CA ALA C 154 -10.88 22.97 -2.51
C ALA C 154 -10.25 21.76 -3.20
N ASP C 155 -8.93 21.72 -3.26
CA ASP C 155 -8.19 20.53 -3.76
C ASP C 155 -7.98 19.55 -2.60
N ILE C 156 -7.77 20.06 -1.39
CA ILE C 156 -7.49 19.25 -0.17
C ILE C 156 -8.49 19.68 0.91
N VAL C 157 -9.17 18.72 1.54
CA VAL C 157 -10.13 18.99 2.64
C VAL C 157 -9.69 18.18 3.87
N ILE C 158 -9.37 18.92 4.95
CA ILE C 158 -9.02 18.33 6.27
C ILE C 158 -10.24 18.53 7.16
N GLY C 159 -10.90 17.42 7.51
CA GLY C 159 -12.04 17.39 8.46
C GLY C 159 -11.52 17.47 9.90
N ALA C 160 -11.62 18.64 10.52
CA ALA C 160 -11.19 18.89 11.91
C ALA C 160 -12.41 19.40 12.66
N ASP C 161 -13.58 18.82 12.36
CA ASP C 161 -14.89 19.41 12.71
C ASP C 161 -15.55 18.61 13.83
N GLY C 162 -14.74 17.89 14.61
CA GLY C 162 -15.11 17.46 15.96
C GLY C 162 -15.99 16.23 16.02
N ALA C 163 -16.64 16.08 17.18
CA ALA C 163 -17.36 14.85 17.60
C ALA C 163 -18.44 14.53 16.55
N TRP C 164 -19.08 15.55 15.97
CA TRP C 164 -20.24 15.37 15.04
C TRP C 164 -19.88 15.88 13.64
N SER C 165 -18.65 15.61 13.26
CA SER C 165 -18.02 15.99 11.97
C SER C 165 -19.00 15.78 10.80
N LYS C 166 -19.29 16.86 10.09
CA LYS C 166 -19.94 16.83 8.76
C LYS C 166 -19.03 16.17 7.73
N VAL C 167 -17.72 16.40 7.78
CA VAL C 167 -16.80 15.74 6.82
C VAL C 167 -16.85 14.21 7.04
N ARG C 168 -16.88 13.75 8.29
CA ARG C 168 -16.99 12.30 8.57
C ARG C 168 -18.30 11.76 7.95
N ALA C 169 -19.42 12.49 8.09
CA ALA C 169 -20.75 12.12 7.52
C ALA C 169 -20.66 11.98 5.99
N ALA C 170 -19.80 12.73 5.29
CA ALA C 170 -19.56 12.56 3.84
C ALA C 170 -18.83 11.22 3.56
N LEU C 171 -17.97 10.76 4.48
CA LEU C 171 -17.08 9.59 4.23
C LEU C 171 -17.66 8.32 4.82
N SER C 172 -18.64 8.42 5.70
CA SER C 172 -19.15 7.29 6.50
C SER C 172 -20.58 7.57 6.94
N THR C 173 -21.38 6.52 7.05
CA THR C 173 -22.71 6.58 7.71
C THR C 173 -22.56 6.22 9.19
N CYS C 174 -21.37 5.86 9.66
CA CYS C 174 -21.12 5.38 11.05
C CYS C 174 -21.16 6.60 11.99
N GLN C 175 -21.96 6.51 13.06
CA GLN C 175 -22.18 7.59 14.06
C GLN C 175 -21.42 7.25 15.33
N PRO C 176 -21.01 8.25 16.14
CA PRO C 176 -20.65 7.99 17.53
C PRO C 176 -21.81 7.33 18.28
N LEU C 177 -21.45 6.46 19.22
CA LEU C 177 -22.38 5.71 20.08
C LEU C 177 -22.29 6.23 21.51
N PRO C 178 -23.41 6.28 22.24
CA PRO C 178 -23.39 6.69 23.64
C PRO C 178 -22.60 5.68 24.51
N THR C 179 -21.82 6.16 25.47
CA THR C 179 -21.04 5.31 26.43
C THR C 179 -21.93 4.81 27.56
N GLY C 180 -23.13 5.42 27.74
CA GLY C 180 -23.98 5.24 28.92
C GLY C 180 -23.59 6.14 30.07
N ILE C 181 -22.65 7.07 29.84
CA ILE C 181 -22.25 8.10 30.84
C ILE C 181 -22.56 9.47 30.26
N THR C 182 -23.08 10.38 31.10
CA THR C 182 -23.31 11.80 30.78
C THR C 182 -22.58 12.64 31.83
N PHE C 183 -21.81 13.61 31.38
CA PHE C 183 -21.14 14.62 32.23
C PHE C 183 -22.06 15.83 32.34
N PHE C 184 -22.27 16.29 33.56
CA PHE C 184 -22.97 17.56 33.84
C PHE C 184 -21.89 18.56 34.27
N GLU C 185 -21.69 19.54 33.42
CA GLU C 185 -20.61 20.53 33.56
C GLU C 185 -21.14 21.75 34.30
N GLY C 186 -20.56 22.06 35.44
CA GLY C 186 -20.84 23.27 36.24
C GLY C 186 -19.59 24.10 36.47
N TRP C 187 -19.79 25.37 36.81
CA TRP C 187 -18.71 26.35 37.12
C TRP C 187 -18.97 27.00 38.47
N ILE C 188 -17.90 27.17 39.24
CA ILE C 188 -17.87 27.95 40.51
C ILE C 188 -16.93 29.11 40.22
N ALA C 189 -17.48 30.31 40.00
CA ALA C 189 -16.74 31.52 39.61
C ALA C 189 -15.90 32.05 40.78
N GLN C 190 -16.42 32.01 42.01
CA GLN C 190 -15.63 32.46 43.19
C GLN C 190 -15.84 31.45 44.31
N PRO C 191 -15.03 30.37 44.30
CA PRO C 191 -15.16 29.30 45.27
C PRO C 191 -14.87 29.84 46.68
N ALA C 192 -15.76 29.52 47.63
CA ALA C 192 -15.53 29.66 49.07
C ALA C 192 -14.15 29.09 49.43
N ALA C 193 -13.58 29.52 50.56
CA ALA C 193 -12.22 29.14 50.99
C ALA C 193 -12.14 27.62 51.13
N ASP C 194 -13.13 26.99 51.73
CA ASP C 194 -13.09 25.55 52.04
C ASP C 194 -12.96 24.72 50.74
N ILE C 195 -13.80 24.96 49.73
CA ILE C 195 -13.80 24.14 48.48
C ILE C 195 -12.57 24.50 47.64
N ALA C 196 -12.14 25.76 47.63
CA ALA C 196 -10.90 26.15 46.92
C ALA C 196 -9.70 25.39 47.52
N ALA C 197 -9.66 25.24 48.84
CA ALA C 197 -8.55 24.56 49.55
C ALA C 197 -8.61 23.05 49.28
N MET C 198 -9.81 22.49 49.17
CA MET C 198 -10.02 21.03 48.98
C MET C 198 -9.58 20.61 47.58
N VAL C 199 -9.87 21.44 46.58
CA VAL C 199 -9.53 21.15 45.16
C VAL C 199 -8.03 21.38 44.99
N GLY C 200 -7.52 22.46 45.56
CA GLY C 200 -6.15 22.94 45.33
C GLY C 200 -6.03 23.61 43.98
N GLN C 201 -4.79 23.69 43.47
CA GLN C 201 -4.45 24.43 42.23
C GLN C 201 -4.72 23.54 41.02
N GLY C 202 -4.83 22.23 41.23
CA GLY C 202 -4.98 21.28 40.12
C GLY C 202 -6.38 20.70 40.01
N SER C 203 -6.47 19.39 40.20
CA SER C 203 -7.67 18.55 39.97
C SER C 203 -8.00 17.76 41.24
N LEU C 204 -9.27 17.44 41.41
CA LEU C 204 -9.81 16.51 42.41
C LEU C 204 -10.71 15.52 41.67
N PHE C 205 -10.38 14.23 41.74
CA PHE C 205 -11.18 13.14 41.12
C PHE C 205 -11.80 12.32 42.25
N CYS C 206 -13.11 12.08 42.16
CA CYS C 206 -13.92 11.28 43.11
C CYS C 206 -14.72 10.22 42.34
N PHE C 207 -14.40 8.94 42.55
CA PHE C 207 -15.06 7.78 41.89
C PHE C 207 -16.01 7.12 42.88
N GLY C 208 -17.32 7.27 42.69
CA GLY C 208 -18.34 6.69 43.60
C GLY C 208 -19.17 5.60 42.93
N GLY C 209 -18.62 4.93 41.93
CA GLY C 209 -19.33 3.95 41.08
C GLY C 209 -20.12 4.63 39.96
N GLU C 210 -21.46 4.57 40.01
CA GLU C 210 -22.34 5.11 38.96
C GLU C 210 -22.49 6.63 39.09
N GLU C 211 -21.93 7.21 40.14
CA GLU C 211 -21.74 8.67 40.30
C GLU C 211 -20.25 8.95 40.46
N ALA C 212 -19.72 9.96 39.76
CA ALA C 212 -18.34 10.43 39.96
C ALA C 212 -18.29 11.95 39.89
N LEU C 213 -17.24 12.54 40.43
CA LEU C 213 -17.08 14.02 40.50
C LEU C 213 -15.65 14.39 40.13
N PHE C 214 -15.50 15.21 39.08
CA PHE C 214 -14.19 15.65 38.56
C PHE C 214 -14.16 17.17 38.63
N VAL C 215 -13.23 17.73 39.39
CA VAL C 215 -13.15 19.19 39.62
C VAL C 215 -11.74 19.64 39.26
N GLN C 216 -11.63 20.72 38.49
CA GLN C 216 -10.31 21.30 38.11
CA GLN C 216 -10.31 21.30 38.13
C GLN C 216 -10.37 22.82 38.31
N ARG C 217 -9.33 23.38 38.92
CA ARG C 217 -9.17 24.86 38.99
C ARG C 217 -8.48 25.35 37.72
N ASN C 218 -9.03 26.37 37.07
CA ASN C 218 -8.39 26.94 35.85
C ASN C 218 -7.52 28.14 36.24
N SER C 219 -6.93 28.83 35.24
CA SER C 219 -5.94 29.92 35.45
C SER C 219 -6.58 31.17 36.06
N ARG C 220 -7.91 31.30 36.07
CA ARG C 220 -8.59 32.48 36.64
C ARG C 220 -9.23 32.14 37.99
N ASP C 221 -8.80 31.05 38.63
CA ASP C 221 -9.28 30.55 39.95
C ASP C 221 -10.79 30.28 39.92
N ARG C 222 -11.30 29.83 38.80
CA ARG C 222 -12.68 29.29 38.66
C ARG C 222 -12.57 27.77 38.72
N LEU C 223 -13.55 27.09 39.29
CA LEU C 223 -13.57 25.61 39.37
C LEU C 223 -14.51 25.08 38.29
N CYS C 224 -13.99 24.21 37.41
CA CYS C 224 -14.81 23.46 36.43
C CYS C 224 -15.24 22.15 37.12
N VAL C 225 -16.53 21.88 37.18
CA VAL C 225 -17.09 20.69 37.85
C VAL C 225 -17.73 19.81 36.78
N TYR C 226 -17.31 18.55 36.70
CA TYR C 226 -18.03 17.51 35.94
C TYR C 226 -18.68 16.55 36.92
N ALA C 227 -20.01 16.56 36.97
CA ALA C 227 -20.80 15.54 37.67
C ALA C 227 -21.10 14.43 36.65
N ALA C 228 -20.40 13.31 36.77
CA ALA C 228 -20.44 12.20 35.78
C ALA C 228 -21.42 11.15 36.31
N LEU C 229 -22.48 10.88 35.53
CA LEU C 229 -23.56 9.94 35.90
C LEU C 229 -23.61 8.82 34.86
N LYS C 230 -23.50 7.57 35.34
CA LYS C 230 -23.88 6.37 34.56
C LYS C 230 -25.41 6.22 34.62
N ARG C 231 -26.11 6.72 33.61
CA ARG C 231 -27.59 6.65 33.48
C ARG C 231 -27.92 6.61 31.99
N SER C 232 -28.96 5.88 31.62
CA SER C 232 -29.46 5.85 30.23
C SER C 232 -29.90 7.26 29.81
N SER C 233 -29.76 7.61 28.54
CA SER C 233 -30.29 8.88 27.97
C SER C 233 -31.80 8.98 28.26
N GLU C 234 -32.53 7.88 28.11
CA GLU C 234 -34.00 7.84 28.34
CA GLU C 234 -34.01 7.85 28.34
C GLU C 234 -34.30 8.21 29.80
N TRP C 235 -33.58 7.60 30.74
CA TRP C 235 -33.77 7.90 32.19
C TRP C 235 -33.49 9.39 32.44
N LEU C 236 -32.35 9.90 31.93
CA LEU C 236 -31.96 11.31 32.14
C LEU C 236 -33.02 12.25 31.54
N ASP C 237 -33.52 11.97 30.33
CA ASP C 237 -34.60 12.74 29.64
C ASP C 237 -35.81 12.90 30.57
N ALA C 238 -36.31 11.79 31.11
CA ALA C 238 -37.51 11.77 31.99
C ALA C 238 -37.26 12.62 33.23
N GLN C 239 -36.17 12.35 33.95
CA GLN C 239 -35.86 12.99 35.25
C GLN C 239 -35.65 14.49 35.07
N ILE C 240 -34.91 14.89 34.03
CA ILE C 240 -34.59 16.32 33.75
C ILE C 240 -35.87 17.04 33.30
N ALA C 241 -36.67 16.42 32.44
CA ALA C 241 -37.97 16.96 31.96
C ALA C 241 -38.83 17.33 33.17
N GLN C 242 -38.87 16.46 34.18
CA GLN C 242 -39.64 16.65 35.44
C GLN C 242 -38.98 17.68 36.38
N HIS C 243 -37.71 17.48 36.74
CA HIS C 243 -37.03 18.19 37.86
C HIS C 243 -36.09 19.31 37.39
N GLY C 244 -35.71 19.35 36.12
CA GLY C 244 -34.61 20.22 35.63
C GLY C 244 -33.24 19.63 35.94
N ILE C 245 -32.20 20.14 35.29
CA ILE C 245 -30.83 19.54 35.30
C ILE C 245 -30.28 19.63 36.73
N ARG C 246 -30.28 20.83 37.32
CA ARG C 246 -29.59 21.11 38.59
C ARG C 246 -30.10 20.16 39.68
N THR C 247 -31.41 20.07 39.85
CA THR C 247 -32.05 19.26 40.92
C THR C 247 -31.72 17.78 40.67
N LEU C 248 -31.80 17.33 39.40
CA LEU C 248 -31.50 15.92 39.10
C LEU C 248 -30.05 15.60 39.49
N VAL C 249 -29.12 16.45 39.04
CA VAL C 249 -27.66 16.20 39.25
C VAL C 249 -27.38 16.18 40.75
N THR C 250 -27.77 17.22 41.50
CA THR C 250 -27.45 17.32 42.95
C THR C 250 -28.11 16.16 43.70
N GLY C 251 -29.33 15.78 43.31
CA GLY C 251 -30.07 14.65 43.90
C GLY C 251 -29.33 13.31 43.86
N CYS C 252 -28.43 13.11 42.89
CA CYS C 252 -27.72 11.81 42.68
C CYS C 252 -26.54 11.66 43.65
N TYR C 253 -26.14 12.72 44.37
CA TYR C 253 -24.96 12.72 45.26
C TYR C 253 -25.34 12.83 46.76
N THR C 254 -26.60 12.55 47.13
CA THR C 254 -27.09 12.78 48.53
C THR C 254 -26.43 11.78 49.48
N GLY C 255 -25.91 10.66 49.01
CA GLY C 255 -25.16 9.71 49.85
C GLY C 255 -23.70 10.09 50.04
N TRP C 256 -23.22 11.18 49.44
CA TRP C 256 -21.77 11.53 49.45
C TRP C 256 -21.46 12.34 50.73
N ALA C 257 -20.20 12.34 51.14
CA ALA C 257 -19.66 13.23 52.22
C ALA C 257 -20.14 14.68 51.99
N THR C 258 -20.50 15.36 53.08
CA THR C 258 -20.98 16.76 53.08
C THR C 258 -20.00 17.69 52.34
N ASN C 259 -18.69 17.52 52.54
CA ASN C 259 -17.71 18.44 51.93
C ASN C 259 -17.84 18.36 50.40
N LEU C 260 -17.97 17.16 49.84
CA LEU C 260 -18.00 17.00 48.37
C LEU C 260 -19.36 17.45 47.84
N ARG C 261 -20.43 17.29 48.60
CA ARG C 261 -21.79 17.74 48.20
C ARG C 261 -21.84 19.27 48.15
N ARG C 262 -21.14 19.94 49.07
CA ARG C 262 -21.11 21.43 49.12
C ARG C 262 -20.47 21.93 47.83
N LEU C 263 -19.36 21.30 47.44
CA LEU C 263 -18.67 21.59 46.16
C LEU C 263 -19.68 21.54 45.01
N LEU C 264 -20.51 20.49 44.98
CA LEU C 264 -21.50 20.30 43.90
C LEU C 264 -22.57 21.40 43.97
N GLU C 265 -23.05 21.72 45.18
CA GLU C 265 -24.16 22.68 45.38
C GLU C 265 -23.72 24.12 45.11
N ALA C 266 -22.40 24.40 45.08
CA ALA C 266 -21.83 25.72 44.73
C ALA C 266 -21.97 25.99 43.22
N CYS C 267 -22.20 24.98 42.40
CA CYS C 267 -22.35 25.19 40.94
C CYS C 267 -23.71 25.86 40.69
N THR C 268 -23.74 26.95 39.92
CA THR C 268 -24.98 27.72 39.67
C THR C 268 -25.83 26.89 38.72
N ASP C 269 -25.34 26.66 37.50
CA ASP C 269 -26.05 25.81 36.51
C ASP C 269 -25.15 24.67 36.07
N PHE C 270 -25.71 23.72 35.32
CA PHE C 270 -25.05 22.57 34.70
C PHE C 270 -25.49 22.48 33.25
N VAL C 271 -24.55 22.18 32.35
CA VAL C 271 -24.79 21.83 30.93
C VAL C 271 -24.73 20.30 30.81
N ARG C 272 -25.66 19.71 30.06
CA ARG C 272 -25.71 18.25 29.84
C ARG C 272 -24.75 17.91 28.68
N ARG C 273 -23.73 17.10 28.94
CA ARG C 273 -22.72 16.67 27.96
C ARG C 273 -22.70 15.15 27.88
N PRO C 274 -23.60 14.54 27.07
CA PRO C 274 -23.60 13.11 26.83
C PRO C 274 -22.19 12.71 26.36
N ILE C 275 -21.65 11.59 26.85
CA ILE C 275 -20.30 11.12 26.43
C ILE C 275 -20.49 10.04 25.37
N TYR C 276 -20.13 10.40 24.13
CA TYR C 276 -20.22 9.55 22.94
C TYR C 276 -18.80 9.13 22.62
N SER C 277 -18.67 8.07 21.88
CA SER C 277 -17.38 7.55 21.38
C SER C 277 -17.66 6.90 20.05
N LEU C 278 -16.76 7.08 19.10
CA LEU C 278 -16.66 6.13 17.97
C LEU C 278 -16.24 4.78 18.53
N PRO C 279 -16.65 3.69 17.83
CA PRO C 279 -16.24 2.35 18.22
C PRO C 279 -14.76 2.16 17.84
N ALA C 280 -14.06 1.31 18.57
CA ALA C 280 -12.60 1.09 18.38
C ALA C 280 -12.33 0.60 16.95
N ASP C 281 -13.29 -0.13 16.38
CA ASP C 281 -13.19 -0.72 15.00
C ASP C 281 -13.58 0.30 13.91
N PHE C 282 -13.77 1.58 14.25
CA PHE C 282 -14.26 2.62 13.29
C PHE C 282 -13.32 2.65 12.08
N CYS C 283 -13.94 2.64 10.91
CA CYS C 283 -13.22 2.75 9.62
C CYS C 283 -14.06 3.61 8.68
N TRP C 284 -13.40 4.15 7.68
CA TRP C 284 -14.05 4.84 6.56
C TRP C 284 -13.20 4.50 5.36
N THR C 285 -13.82 4.36 4.21
CA THR C 285 -13.12 4.10 2.94
C THR C 285 -12.31 5.34 2.64
N PRO C 286 -10.98 5.22 2.46
CA PRO C 286 -10.14 6.37 2.13
C PRO C 286 -10.62 7.07 0.85
N ARG C 287 -10.60 8.39 0.88
CA ARG C 287 -10.97 9.24 -0.28
C ARG C 287 -9.77 10.14 -0.57
N ASP C 288 -9.32 10.19 -1.83
CA ASP C 288 -8.18 11.06 -2.22
C ASP C 288 -8.55 12.52 -1.90
N GLY C 289 -7.61 13.21 -1.26
CA GLY C 289 -7.69 14.66 -1.00
C GLY C 289 -8.60 15.01 0.17
N VAL C 290 -9.17 14.03 0.89
CA VAL C 290 -10.04 14.29 2.07
C VAL C 290 -9.55 13.41 3.22
N THR C 291 -9.42 14.01 4.40
CA THR C 291 -9.10 13.21 5.61
C THR C 291 -9.81 13.79 6.83
N LEU C 292 -9.72 13.03 7.94
CA LEU C 292 -10.26 13.41 9.26
C LEU C 292 -9.08 13.42 10.25
N ILE C 293 -9.08 14.40 11.14
CA ILE C 293 -8.12 14.49 12.29
C ILE C 293 -8.91 14.81 13.55
N GLY C 294 -8.30 14.54 14.69
CA GLY C 294 -8.90 14.75 16.01
C GLY C 294 -10.16 13.95 16.19
N ASP C 295 -11.14 14.57 16.84
CA ASP C 295 -12.43 13.93 17.24
C ASP C 295 -13.18 13.49 15.99
N ALA C 296 -13.05 14.22 14.87
CA ALA C 296 -13.66 13.78 13.60
C ALA C 296 -13.25 12.34 13.25
N ALA C 297 -11.97 12.00 13.46
CA ALA C 297 -11.35 10.71 13.06
C ALA C 297 -11.52 9.65 14.13
N HIS C 298 -11.52 10.00 15.40
CA HIS C 298 -11.41 8.98 16.48
C HIS C 298 -11.91 9.49 17.83
N LEU C 299 -13.05 10.21 17.85
CA LEU C 299 -13.73 10.57 19.11
C LEU C 299 -13.73 9.37 20.05
N MET C 300 -13.27 9.58 21.26
CA MET C 300 -13.24 8.54 22.30
C MET C 300 -13.53 9.20 23.63
N PRO C 301 -13.81 8.44 24.70
CA PRO C 301 -14.23 9.06 25.96
C PRO C 301 -13.14 9.98 26.50
N PRO C 302 -13.49 10.94 27.39
CA PRO C 302 -12.52 11.92 27.87
C PRO C 302 -11.57 11.36 28.96
N VAL C 303 -10.54 10.66 28.51
CA VAL C 303 -9.59 9.93 29.38
C VAL C 303 -8.26 10.68 29.40
N GLY C 304 -8.14 11.81 28.72
CA GLY C 304 -6.96 12.68 28.80
C GLY C 304 -6.13 12.69 27.54
N VAL C 305 -6.68 12.29 26.37
CA VAL C 305 -5.90 12.13 25.11
C VAL C 305 -6.39 13.09 24.02
N GLY C 306 -7.58 13.69 24.15
CA GLY C 306 -8.29 14.28 23.01
C GLY C 306 -7.56 15.43 22.33
N VAL C 307 -7.21 16.48 23.09
CA VAL C 307 -6.53 17.68 22.53
C VAL C 307 -5.13 17.25 22.05
N ASN C 308 -4.42 16.45 22.84
CA ASN C 308 -3.05 16.00 22.48
C ASN C 308 -3.06 15.22 21.16
N LEU C 309 -4.00 14.28 21.01
CA LEU C 309 -4.13 13.52 19.73
C LEU C 309 -4.53 14.46 18.60
N ALA C 310 -5.50 15.34 18.83
CA ALA C 310 -6.02 16.26 17.80
C ALA C 310 -4.84 17.05 17.21
N MET C 311 -4.00 17.60 18.06
CA MET C 311 -2.86 18.45 17.65
C MET C 311 -1.79 17.59 16.99
N LEU C 312 -1.49 16.40 17.53
CA LEU C 312 -0.50 15.51 16.91
C LEU C 312 -0.95 15.13 15.49
N ASP C 313 -2.21 14.71 15.31
CA ASP C 313 -2.84 14.38 13.99
C ASP C 313 -2.68 15.54 13.02
N ALA C 314 -3.06 16.76 13.44
CA ALA C 314 -2.94 17.99 12.62
C ALA C 314 -1.48 18.12 12.18
N SER C 315 -0.53 17.94 13.09
CA SER C 315 0.91 18.11 12.81
C SER C 315 1.42 17.01 11.87
N ASP C 316 0.96 15.76 12.01
CA ASP C 316 1.34 14.66 11.08
C ASP C 316 0.86 14.99 9.66
N VAL C 317 -0.39 15.41 9.50
CA VAL C 317 -1.00 15.67 8.18
C VAL C 317 -0.35 16.91 7.57
N ALA C 318 -0.21 17.98 8.33
CA ALA C 318 0.31 19.27 7.82
C ALA C 318 1.81 19.13 7.47
N MET C 319 2.60 18.42 8.29
CA MET C 319 4.04 18.17 8.01
C MET C 319 4.17 17.39 6.70
N ALA C 320 3.35 16.36 6.52
CA ALA C 320 3.36 15.50 5.32
C ALA C 320 3.11 16.37 4.09
N LEU C 321 2.15 17.30 4.16
CA LEU C 321 1.76 18.17 3.02
C LEU C 321 2.85 19.20 2.74
N CYS C 322 3.68 19.54 3.73
CA CYS C 322 4.83 20.47 3.59
C CYS C 322 6.07 19.71 3.08
N ALA C 323 6.27 18.46 3.48
CA ALA C 323 7.57 17.75 3.33
C ALA C 323 7.63 17.00 1.99
N ARG C 324 6.50 16.62 1.42
CA ARG C 324 6.41 15.67 0.26
C ARG C 324 5.79 16.36 -0.93
N PRO C 325 6.33 16.16 -2.16
CA PRO C 325 5.80 16.81 -3.34
C PRO C 325 4.44 16.26 -3.81
N ASP C 326 4.15 14.98 -3.55
CA ASP C 326 2.83 14.35 -3.88
C ASP C 326 1.85 14.55 -2.72
N ALA C 327 1.01 15.58 -2.78
CA ALA C 327 0.05 15.98 -1.72
C ALA C 327 -0.92 14.84 -1.41
N ILE C 328 -1.56 14.26 -2.43
CA ILE C 328 -2.59 13.19 -2.27
C ILE C 328 -1.95 12.00 -1.54
N SER C 329 -0.75 11.59 -1.96
CA SER C 329 -0.05 10.43 -1.38
C SER C 329 0.42 10.75 0.04
N ALA C 330 0.87 11.99 0.30
CA ALA C 330 1.28 12.46 1.64
C ALA C 330 0.09 12.36 2.60
N MET C 331 -1.07 12.90 2.21
CA MET C 331 -2.34 12.82 2.97
C MET C 331 -2.74 11.36 3.23
N ARG C 332 -2.70 10.51 2.20
CA ARG C 332 -3.05 9.07 2.34
C ARG C 332 -2.16 8.42 3.40
N ASP C 333 -0.86 8.70 3.39
CA ASP C 333 0.12 8.05 4.29
C ASP C 333 -0.12 8.58 5.72
N ALA C 334 -0.38 9.88 5.88
CA ALA C 334 -0.56 10.53 7.19
C ALA C 334 -1.87 10.00 7.81
N GLU C 335 -2.91 9.78 6.99
CA GLU C 335 -4.20 9.21 7.47
C GLU C 335 -3.94 7.80 8.08
N VAL C 336 -3.12 6.98 7.43
CA VAL C 336 -2.84 5.61 7.96
C VAL C 336 -2.22 5.77 9.36
N LEU C 337 -1.27 6.68 9.53
CA LEU C 337 -0.59 6.95 10.83
C LEU C 337 -1.65 7.42 11.85
N VAL C 338 -2.47 8.41 11.50
CA VAL C 338 -3.56 8.93 12.39
C VAL C 338 -4.43 7.73 12.83
N ARG C 339 -4.87 6.92 11.88
CA ARG C 339 -5.87 5.86 12.14
C ARG C 339 -5.20 4.75 12.94
N GLU C 340 -3.96 4.36 12.60
CA GLU C 340 -3.28 3.24 13.32
C GLU C 340 -3.00 3.67 14.76
N ARG C 341 -2.56 4.91 14.96
CA ARG C 341 -2.28 5.46 16.31
C ARG C 341 -3.56 5.43 17.16
N ALA C 342 -4.68 5.91 16.63
CA ALA C 342 -5.98 5.97 17.34
C ALA C 342 -6.51 4.57 17.65
N ARG C 343 -6.45 3.63 16.69
CA ARG C 343 -6.94 2.24 16.88
C ARG C 343 -6.18 1.56 18.03
N ALA C 344 -4.88 1.83 18.19
CA ALA C 344 -4.05 1.28 19.28
C ALA C 344 -4.51 1.80 20.64
N LEU C 345 -5.08 3.01 20.71
CA LEU C 345 -5.44 3.69 21.98
C LEU C 345 -6.90 3.51 22.34
N MET C 346 -7.79 3.27 21.36
CA MET C 346 -9.26 3.36 21.61
C MET C 346 -9.76 2.22 22.50
N PRO C 347 -9.35 0.96 22.36
CA PRO C 347 -9.87 -0.11 23.23
C PRO C 347 -9.67 0.19 24.73
N ASP C 348 -8.47 0.59 25.14
CA ASP C 348 -8.13 0.91 26.55
C ASP C 348 -8.92 2.15 26.99
N ALA C 349 -9.04 3.16 26.13
CA ALA C 349 -9.81 4.38 26.43
C ALA C 349 -11.26 3.99 26.69
N ILE C 350 -11.86 3.18 25.81
CA ILE C 350 -13.30 2.83 25.86
C ILE C 350 -13.52 1.94 27.11
N GLU C 351 -12.72 0.89 27.29
CA GLU C 351 -12.88 -0.07 28.42
CA GLU C 351 -12.88 -0.06 28.42
C GLU C 351 -12.46 0.62 29.72
N GLY C 352 -11.36 1.36 29.72
CA GLY C 352 -10.89 2.09 30.91
C GLY C 352 -11.95 3.04 31.42
N PHE C 353 -12.56 3.83 30.52
CA PHE C 353 -13.67 4.75 30.86
C PHE C 353 -14.81 3.99 31.54
N GLN C 354 -15.25 2.87 30.96
CA GLN C 354 -16.31 2.02 31.58
C GLN C 354 -15.90 1.59 33.02
N ARG C 355 -14.64 1.23 33.23
CA ARG C 355 -14.14 0.78 34.55
C ARG C 355 -14.14 1.91 35.59
N TRP C 356 -14.14 3.18 35.20
CA TRP C 356 -14.32 4.28 36.18
C TRP C 356 -15.65 4.14 36.92
N PHE C 357 -16.67 3.54 36.31
CA PHE C 357 -18.07 3.59 36.84
C PHE C 357 -18.56 2.21 37.33
N ILE C 358 -17.66 1.25 37.48
CA ILE C 358 -17.97 -0.14 37.93
C ILE C 358 -18.24 -0.11 39.46
N THR C 359 -19.09 -1.02 39.99
CA THR C 359 -19.53 -1.03 41.42
C THR C 359 -19.32 -2.40 42.07
N HIS D 5 -9.10 7.62 -27.43
CA HIS D 5 -8.75 7.01 -28.76
C HIS D 5 -8.30 5.58 -28.51
N PRO D 6 -8.61 4.58 -29.39
CA PRO D 6 -8.12 3.21 -29.17
C PRO D 6 -6.59 3.21 -29.09
N PRO D 7 -5.97 2.73 -27.99
CA PRO D 7 -4.52 2.90 -27.79
C PRO D 7 -3.67 2.10 -28.79
N ARG D 8 -2.60 2.71 -29.29
CA ARG D 8 -1.52 2.06 -30.09
C ARG D 8 -0.67 1.21 -29.14
N ILE D 9 -0.79 -0.12 -29.21
CA ILE D 9 -0.07 -1.06 -28.30
C ILE D 9 1.07 -1.68 -29.08
N ALA D 10 2.30 -1.47 -28.60
CA ALA D 10 3.53 -2.16 -29.06
C ALA D 10 3.89 -3.28 -28.07
N VAL D 11 3.98 -4.51 -28.55
CA VAL D 11 4.66 -5.61 -27.83
C VAL D 11 6.08 -5.76 -28.40
N ILE D 12 7.09 -5.71 -27.53
CA ILE D 12 8.51 -5.96 -27.94
C ILE D 12 8.80 -7.42 -27.61
N GLY D 13 8.96 -8.26 -28.63
CA GLY D 13 9.35 -9.68 -28.51
C GLY D 13 8.21 -10.62 -28.86
N ALA D 14 8.50 -11.59 -29.73
CA ALA D 14 7.57 -12.61 -30.20
C ALA D 14 7.94 -13.96 -29.61
N GLY D 15 8.28 -13.99 -28.32
CA GLY D 15 8.34 -15.23 -27.53
C GLY D 15 6.97 -15.59 -26.99
N PRO D 16 6.89 -16.58 -26.09
CA PRO D 16 5.61 -16.98 -25.51
C PRO D 16 4.88 -15.82 -24.82
N ALA D 17 5.58 -14.96 -24.09
CA ALA D 17 4.94 -13.80 -23.40
C ALA D 17 4.33 -12.89 -24.47
N GLY D 18 5.14 -12.40 -25.41
CA GLY D 18 4.68 -11.40 -26.38
C GLY D 18 3.55 -11.91 -27.27
N LEU D 19 3.66 -13.15 -27.76
CA LEU D 19 2.64 -13.72 -28.67
C LEU D 19 1.33 -13.94 -27.89
N THR D 20 1.42 -14.40 -26.64
CA THR D 20 0.23 -14.64 -25.79
C THR D 20 -0.47 -13.31 -25.55
N ALA D 21 0.28 -12.25 -25.20
CA ALA D 21 -0.28 -10.91 -24.98
C ALA D 21 -0.93 -10.42 -26.27
N ALA D 22 -0.24 -10.50 -27.41
CA ALA D 22 -0.75 -9.99 -28.70
C ALA D 22 -2.06 -10.71 -29.06
N LEU D 23 -2.16 -12.02 -28.82
CA LEU D 23 -3.36 -12.80 -29.20
C LEU D 23 -4.55 -12.41 -28.30
N ILE D 24 -4.33 -12.23 -27.00
CA ILE D 24 -5.47 -11.84 -26.10
C ILE D 24 -5.91 -10.41 -26.47
N LEU D 25 -4.97 -9.50 -26.72
CA LEU D 25 -5.27 -8.10 -27.13
C LEU D 25 -6.04 -8.12 -28.44
N HIS D 26 -5.53 -8.82 -29.46
CA HIS D 26 -6.17 -8.93 -30.80
C HIS D 26 -7.62 -9.42 -30.64
N ARG D 27 -7.84 -10.47 -29.84
CA ARG D 27 -9.17 -11.10 -29.67
C ARG D 27 -10.08 -10.13 -28.91
N GLY D 28 -9.54 -9.17 -28.16
CA GLY D 28 -10.30 -8.15 -27.43
C GLY D 28 -10.53 -6.90 -28.27
N GLY D 29 -10.08 -6.90 -29.53
CA GLY D 29 -10.32 -5.81 -30.49
C GLY D 29 -9.35 -4.65 -30.34
N HIS D 30 -8.22 -4.86 -29.63
CA HIS D 30 -7.15 -3.85 -29.52
C HIS D 30 -6.32 -3.85 -30.80
N ARG D 31 -5.70 -2.70 -31.10
CA ARG D 31 -4.70 -2.53 -32.18
C ARG D 31 -3.35 -2.92 -31.57
N VAL D 32 -2.71 -4.00 -32.05
CA VAL D 32 -1.44 -4.50 -31.47
C VAL D 32 -0.48 -4.85 -32.60
N SER D 33 0.76 -4.38 -32.46
CA SER D 33 1.94 -4.87 -33.22
C SER D 33 2.92 -5.53 -32.25
N VAL D 34 3.55 -6.59 -32.73
CA VAL D 34 4.69 -7.25 -32.06
C VAL D 34 5.94 -6.94 -32.87
N TYR D 35 6.94 -6.35 -32.27
CA TYR D 35 8.26 -6.10 -32.91
C TYR D 35 9.23 -7.19 -32.44
N GLU D 36 9.69 -8.02 -33.38
CA GLU D 36 10.61 -9.16 -33.12
C GLU D 36 11.94 -8.89 -33.82
N GLY D 37 13.04 -8.87 -33.07
CA GLY D 37 14.39 -8.71 -33.60
C GLY D 37 14.73 -9.72 -34.69
N GLU D 38 14.40 -10.98 -34.49
CA GLU D 38 14.78 -12.06 -35.42
C GLU D 38 13.99 -11.88 -36.72
N ALA D 39 14.56 -12.34 -37.83
CA ALA D 39 13.91 -12.50 -39.15
C ALA D 39 13.00 -13.70 -39.06
N SER D 40 11.89 -13.75 -39.82
CA SER D 40 10.91 -14.87 -39.83
C SER D 40 11.59 -16.25 -39.87
N GLY D 41 12.63 -16.43 -40.69
CA GLY D 41 13.34 -17.72 -40.87
C GLY D 41 14.20 -18.06 -39.67
N THR D 45 13.23 -24.84 -35.77
CA THR D 45 14.62 -24.61 -35.27
C THR D 45 14.71 -24.85 -33.76
N GLN D 46 13.81 -24.29 -32.94
CA GLN D 46 13.80 -24.48 -31.45
C GLN D 46 12.93 -25.70 -31.11
N GLY D 47 13.52 -26.73 -30.47
CA GLY D 47 12.83 -28.01 -30.25
C GLY D 47 13.04 -28.63 -28.88
N GLY D 48 13.46 -27.89 -27.85
CA GLY D 48 13.33 -28.36 -26.45
C GLY D 48 11.87 -28.59 -26.07
N THR D 49 11.57 -29.48 -25.13
CA THR D 49 10.18 -29.81 -24.70
C THR D 49 9.85 -29.08 -23.39
N LEU D 50 8.57 -28.78 -23.13
CA LEU D 50 8.08 -28.22 -21.84
C LEU D 50 6.64 -28.63 -21.57
N ASP D 51 6.17 -28.59 -20.32
CA ASP D 51 4.73 -28.84 -20.05
C ASP D 51 4.06 -27.54 -19.56
N LEU D 52 2.85 -27.29 -20.01
CA LEU D 52 2.02 -26.13 -19.60
C LEU D 52 1.24 -26.52 -18.35
N HIS D 53 1.39 -25.75 -17.28
CA HIS D 53 0.80 -26.03 -15.95
C HIS D 53 -0.65 -25.56 -15.95
N ASP D 54 -1.51 -26.23 -15.16
CA ASP D 54 -2.97 -26.00 -15.20
C ASP D 54 -3.30 -24.66 -14.55
N ASP D 55 -2.38 -24.05 -13.80
CA ASP D 55 -2.65 -22.78 -13.08
C ASP D 55 -1.88 -21.60 -13.70
N SER D 56 -1.15 -21.80 -14.80
CA SER D 56 -0.35 -20.71 -15.42
C SER D 56 -0.44 -20.80 -16.96
N GLY D 57 0.42 -21.59 -17.61
CA GLY D 57 0.41 -21.71 -19.08
C GLY D 57 -0.96 -22.05 -19.64
N GLN D 58 -1.66 -22.99 -19.02
CA GLN D 58 -3.00 -23.44 -19.53
C GLN D 58 -4.05 -22.36 -19.29
N VAL D 59 -3.93 -21.59 -18.20
CA VAL D 59 -4.82 -20.43 -17.90
C VAL D 59 -4.63 -19.42 -19.02
N ALA D 60 -3.38 -19.17 -19.39
CA ALA D 60 -3.06 -18.17 -20.45
C ALA D 60 -3.69 -18.63 -21.77
N LEU D 61 -3.57 -19.92 -22.11
CA LEU D 61 -4.14 -20.43 -23.40
C LEU D 61 -5.66 -20.32 -23.38
N GLN D 62 -6.30 -20.66 -22.25
CA GLN D 62 -7.77 -20.54 -22.06
CA GLN D 62 -7.76 -20.55 -22.04
C GLN D 62 -8.15 -19.09 -22.32
N ARG D 63 -7.47 -18.14 -21.69
CA ARG D 63 -7.75 -16.69 -21.83
C ARG D 63 -7.61 -16.26 -23.30
N ALA D 64 -6.72 -16.92 -24.05
CA ALA D 64 -6.46 -16.57 -25.48
C ALA D 64 -7.33 -17.41 -26.45
N GLY D 65 -8.18 -18.31 -25.94
CA GLY D 65 -9.05 -19.15 -26.76
C GLY D 65 -8.33 -20.32 -27.42
N LEU D 66 -7.20 -20.78 -26.87
CA LEU D 66 -6.32 -21.78 -27.52
C LEU D 66 -6.18 -23.04 -26.69
N LEU D 67 -6.89 -23.18 -25.56
CA LEU D 67 -6.70 -24.35 -24.69
C LEU D 67 -7.05 -25.66 -25.42
N GLU D 68 -8.15 -25.68 -26.18
CA GLU D 68 -8.59 -26.87 -26.97
C GLU D 68 -7.55 -27.17 -28.05
N ALA D 69 -7.09 -26.16 -28.78
CA ALA D 69 -6.06 -26.30 -29.83
C ALA D 69 -4.81 -26.93 -29.21
N PHE D 70 -4.38 -26.42 -28.04
CA PHE D 70 -3.24 -26.97 -27.28
C PHE D 70 -3.49 -28.45 -26.96
N ARG D 71 -4.67 -28.74 -26.41
CA ARG D 71 -5.04 -30.14 -26.03
C ARG D 71 -4.97 -31.04 -27.27
N ALA D 72 -5.42 -30.57 -28.44
CA ALA D 72 -5.41 -31.36 -29.69
C ALA D 72 -3.98 -31.69 -30.10
N VAL D 73 -3.03 -30.77 -29.91
CA VAL D 73 -1.64 -30.96 -30.43
C VAL D 73 -0.71 -31.50 -29.33
N ALA D 74 -0.99 -31.31 -28.05
CA ALA D 74 -0.06 -31.72 -26.97
C ALA D 74 0.15 -33.24 -27.00
N ARG D 75 1.28 -33.74 -26.51
CA ARG D 75 1.49 -35.18 -26.21
C ARG D 75 0.96 -35.46 -24.78
N HIS D 76 0.05 -36.43 -24.63
CA HIS D 76 -0.45 -36.89 -23.30
C HIS D 76 0.11 -38.30 -23.01
N GLU D 77 1.27 -38.62 -23.61
CA GLU D 77 1.84 -39.99 -23.80
C GLU D 77 2.67 -40.44 -22.59
N GLY D 78 2.27 -40.07 -21.36
CA GLY D 78 2.89 -40.57 -20.12
C GLY D 78 4.41 -40.46 -20.10
N GLN D 79 4.96 -39.33 -20.58
CA GLN D 79 6.39 -38.95 -20.44
C GLN D 79 6.72 -38.89 -18.94
N GLU D 80 7.74 -39.64 -18.52
CA GLU D 80 8.21 -39.66 -17.12
C GLU D 80 9.55 -38.91 -17.02
N ALA D 81 9.82 -38.33 -15.85
CA ALA D 81 11.13 -37.75 -15.51
C ALA D 81 11.98 -38.85 -14.87
N ARG D 82 13.13 -39.15 -15.48
CA ARG D 82 14.03 -40.20 -14.94
C ARG D 82 15.21 -39.55 -14.24
N MET D 83 15.76 -40.26 -13.26
CA MET D 83 16.99 -39.89 -12.51
C MET D 83 18.09 -40.87 -12.92
N GLY D 84 19.27 -40.35 -13.22
CA GLY D 84 20.49 -41.11 -13.51
C GLY D 84 21.50 -40.90 -12.42
N ASP D 85 22.05 -41.99 -11.85
CA ASP D 85 23.22 -41.93 -10.96
C ASP D 85 24.46 -41.68 -11.81
N PRO D 86 25.15 -40.53 -11.61
CA PRO D 86 26.32 -40.18 -12.42
C PRO D 86 27.44 -41.23 -12.41
N TRP D 87 27.56 -41.97 -11.31
CA TRP D 87 28.73 -42.88 -11.08
C TRP D 87 28.35 -44.35 -11.37
N SER D 88 27.16 -44.83 -11.00
CA SER D 88 26.71 -46.20 -11.36
C SER D 88 26.02 -46.24 -12.73
N GLY D 89 25.48 -45.12 -13.21
CA GLY D 89 24.73 -45.10 -14.49
C GLY D 89 23.36 -45.75 -14.38
N GLU D 90 22.91 -46.06 -13.18
CA GLU D 90 21.56 -46.61 -12.91
C GLU D 90 20.51 -45.52 -13.12
N ILE D 91 19.41 -45.90 -13.74
CA ILE D 91 18.29 -45.01 -14.14
C ILE D 91 17.02 -45.48 -13.43
N THR D 92 16.34 -44.58 -12.74
CA THR D 92 15.08 -44.85 -11.99
C THR D 92 14.06 -43.79 -12.36
N THR D 93 12.82 -43.94 -11.88
CA THR D 93 11.67 -43.06 -12.22
C THR D 93 11.16 -42.36 -10.95
N GLY D 94 10.98 -41.03 -11.01
CA GLY D 94 10.49 -40.24 -9.87
C GLY D 94 10.55 -38.74 -10.14
N LYS D 104 0.04 -34.07 -17.41
CA LYS D 104 1.23 -33.20 -17.70
C LYS D 104 1.33 -33.03 -19.22
N PRO D 105 0.47 -32.19 -19.86
CA PRO D 105 0.47 -32.06 -21.31
C PRO D 105 1.73 -31.34 -21.81
N GLU D 106 2.52 -31.98 -22.67
CA GLU D 106 3.84 -31.50 -23.15
C GLU D 106 3.76 -31.01 -24.60
N ILE D 107 4.61 -30.07 -24.97
CA ILE D 107 4.66 -29.49 -26.35
C ILE D 107 6.11 -29.07 -26.58
N ASP D 108 6.65 -29.30 -27.76
CA ASP D 108 7.99 -28.78 -28.11
C ASP D 108 7.88 -27.25 -28.17
N ARG D 109 8.96 -26.55 -27.80
CA ARG D 109 9.00 -25.07 -27.69
CA ARG D 109 9.01 -25.07 -27.69
C ARG D 109 8.57 -24.45 -29.02
N GLY D 110 9.06 -25.01 -30.13
CA GLY D 110 8.80 -24.48 -31.49
C GLY D 110 7.34 -24.62 -31.85
N ASP D 111 6.74 -25.71 -31.41
CA ASP D 111 5.30 -26.02 -31.67
C ASP D 111 4.40 -25.10 -30.83
N LEU D 112 4.82 -24.76 -29.60
CA LEU D 112 4.12 -23.75 -28.77
C LEU D 112 4.16 -22.40 -29.50
N ARG D 113 5.33 -21.96 -29.93
CA ARG D 113 5.46 -20.66 -30.65
C ARG D 113 4.59 -20.72 -31.92
N GLN D 114 4.64 -21.83 -32.64
CA GLN D 114 3.87 -21.99 -33.90
C GLN D 114 2.37 -21.89 -33.60
N LEU D 115 1.90 -22.47 -32.52
CA LEU D 115 0.45 -22.46 -32.14
C LEU D 115 -0.03 -21.01 -32.00
N LEU D 116 0.75 -20.17 -31.32
CA LEU D 116 0.42 -18.76 -31.08
C LEU D 116 0.53 -17.98 -32.39
N LEU D 117 1.62 -18.16 -33.14
CA LEU D 117 1.80 -17.49 -34.45
C LEU D 117 0.62 -17.81 -35.36
N ASP D 118 0.24 -19.09 -35.42
CA ASP D 118 -0.80 -19.62 -36.35
C ASP D 118 -2.17 -19.04 -36.00
N ALA D 119 -2.36 -18.57 -34.77
CA ALA D 119 -3.66 -18.04 -34.29
C ALA D 119 -3.72 -16.54 -34.53
N LEU D 120 -2.63 -15.89 -34.95
CA LEU D 120 -2.57 -14.40 -35.10
C LEU D 120 -2.73 -14.01 -36.56
N PRO D 121 -3.33 -12.83 -36.83
CA PRO D 121 -3.27 -12.21 -38.17
C PRO D 121 -1.83 -12.12 -38.71
N ALA D 122 -1.66 -12.19 -40.03
CA ALA D 122 -0.35 -12.23 -40.75
C ALA D 122 0.51 -10.99 -40.46
N ASP D 123 -0.12 -9.85 -40.28
CA ASP D 123 0.56 -8.52 -40.16
C ASP D 123 1.00 -8.24 -38.72
N THR D 124 0.62 -9.08 -37.73
CA THR D 124 0.77 -8.77 -36.29
C THR D 124 2.25 -8.59 -35.98
N VAL D 125 3.08 -9.54 -36.40
CA VAL D 125 4.52 -9.60 -36.03
C VAL D 125 5.32 -8.85 -37.10
N GLN D 126 6.10 -7.87 -36.67
CA GLN D 126 7.09 -7.13 -37.50
C GLN D 126 8.47 -7.73 -37.18
N TRP D 127 8.88 -8.66 -38.04
CA TRP D 127 10.18 -9.35 -38.00
C TRP D 127 11.30 -8.37 -38.38
N GLY D 128 12.52 -8.68 -37.95
CA GLY D 128 13.71 -7.84 -38.16
C GLY D 128 13.59 -6.47 -37.54
N HIS D 129 12.74 -6.32 -36.54
CA HIS D 129 12.61 -5.07 -35.75
C HIS D 129 13.22 -5.30 -34.36
N SER D 130 14.51 -5.04 -34.23
CA SER D 130 15.28 -5.16 -32.98
C SER D 130 15.26 -3.81 -32.27
N LEU D 131 14.54 -3.68 -31.16
CA LEU D 131 14.41 -2.38 -30.44
C LEU D 131 15.80 -1.96 -29.93
N THR D 132 16.19 -0.70 -30.20
CA THR D 132 17.47 -0.12 -29.71
C THR D 132 17.22 0.99 -28.70
N ALA D 133 16.06 1.66 -28.74
CA ALA D 133 15.76 2.70 -27.73
C ALA D 133 14.25 2.84 -27.51
N LEU D 134 13.87 3.02 -26.24
CA LEU D 134 12.53 3.47 -25.85
C LEU D 134 12.69 4.88 -25.26
N VAL D 135 11.99 5.87 -25.82
CA VAL D 135 12.05 7.31 -25.44
C VAL D 135 10.63 7.71 -25.01
N SER D 136 10.41 8.02 -23.74
CA SER D 136 9.08 8.41 -23.21
C SER D 136 9.12 9.93 -23.03
N GLY D 141 3.24 10.12 -26.46
CA GLY D 141 3.23 8.75 -25.91
C GLY D 141 4.63 8.23 -25.63
N HIS D 142 5.04 7.16 -26.31
CA HIS D 142 6.38 6.52 -26.20
C HIS D 142 6.99 6.28 -27.58
N GLY D 143 8.22 6.72 -27.77
CA GLY D 143 8.96 6.52 -29.03
C GLY D 143 9.79 5.26 -29.02
N LEU D 144 9.71 4.48 -30.10
CA LEU D 144 10.51 3.25 -30.32
C LEU D 144 11.43 3.44 -31.52
N ARG D 145 12.73 3.14 -31.34
CA ARG D 145 13.70 3.11 -32.46
C ARG D 145 14.21 1.67 -32.60
N PHE D 146 14.37 1.21 -33.84
CA PHE D 146 14.81 -0.16 -34.21
C PHE D 146 16.18 -0.09 -34.91
N ALA D 147 16.96 -1.17 -34.82
CA ALA D 147 18.33 -1.29 -35.40
C ALA D 147 18.28 -1.05 -36.92
N ASN D 148 17.14 -1.27 -37.56
CA ASN D 148 16.95 -1.08 -39.02
C ASN D 148 16.56 0.39 -39.33
N GLY D 149 16.58 1.26 -38.32
CA GLY D 149 16.33 2.70 -38.47
C GLY D 149 14.84 3.06 -38.35
N VAL D 150 13.95 2.06 -38.39
CA VAL D 150 12.50 2.32 -38.29
C VAL D 150 12.24 3.04 -36.97
N GLN D 151 11.28 3.95 -37.00
CA GLN D 151 10.75 4.65 -35.81
C GLN D 151 9.23 4.46 -35.73
N ARG D 152 8.72 4.31 -34.49
CA ARG D 152 7.28 4.11 -34.25
C ARG D 152 6.94 4.85 -32.97
N GLU D 153 5.65 5.10 -32.77
CA GLU D 153 5.14 5.74 -31.53
C GLU D 153 3.98 4.90 -31.00
N ALA D 154 3.96 4.64 -29.69
CA ALA D 154 2.97 3.74 -29.05
C ALA D 154 2.41 4.43 -27.82
N ASP D 155 1.15 4.13 -27.47
CA ASP D 155 0.55 4.62 -26.21
C ASP D 155 0.87 3.62 -25.10
N ILE D 156 0.94 2.33 -25.43
CA ILE D 156 1.21 1.24 -24.44
C ILE D 156 2.38 0.43 -24.97
N VAL D 157 3.38 0.17 -24.12
CA VAL D 157 4.57 -0.67 -24.50
C VAL D 157 4.69 -1.79 -23.48
N ILE D 158 4.56 -3.02 -23.98
CA ILE D 158 4.75 -4.28 -23.20
C ILE D 158 6.12 -4.82 -23.59
N GLY D 159 7.06 -4.78 -22.64
CA GLY D 159 8.38 -5.43 -22.79
C GLY D 159 8.30 -6.94 -22.59
N ALA D 160 8.35 -7.68 -23.69
CA ALA D 160 8.32 -9.15 -23.68
C ALA D 160 9.57 -9.63 -24.39
N ASP D 161 10.68 -8.94 -24.16
CA ASP D 161 11.88 -9.01 -25.03
C ASP D 161 13.01 -9.76 -24.32
N GLY D 162 12.65 -10.56 -23.31
CA GLY D 162 13.44 -11.71 -22.83
C GLY D 162 14.52 -11.31 -21.85
N ALA D 163 15.52 -12.18 -21.73
CA ALA D 163 16.58 -12.16 -20.72
C ALA D 163 17.33 -10.82 -20.79
N TRP D 164 17.51 -10.28 -22.00
CA TRP D 164 18.35 -9.07 -22.25
C TRP D 164 17.47 -7.95 -22.79
N SER D 165 16.27 -7.86 -22.20
CA SER D 165 15.21 -6.86 -22.54
C SER D 165 15.83 -5.46 -22.71
N LYS D 166 15.64 -4.89 -23.89
CA LYS D 166 15.89 -3.46 -24.15
C LYS D 166 14.84 -2.60 -23.42
N VAL D 167 13.58 -3.05 -23.31
CA VAL D 167 12.58 -2.28 -22.55
C VAL D 167 13.01 -2.21 -21.08
N ARG D 168 13.51 -3.30 -20.51
CA ARG D 168 13.99 -3.29 -19.11
C ARG D 168 15.12 -2.25 -18.98
N ALA D 169 16.04 -2.19 -19.95
CA ALA D 169 17.18 -1.23 -19.96
C ALA D 169 16.65 0.23 -19.94
N ALA D 170 15.49 0.52 -20.53
CA ALA D 170 14.86 1.86 -20.43
C ALA D 170 14.39 2.15 -18.99
N LEU D 171 13.97 1.14 -18.24
CA LEU D 171 13.32 1.32 -16.91
C LEU D 171 14.33 1.12 -15.77
N SER D 172 15.47 0.53 -16.04
CA SER D 172 16.43 0.09 -15.00
C SER D 172 17.83 -0.01 -15.61
N THR D 173 18.84 0.27 -14.80
CA THR D 173 20.26 0.02 -15.12
C THR D 173 20.66 -1.36 -14.62
N CYS D 174 19.77 -2.09 -13.95
CA CYS D 174 20.06 -3.40 -13.29
C CYS D 174 20.14 -4.48 -14.41
N GLN D 175 21.23 -5.26 -14.40
CA GLN D 175 21.53 -6.31 -15.40
C GLN D 175 21.29 -7.68 -14.79
N PRO D 176 20.98 -8.72 -15.59
CA PRO D 176 21.11 -10.08 -15.11
C PRO D 176 22.56 -10.38 -14.68
N LEU D 177 22.68 -11.23 -13.67
CA LEU D 177 23.94 -11.66 -13.05
C LEU D 177 24.20 -13.12 -13.41
N PRO D 178 25.47 -13.48 -13.66
CA PRO D 178 25.81 -14.88 -13.89
C PRO D 178 25.59 -15.74 -12.64
N THR D 179 25.07 -16.95 -12.79
CA THR D 179 24.79 -17.91 -11.66
C THR D 179 26.06 -18.65 -11.27
N GLY D 180 27.10 -18.61 -12.10
CA GLY D 180 28.30 -19.45 -12.01
C GLY D 180 28.11 -20.81 -12.68
N ILE D 181 26.97 -21.03 -13.32
CA ILE D 181 26.67 -22.26 -14.09
C ILE D 181 26.54 -21.88 -15.57
N THR D 182 27.12 -22.71 -16.44
CA THR D 182 26.96 -22.63 -17.91
C THR D 182 26.41 -23.97 -18.39
N PHE D 183 25.38 -23.95 -19.22
CA PHE D 183 24.82 -25.11 -19.92
C PHE D 183 25.53 -25.21 -21.27
N PHE D 184 26.02 -26.40 -21.60
CA PHE D 184 26.49 -26.73 -22.96
C PHE D 184 25.42 -27.60 -23.59
N GLU D 185 24.81 -27.04 -24.61
CA GLU D 185 23.63 -27.63 -25.30
C GLU D 185 24.10 -28.43 -26.50
N GLY D 186 23.79 -29.72 -26.50
CA GLY D 186 24.00 -30.65 -27.61
C GLY D 186 22.68 -31.26 -28.10
N TRP D 187 22.68 -31.79 -29.33
CA TRP D 187 21.55 -32.50 -29.95
C TRP D 187 22.03 -33.84 -30.48
N ILE D 188 21.21 -34.87 -30.31
CA ILE D 188 21.36 -36.22 -30.92
C ILE D 188 20.15 -36.41 -31.81
N ALA D 189 20.32 -36.25 -33.13
CA ALA D 189 19.22 -36.25 -34.13
C ALA D 189 18.66 -37.66 -34.31
N GLN D 190 19.50 -38.71 -34.29
CA GLN D 190 19.00 -40.10 -34.40
C GLN D 190 19.74 -40.94 -33.36
N PRO D 191 19.22 -40.94 -32.11
CA PRO D 191 19.87 -41.65 -31.02
C PRO D 191 19.87 -43.16 -31.30
N ALA D 192 21.02 -43.79 -31.13
CA ALA D 192 21.18 -45.26 -31.07
C ALA D 192 20.13 -45.85 -30.12
N ALA D 193 19.81 -47.14 -30.26
CA ALA D 193 18.75 -47.81 -29.49
C ALA D 193 19.04 -47.71 -27.99
N ASP D 194 20.28 -47.93 -27.57
CA ASP D 194 20.62 -47.99 -26.13
C ASP D 194 20.33 -46.63 -25.46
N ILE D 195 20.78 -45.51 -26.04
CA ILE D 195 20.63 -44.17 -25.37
C ILE D 195 19.17 -43.73 -25.49
N ALA D 196 18.47 -44.06 -26.58
CA ALA D 196 17.03 -43.77 -26.73
C ALA D 196 16.25 -44.50 -25.63
N ALA D 197 16.60 -45.74 -25.32
CA ALA D 197 15.90 -46.57 -24.31
C ALA D 197 16.20 -46.02 -22.90
N MET D 198 17.42 -45.52 -22.69
CA MET D 198 17.86 -45.04 -21.35
C MET D 198 17.14 -43.74 -20.99
N VAL D 199 16.98 -42.84 -21.98
CA VAL D 199 16.30 -41.54 -21.78
C VAL D 199 14.79 -41.80 -21.64
N GLY D 200 14.26 -42.67 -22.48
CA GLY D 200 12.81 -42.86 -22.61
C GLY D 200 12.17 -41.75 -23.41
N GLN D 201 10.86 -41.58 -23.24
CA GLN D 201 10.01 -40.62 -23.98
C GLN D 201 10.12 -39.23 -23.37
N GLY D 202 10.57 -39.14 -22.12
CA GLY D 202 10.58 -37.87 -21.40
C GLY D 202 11.97 -37.32 -21.18
N SER D 203 12.35 -37.19 -19.92
CA SER D 203 13.56 -36.51 -19.42
C SER D 203 14.41 -37.48 -18.60
N LEU D 204 15.71 -37.24 -18.58
CA LEU D 204 16.70 -37.91 -17.71
C LEU D 204 17.52 -36.81 -17.05
N PHE D 205 17.49 -36.73 -15.73
CA PHE D 205 18.28 -35.77 -14.93
C PHE D 205 19.34 -36.53 -14.13
N CYS D 206 20.59 -36.07 -14.22
CA CYS D 206 21.78 -36.62 -13.54
C CYS D 206 22.53 -35.50 -12.83
N PHE D 207 22.56 -35.55 -11.49
CA PHE D 207 23.21 -34.51 -10.65
C PHE D 207 24.53 -35.07 -10.10
N GLY D 208 25.65 -34.57 -10.59
CA GLY D 208 26.99 -35.05 -10.18
C GLY D 208 27.79 -34.01 -9.45
N GLY D 209 27.11 -33.08 -8.79
CA GLY D 209 27.75 -31.93 -8.12
C GLY D 209 28.02 -30.78 -9.09
N GLU D 210 29.28 -30.46 -9.36
CA GLU D 210 29.67 -29.31 -10.22
C GLU D 210 29.53 -29.69 -11.70
N GLU D 211 29.20 -30.96 -11.98
CA GLU D 211 28.80 -31.43 -13.32
C GLU D 211 27.39 -32.02 -13.19
N ALA D 212 26.49 -31.70 -14.13
CA ALA D 212 25.16 -32.32 -14.21
C ALA D 212 24.81 -32.56 -15.68
N LEU D 213 23.85 -33.45 -15.91
CA LEU D 213 23.45 -33.84 -17.28
C LEU D 213 21.92 -33.89 -17.34
N PHE D 214 21.34 -33.08 -18.23
CA PHE D 214 19.87 -32.99 -18.41
C PHE D 214 19.57 -33.35 -19.85
N VAL D 215 18.81 -34.42 -20.06
CA VAL D 215 18.48 -34.91 -21.43
C VAL D 215 16.97 -34.99 -21.55
N GLN D 216 16.42 -34.51 -22.66
CA GLN D 216 14.96 -34.59 -22.95
CA GLN D 216 14.97 -34.60 -22.96
C GLN D 216 14.78 -35.06 -24.41
N ARG D 217 13.88 -36.02 -24.61
CA ARG D 217 13.43 -36.41 -25.97
C ARG D 217 12.30 -35.48 -26.40
N ASN D 218 12.39 -34.90 -27.59
CA ASN D 218 11.31 -34.02 -28.11
C ASN D 218 10.37 -34.84 -29.01
N SER D 219 9.38 -34.19 -29.61
CA SER D 219 8.29 -34.85 -30.39
C SER D 219 8.82 -35.48 -31.69
N ARG D 220 10.03 -35.15 -32.14
CA ARG D 220 10.61 -35.68 -33.40
C ARG D 220 11.67 -36.75 -33.08
N ASP D 221 11.66 -37.28 -31.86
CA ASP D 221 12.61 -38.32 -31.35
C ASP D 221 14.06 -37.85 -31.46
N ARG D 222 14.31 -36.56 -31.30
CA ARG D 222 15.66 -36.00 -31.12
C ARG D 222 15.90 -35.83 -29.61
N LEU D 223 17.12 -36.00 -29.15
CA LEU D 223 17.49 -35.77 -27.73
C LEU D 223 18.16 -34.39 -27.60
N CYS D 224 17.62 -33.54 -26.74
CA CYS D 224 18.28 -32.28 -26.31
C CYS D 224 19.16 -32.61 -25.09
N VAL D 225 20.45 -32.31 -25.16
CA VAL D 225 21.40 -32.57 -24.05
C VAL D 225 21.90 -31.24 -23.50
N TYR D 226 21.77 -31.04 -22.20
CA TYR D 226 22.44 -29.93 -21.48
C TYR D 226 23.51 -30.55 -20.59
N ALA D 227 24.76 -30.26 -20.90
CA ALA D 227 25.90 -30.51 -20.01
C ALA D 227 26.08 -29.25 -19.14
N ALA D 228 25.63 -29.32 -17.88
CA ALA D 228 25.60 -28.19 -16.94
C ALA D 228 26.87 -28.22 -16.10
N LEU D 229 27.69 -27.16 -16.18
CA LEU D 229 29.01 -27.07 -15.52
C LEU D 229 29.01 -25.83 -14.62
N LYS D 230 29.27 -26.04 -13.33
CA LYS D 230 29.63 -24.97 -12.37
C LYS D 230 31.11 -24.63 -12.57
N ARG D 231 31.39 -23.60 -13.37
CA ARG D 231 32.75 -23.14 -13.73
C ARG D 231 32.66 -21.64 -13.95
N SER D 232 33.71 -20.90 -13.59
CA SER D 232 33.81 -19.45 -13.88
C SER D 232 33.81 -19.24 -15.41
N SER D 233 33.28 -18.12 -15.88
CA SER D 233 33.37 -17.70 -17.30
C SER D 233 34.84 -17.67 -17.75
N GLU D 234 35.71 -17.14 -16.88
CA GLU D 234 37.17 -16.98 -17.13
CA GLU D 234 37.17 -16.98 -17.13
C GLU D 234 37.78 -18.38 -17.34
N TRP D 235 37.48 -19.32 -16.44
CA TRP D 235 37.99 -20.72 -16.55
C TRP D 235 37.50 -21.33 -17.87
N LEU D 236 36.22 -21.21 -18.19
CA LEU D 236 35.65 -21.80 -19.43
C LEU D 236 36.30 -21.17 -20.69
N ASP D 237 36.52 -19.85 -20.69
CA ASP D 237 37.21 -19.12 -21.79
C ASP D 237 38.59 -19.76 -22.05
N ALA D 238 39.38 -19.92 -21.00
CA ALA D 238 40.76 -20.48 -21.07
C ALA D 238 40.70 -21.90 -21.66
N GLN D 239 39.89 -22.75 -21.06
CA GLN D 239 39.83 -24.19 -21.40
C GLN D 239 39.34 -24.38 -22.83
N ILE D 240 38.31 -23.64 -23.25
CA ILE D 240 37.72 -23.72 -24.62
C ILE D 240 38.75 -23.19 -25.64
N ALA D 241 39.40 -22.06 -25.33
CA ALA D 241 40.46 -21.45 -26.18
C ALA D 241 41.54 -22.50 -26.48
N GLN D 242 41.94 -23.27 -25.46
CA GLN D 242 42.96 -24.34 -25.52
C GLN D 242 42.44 -25.59 -26.22
N HIS D 243 41.34 -26.19 -25.75
CA HIS D 243 40.88 -27.56 -26.12
C HIS D 243 39.71 -27.56 -27.11
N GLY D 244 39.00 -26.44 -27.28
CA GLY D 244 37.71 -26.40 -28.03
C GLY D 244 36.54 -26.85 -27.16
N ILE D 245 35.29 -26.55 -27.54
CA ILE D 245 34.10 -26.74 -26.66
C ILE D 245 33.93 -28.25 -26.40
N ARG D 246 33.88 -29.04 -27.46
CA ARG D 246 33.51 -30.49 -27.38
C ARG D 246 34.45 -31.21 -26.41
N THR D 247 35.75 -31.05 -26.55
CA THR D 247 36.78 -31.73 -25.72
C THR D 247 36.65 -31.26 -24.28
N LEU D 248 36.45 -29.96 -24.06
CA LEU D 248 36.33 -29.42 -22.67
C LEU D 248 35.08 -30.05 -22.01
N VAL D 249 33.95 -30.03 -22.71
CA VAL D 249 32.66 -30.48 -22.12
C VAL D 249 32.78 -31.97 -21.80
N THR D 250 33.17 -32.80 -22.77
CA THR D 250 33.24 -34.28 -22.58
C THR D 250 34.27 -34.62 -21.50
N GLY D 251 35.37 -33.87 -21.45
CA GLY D 251 36.46 -34.02 -20.47
C GLY D 251 36.00 -33.88 -19.03
N CYS D 252 34.93 -33.11 -18.77
CA CYS D 252 34.43 -32.83 -17.39
C CYS D 252 33.65 -34.02 -16.83
N TYR D 253 33.28 -35.01 -17.67
CA TYR D 253 32.43 -36.16 -17.26
C TYR D 253 33.23 -37.49 -17.26
N THR D 254 34.57 -37.47 -17.24
CA THR D 254 35.38 -38.71 -17.41
C THR D 254 35.23 -39.60 -16.16
N GLY D 255 34.84 -39.05 -15.02
CA GLY D 255 34.54 -39.86 -13.80
C GLY D 255 33.14 -40.46 -13.81
N TRP D 256 32.32 -40.22 -14.84
CA TRP D 256 30.92 -40.67 -14.86
C TRP D 256 30.83 -42.09 -15.43
N ALA D 257 29.75 -42.81 -15.11
CA ALA D 257 29.38 -44.10 -15.73
C ALA D 257 29.48 -44.02 -17.26
N THR D 258 29.98 -45.08 -17.87
CA THR D 258 30.20 -45.21 -19.34
C THR D 258 28.87 -44.99 -20.10
N ASN D 259 27.76 -45.52 -19.61
CA ASN D 259 26.46 -45.35 -20.34
C ASN D 259 26.15 -43.85 -20.46
N LEU D 260 26.34 -43.07 -19.39
CA LEU D 260 25.96 -41.64 -19.42
C LEU D 260 26.97 -40.86 -20.27
N ARG D 261 28.24 -41.25 -20.27
CA ARG D 261 29.30 -40.60 -21.08
C ARG D 261 29.03 -40.84 -22.57
N ARG D 262 28.50 -42.02 -22.94
CA ARG D 262 28.16 -42.37 -24.34
C ARG D 262 27.10 -41.38 -24.84
N LEU D 263 26.08 -41.16 -24.03
CA LEU D 263 24.99 -40.19 -24.30
C LEU D 263 25.64 -38.83 -24.62
N LEU D 264 26.60 -38.40 -23.81
CA LEU D 264 27.28 -37.09 -24.00
C LEU D 264 28.08 -37.09 -25.31
N GLU D 265 28.82 -38.18 -25.58
CA GLU D 265 29.74 -38.27 -26.74
C GLU D 265 28.93 -38.41 -28.06
N ALA D 266 27.64 -38.76 -28.01
CA ALA D 266 26.75 -38.81 -29.19
C ALA D 266 26.40 -37.40 -29.68
N CYS D 267 26.60 -36.37 -28.86
CA CYS D 267 26.32 -34.98 -29.31
C CYS D 267 27.39 -34.56 -30.33
N THR D 268 26.97 -34.03 -31.48
CA THR D 268 27.92 -33.61 -32.55
C THR D 268 28.63 -32.34 -32.06
N ASP D 269 27.86 -31.27 -31.83
CA ASP D 269 28.41 -29.98 -31.36
C ASP D 269 27.79 -29.62 -30.00
N PHE D 270 28.34 -28.60 -29.34
CA PHE D 270 27.76 -27.97 -28.14
C PHE D 270 27.76 -26.45 -28.36
N VAL D 271 26.66 -25.80 -27.99
CA VAL D 271 26.55 -24.32 -27.86
C VAL D 271 26.73 -23.93 -26.39
N ARG D 272 27.47 -22.86 -26.13
CA ARG D 272 27.71 -22.36 -24.76
C ARG D 272 26.55 -21.45 -24.37
N ARG D 273 25.83 -21.79 -23.31
CA ARG D 273 24.68 -21.02 -22.77
C ARG D 273 24.92 -20.67 -21.30
N PRO D 274 25.65 -19.55 -21.04
CA PRO D 274 25.81 -19.05 -19.68
C PRO D 274 24.42 -18.88 -19.04
N ILE D 275 24.24 -19.27 -17.77
CA ILE D 275 22.94 -19.14 -17.07
C ILE D 275 22.97 -17.90 -16.19
N TYR D 276 22.17 -16.91 -16.58
CA TYR D 276 22.02 -15.61 -15.90
C TYR D 276 20.68 -15.61 -15.17
N SER D 277 20.54 -14.75 -14.19
CA SER D 277 19.31 -14.51 -13.42
C SER D 277 19.29 -13.04 -13.01
N LEU D 278 18.12 -12.42 -12.99
CA LEU D 278 17.91 -11.22 -12.19
C LEU D 278 17.98 -11.62 -10.73
N PRO D 279 18.39 -10.67 -9.87
CA PRO D 279 18.43 -10.92 -8.44
C PRO D 279 17.00 -10.92 -7.90
N ALA D 280 16.78 -11.66 -6.80
CA ALA D 280 15.44 -11.81 -6.20
C ALA D 280 14.89 -10.45 -5.78
N ASP D 281 15.77 -9.52 -5.41
CA ASP D 281 15.40 -8.15 -4.95
C ASP D 281 15.19 -7.18 -6.12
N PHE D 282 15.17 -7.67 -7.37
CA PHE D 282 15.06 -6.81 -8.57
C PHE D 282 13.80 -5.92 -8.43
N CYS D 283 13.98 -4.65 -8.70
CA CYS D 283 12.86 -3.68 -8.79
C CYS D 283 13.15 -2.71 -9.93
N TRP D 284 12.08 -2.10 -10.43
CA TRP D 284 12.20 -0.95 -11.36
C TRP D 284 11.13 0.04 -10.93
N THR D 285 11.41 1.32 -11.08
CA THR D 285 10.43 2.39 -10.81
C THR D 285 9.33 2.25 -11.85
N PRO D 286 8.06 2.07 -11.44
CA PRO D 286 6.95 1.97 -12.39
C PRO D 286 6.87 3.20 -13.30
N ARG D 287 6.61 2.96 -14.58
CA ARG D 287 6.42 4.01 -15.59
C ARG D 287 5.03 3.84 -16.21
N ASP D 288 4.25 4.93 -16.29
CA ASP D 288 2.92 4.88 -16.91
C ASP D 288 3.03 4.39 -18.35
N GLY D 289 2.19 3.44 -18.72
CA GLY D 289 2.04 2.91 -20.08
C GLY D 289 3.17 1.98 -20.54
N VAL D 290 4.12 1.64 -19.67
CA VAL D 290 5.23 0.70 -20.00
C VAL D 290 5.30 -0.37 -18.92
N THR D 291 5.42 -1.63 -19.30
CA THR D 291 5.63 -2.73 -18.32
C THR D 291 6.49 -3.83 -18.92
N LEU D 292 6.86 -4.79 -18.07
CA LEU D 292 7.72 -5.95 -18.41
C LEU D 292 6.95 -7.21 -18.03
N ILE D 293 7.03 -8.24 -18.88
CA ILE D 293 6.46 -9.58 -18.62
C ILE D 293 7.51 -10.63 -18.98
N GLY D 294 7.34 -11.83 -18.44
CA GLY D 294 8.24 -12.95 -18.65
C GLY D 294 9.65 -12.63 -18.17
N ASP D 295 10.63 -13.10 -18.94
CA ASP D 295 12.07 -13.01 -18.63
C ASP D 295 12.48 -11.54 -18.51
N ALA D 296 11.88 -10.66 -19.30
CA ALA D 296 12.13 -9.20 -19.17
C ALA D 296 11.93 -8.72 -17.72
N ALA D 297 10.89 -9.22 -17.03
CA ALA D 297 10.46 -8.77 -15.69
C ALA D 297 11.17 -9.55 -14.58
N HIS D 298 11.48 -10.81 -14.79
CA HIS D 298 11.92 -11.70 -13.68
C HIS D 298 12.69 -12.91 -14.18
N LEU D 299 13.60 -12.76 -15.14
CA LEU D 299 14.54 -13.83 -15.55
C LEU D 299 15.08 -14.51 -14.31
N MET D 300 14.97 -15.82 -14.29
CA MET D 300 15.51 -16.62 -13.15
C MET D 300 16.07 -17.91 -13.74
N PRO D 301 16.79 -18.73 -12.95
CA PRO D 301 17.47 -19.88 -13.53
C PRO D 301 16.45 -20.86 -14.07
N PRO D 302 16.82 -21.79 -14.96
CA PRO D 302 15.87 -22.70 -15.60
C PRO D 302 15.39 -23.86 -14.70
N VAL D 303 14.45 -23.57 -13.81
CA VAL D 303 13.96 -24.51 -12.78
C VAL D 303 12.56 -24.98 -13.17
N GLY D 304 12.01 -24.54 -14.28
CA GLY D 304 10.76 -25.08 -14.85
C GLY D 304 9.58 -24.13 -14.69
N VAL D 305 9.82 -22.82 -14.54
CA VAL D 305 8.74 -21.81 -14.35
C VAL D 305 8.65 -20.84 -15.55
N GLY D 306 9.66 -20.76 -16.41
CA GLY D 306 9.86 -19.57 -17.26
C GLY D 306 8.75 -19.33 -18.29
N VAL D 307 8.43 -20.33 -19.11
CA VAL D 307 7.39 -20.23 -20.16
C VAL D 307 6.04 -20.06 -19.49
N ASN D 308 5.77 -20.84 -18.43
CA ASN D 308 4.48 -20.80 -17.71
C ASN D 308 4.25 -19.40 -17.12
N LEU D 309 5.26 -18.83 -16.47
CA LEU D 309 5.15 -17.47 -15.90
C LEU D 309 4.99 -16.47 -17.04
N ALA D 310 5.79 -16.58 -18.10
CA ALA D 310 5.78 -15.62 -19.22
C ALA D 310 4.34 -15.51 -19.76
N MET D 311 3.69 -16.65 -19.99
CA MET D 311 2.34 -16.71 -20.58
C MET D 311 1.31 -16.20 -19.55
N LEU D 312 1.44 -16.56 -18.29
CA LEU D 312 0.49 -16.09 -17.25
C LEU D 312 0.58 -14.56 -17.15
N ASP D 313 1.79 -14.00 -17.05
CA ASP D 313 2.07 -12.54 -17.03
C ASP D 313 1.39 -11.86 -18.23
N ALA D 314 1.64 -12.36 -19.43
CA ALA D 314 1.06 -11.85 -20.70
C ALA D 314 -0.45 -11.80 -20.54
N SER D 315 -1.06 -12.88 -20.03
CA SER D 315 -2.52 -13.01 -19.93
C SER D 315 -3.03 -12.05 -18.86
N ASP D 316 -2.34 -11.86 -17.73
CA ASP D 316 -2.75 -10.87 -16.70
C ASP D 316 -2.78 -9.45 -17.32
N VAL D 317 -1.73 -9.06 -18.04
CA VAL D 317 -1.58 -7.69 -18.60
C VAL D 317 -2.61 -7.51 -19.71
N ALA D 318 -2.73 -8.45 -20.63
CA ALA D 318 -3.62 -8.33 -21.81
C ALA D 318 -5.09 -8.35 -21.36
N MET D 319 -5.47 -9.22 -20.40
CA MET D 319 -6.85 -9.27 -19.87
C MET D 319 -7.19 -7.92 -19.23
N ALA D 320 -6.29 -7.37 -18.43
CA ALA D 320 -6.48 -6.08 -17.73
C ALA D 320 -6.76 -4.98 -18.76
N LEU D 321 -6.03 -4.97 -19.88
CA LEU D 321 -6.16 -3.93 -20.94
C LEU D 321 -7.48 -4.11 -21.69
N CYS D 322 -8.02 -5.34 -21.72
CA CYS D 322 -9.32 -5.68 -22.35
C CYS D 322 -10.50 -5.40 -21.39
N ALA D 323 -10.31 -5.55 -20.08
CA ALA D 323 -11.38 -5.55 -19.06
C ALA D 323 -11.70 -4.11 -18.57
N ARG D 324 -10.72 -3.21 -18.63
N ARG D 324 -10.71 -3.22 -18.53
CA ARG D 324 -10.79 -1.86 -18.03
CA ARG D 324 -10.87 -1.84 -17.98
C ARG D 324 -10.61 -0.80 -19.10
C ARG D 324 -10.61 -0.80 -19.06
N PRO D 325 -11.38 0.31 -19.09
CA PRO D 325 -11.16 1.37 -20.08
C PRO D 325 -9.90 2.22 -19.83
N ASP D 326 -9.46 2.37 -18.58
CA ASP D 326 -8.23 3.14 -18.19
C ASP D 326 -6.98 2.24 -18.33
N ALA D 327 -6.30 2.33 -19.48
CA ALA D 327 -5.17 1.47 -19.88
C ALA D 327 -4.02 1.63 -18.89
N ILE D 328 -3.63 2.87 -18.56
CA ILE D 328 -2.49 3.15 -17.63
C ILE D 328 -2.76 2.46 -16.28
N SER D 329 -3.97 2.62 -15.74
CA SER D 329 -4.33 2.07 -14.40
C SER D 329 -4.41 0.54 -14.48
N ALA D 330 -4.93 0.01 -15.59
CA ALA D 330 -5.02 -1.45 -15.84
C ALA D 330 -3.61 -2.07 -15.80
N MET D 331 -2.68 -1.48 -16.56
CA MET D 331 -1.26 -1.88 -16.62
C MET D 331 -0.63 -1.82 -15.23
N ARG D 332 -0.83 -0.72 -14.51
CA ARG D 332 -0.27 -0.54 -13.13
C ARG D 332 -0.73 -1.69 -12.23
N ASP D 333 -2.00 -2.08 -12.27
CA ASP D 333 -2.56 -3.13 -11.39
C ASP D 333 -1.99 -4.50 -11.80
N ALA D 334 -1.89 -4.76 -13.11
CA ALA D 334 -1.40 -6.06 -13.64
C ALA D 334 0.09 -6.21 -13.30
N GLU D 335 0.85 -5.12 -13.37
CA GLU D 335 2.30 -5.11 -13.05
C GLU D 335 2.49 -5.53 -11.58
N VAL D 336 1.65 -5.02 -10.68
CA VAL D 336 1.77 -5.37 -9.24
C VAL D 336 1.65 -6.89 -9.10
N LEU D 337 0.64 -7.47 -9.76
CA LEU D 337 0.39 -8.92 -9.72
C LEU D 337 1.60 -9.67 -10.28
N VAL D 338 2.07 -9.28 -11.46
CA VAL D 338 3.27 -9.90 -12.11
C VAL D 338 4.43 -9.89 -11.12
N ARG D 339 4.69 -8.72 -10.53
CA ARG D 339 5.92 -8.51 -9.73
C ARG D 339 5.77 -9.27 -8.43
N GLU D 340 4.60 -9.25 -7.78
CA GLU D 340 4.41 -9.91 -6.46
C GLU D 340 4.53 -11.43 -6.64
N ARG D 341 3.93 -11.96 -7.70
CA ARG D 341 4.00 -13.41 -8.03
C ARG D 341 5.46 -13.84 -8.22
N ALA D 342 6.23 -13.11 -9.03
CA ALA D 342 7.64 -13.43 -9.37
C ALA D 342 8.53 -13.31 -8.13
N ARG D 343 8.36 -12.27 -7.32
CA ARG D 343 9.18 -12.04 -6.11
C ARG D 343 9.01 -13.20 -5.13
N ALA D 344 7.82 -13.77 -5.01
CA ALA D 344 7.52 -14.93 -4.15
C ALA D 344 8.28 -16.18 -4.63
N LEU D 345 8.58 -16.30 -5.93
CA LEU D 345 9.19 -17.50 -6.53
C LEU D 345 10.71 -17.37 -6.66
N MET D 346 11.26 -16.17 -6.77
CA MET D 346 12.67 -16.01 -7.24
C MET D 346 13.69 -16.50 -6.20
N PRO D 347 13.53 -16.26 -4.88
CA PRO D 347 14.49 -16.77 -3.90
C PRO D 347 14.71 -18.29 -3.98
N ASP D 348 13.63 -19.06 -3.99
CA ASP D 348 13.68 -20.55 -4.10
C ASP D 348 14.28 -20.97 -5.43
N ALA D 349 13.91 -20.29 -6.52
CA ALA D 349 14.47 -20.60 -7.87
C ALA D 349 15.99 -20.39 -7.84
N ILE D 350 16.45 -19.26 -7.30
CA ILE D 350 17.88 -18.88 -7.33
C ILE D 350 18.66 -19.82 -6.41
N GLU D 351 18.18 -20.00 -5.17
CA GLU D 351 18.87 -20.84 -4.16
C GLU D 351 18.75 -22.31 -4.55
N GLY D 352 17.55 -22.74 -4.96
CA GLY D 352 17.31 -24.11 -5.45
C GLY D 352 18.29 -24.48 -6.54
N PHE D 353 18.41 -23.63 -7.56
CA PHE D 353 19.34 -23.85 -8.71
C PHE D 353 20.77 -24.05 -8.19
N GLN D 354 21.25 -23.17 -7.30
CA GLN D 354 22.59 -23.30 -6.69
C GLN D 354 22.75 -24.65 -5.99
N ARG D 355 21.72 -25.12 -5.28
CA ARG D 355 21.75 -26.43 -4.55
C ARG D 355 21.85 -27.61 -5.51
N TRP D 356 21.45 -27.49 -6.77
CA TRP D 356 21.66 -28.59 -7.75
C TRP D 356 23.16 -28.92 -7.87
N PHE D 357 24.06 -27.95 -7.62
CA PHE D 357 25.50 -28.08 -7.96
C PHE D 357 26.39 -28.17 -6.71
N ILE D 358 25.81 -28.40 -5.53
CA ILE D 358 26.57 -28.51 -4.23
C ILE D 358 27.26 -29.88 -4.16
N THR D 359 28.43 -30.01 -3.49
CA THR D 359 29.24 -31.27 -3.42
C THR D 359 29.58 -31.68 -1.98
#